data_7A2Z
# 
_entry.id   7A2Z 
# 
_audit_conform.dict_name       mmcif_pdbx.dic 
_audit_conform.dict_version    5.384 
_audit_conform.dict_location   http://mmcif.pdb.org/dictionaries/ascii/mmcif_pdbx.dic 
# 
loop_
_database_2.database_id 
_database_2.database_code 
_database_2.pdbx_database_accession 
_database_2.pdbx_DOI 
PDB   7A2Z         pdb_00007a2z 10.2210/pdb7a2z/pdb 
WWPDB D_1292110732 ?            ?                   
# 
loop_
_pdbx_audit_revision_history.ordinal 
_pdbx_audit_revision_history.data_content_type 
_pdbx_audit_revision_history.major_revision 
_pdbx_audit_revision_history.minor_revision 
_pdbx_audit_revision_history.revision_date 
1 'Structure model' 1 0 2021-08-25 
2 'Structure model' 1 1 2024-01-31 
# 
_pdbx_audit_revision_details.ordinal             1 
_pdbx_audit_revision_details.revision_ordinal    1 
_pdbx_audit_revision_details.data_content_type   'Structure model' 
_pdbx_audit_revision_details.provider            repository 
_pdbx_audit_revision_details.type                'Initial release' 
_pdbx_audit_revision_details.description         ? 
_pdbx_audit_revision_details.details             ? 
# 
loop_
_pdbx_audit_revision_group.ordinal 
_pdbx_audit_revision_group.revision_ordinal 
_pdbx_audit_revision_group.data_content_type 
_pdbx_audit_revision_group.group 
1 2 'Structure model' 'Data collection'        
2 2 'Structure model' 'Refinement description' 
# 
loop_
_pdbx_audit_revision_category.ordinal 
_pdbx_audit_revision_category.revision_ordinal 
_pdbx_audit_revision_category.data_content_type 
_pdbx_audit_revision_category.category 
1 2 'Structure model' chem_comp_atom                
2 2 'Structure model' chem_comp_bond                
3 2 'Structure model' pdbx_initial_refinement_model 
# 
_pdbx_database_status.status_code                     REL 
_pdbx_database_status.status_code_sf                  REL 
_pdbx_database_status.status_code_mr                  ? 
_pdbx_database_status.entry_id                        7A2Z 
_pdbx_database_status.recvd_initial_deposition_date   2020-08-18 
_pdbx_database_status.SG_entry                        N 
_pdbx_database_status.deposit_site                    PDBE 
_pdbx_database_status.process_site                    PDBE 
_pdbx_database_status.status_code_cs                  ? 
_pdbx_database_status.status_code_nmr_data            ? 
_pdbx_database_status.methods_development_category    ? 
_pdbx_database_status.pdb_format_compatible           Y 
# 
loop_
_audit_author.name 
_audit_author.pdbx_ordinal 
_audit_author.identifier_ORCID 
'Camara-Artigas, A.'   1 ? 
'Plaza-Garrido, M.'    2 ? 
'Salinas-Garcia, M.C.' 3 ? 
# 
_citation.abstract                  ? 
_citation.abstract_id_CAS           ? 
_citation.book_id_ISBN              ? 
_citation.book_publisher            ? 
_citation.book_publisher_city       ? 
_citation.book_title                ? 
_citation.coordinate_linkage        ? 
_citation.country                   ? 
_citation.database_id_Medline       ? 
_citation.details                   ? 
_citation.id                        primary 
_citation.journal_abbrev            'To be published' 
_citation.journal_id_ASTM           ? 
_citation.journal_id_CSD            0353 
_citation.journal_id_ISSN           ? 
_citation.journal_full              ? 
_citation.journal_issue             ? 
_citation.journal_volume            ? 
_citation.language                  ? 
_citation.page_first                ? 
_citation.page_last                 ? 
_citation.title                     
'Crystal structure of the Fyn SH3 domain L112V-S114N-S115T-E121L-R123H mutant in complex with VSL12 at pH 6.0' 
_citation.year                      ? 
_citation.database_id_CSD           ? 
_citation.pdbx_database_id_DOI      ? 
_citation.pdbx_database_id_PubMed   ? 
_citation.unpublished_flag          ? 
# 
loop_
_citation_author.citation_id 
_citation_author.name 
_citation_author.ordinal 
_citation_author.identifier_ORCID 
primary 'Camara-Artigas, A.'   1 ? 
primary 'Plaza-Garrido, M.'    2 ? 
primary 'Salinas-Garcia, M.C.' 3 ? 
# 
loop_
_entity.id 
_entity.type 
_entity.src_method 
_entity.pdbx_description 
_entity.formula_weight 
_entity.pdbx_number_of_molecules 
_entity.pdbx_ec 
_entity.pdbx_mutation 
_entity.pdbx_fragment 
_entity.details 
1 polymer man 'Tyrosine-protein kinase Fyn' 6787.357 1  2.7.10.2 'L112V S114N S115T E121L R123H' 'SH3 domain' ? 
2 polymer syn VSL12                         1317.622 1  ?        ?                               VSL12        ? 
3 water   nat water                         18.015   97 ?        ?                               ?            ? 
# 
_entity_name_com.entity_id   1 
_entity_name_com.name        'Proto-oncogene Syn,Proto-oncogene c-Fyn,Src-like kinase,SLK,p59-Fyn' 
# 
loop_
_entity_poly.entity_id 
_entity_poly.type 
_entity_poly.nstd_linkage 
_entity_poly.nstd_monomer 
_entity_poly.pdbx_seq_one_letter_code 
_entity_poly.pdbx_seq_one_letter_code_can 
_entity_poly.pdbx_strand_id 
_entity_poly.pdbx_target_identifier 
1 'polypeptide(L)' no no GVTLFVALYDYEARTEDDLSFHKGEKFQIVNNTEGDWWLAHSLTTGETGYIPSNYVAPVD 
GVTLFVALYDYEARTEDDLSFHKGEKFQIVNNTEGDWWLAHSLTTGETGYIPSNYVAPVD A ? 
2 'polypeptide(L)' no no VSLARRPLPPLP                                                 VSLARRPLPPLP B ? 
# 
_pdbx_entity_nonpoly.entity_id   3 
_pdbx_entity_nonpoly.name        water 
_pdbx_entity_nonpoly.comp_id     HOH 
# 
loop_
_entity_poly_seq.entity_id 
_entity_poly_seq.num 
_entity_poly_seq.mon_id 
_entity_poly_seq.hetero 
1 1  GLY n 
1 2  VAL n 
1 3  THR n 
1 4  LEU n 
1 5  PHE n 
1 6  VAL n 
1 7  ALA n 
1 8  LEU n 
1 9  TYR n 
1 10 ASP n 
1 11 TYR n 
1 12 GLU n 
1 13 ALA n 
1 14 ARG n 
1 15 THR n 
1 16 GLU n 
1 17 ASP n 
1 18 ASP n 
1 19 LEU n 
1 20 SER n 
1 21 PHE n 
1 22 HIS n 
1 23 LYS n 
1 24 GLY n 
1 25 GLU n 
1 26 LYS n 
1 27 PHE n 
1 28 GLN n 
1 29 ILE n 
1 30 VAL n 
1 31 ASN n 
1 32 ASN n 
1 33 THR n 
1 34 GLU n 
1 35 GLY n 
1 36 ASP n 
1 37 TRP n 
1 38 TRP n 
1 39 LEU n 
1 40 ALA n 
1 41 HIS n 
1 42 SER n 
1 43 LEU n 
1 44 THR n 
1 45 THR n 
1 46 GLY n 
1 47 GLU n 
1 48 THR n 
1 49 GLY n 
1 50 TYR n 
1 51 ILE n 
1 52 PRO n 
1 53 SER n 
1 54 ASN n 
1 55 TYR n 
1 56 VAL n 
1 57 ALA n 
1 58 PRO n 
1 59 VAL n 
1 60 ASP n 
2 1  VAL n 
2 2  SER n 
2 3  LEU n 
2 4  ALA n 
2 5  ARG n 
2 6  ARG n 
2 7  PRO n 
2 8  LEU n 
2 9  PRO n 
2 10 PRO n 
2 11 LEU n 
2 12 PRO n 
# 
_entity_src_gen.entity_id                          1 
_entity_src_gen.pdbx_src_id                        1 
_entity_src_gen.pdbx_alt_source_flag               sample 
_entity_src_gen.pdbx_seq_type                      'Biological sequence' 
_entity_src_gen.pdbx_beg_seq_num                   1 
_entity_src_gen.pdbx_end_seq_num                   60 
_entity_src_gen.gene_src_common_name               Human 
_entity_src_gen.gene_src_genus                     ? 
_entity_src_gen.pdbx_gene_src_gene                 FYN 
_entity_src_gen.gene_src_species                   ? 
_entity_src_gen.gene_src_strain                    ? 
_entity_src_gen.gene_src_tissue                    ? 
_entity_src_gen.gene_src_tissue_fraction           ? 
_entity_src_gen.gene_src_details                   ? 
_entity_src_gen.pdbx_gene_src_fragment             ? 
_entity_src_gen.pdbx_gene_src_scientific_name      'Homo sapiens' 
_entity_src_gen.pdbx_gene_src_ncbi_taxonomy_id     9606 
_entity_src_gen.pdbx_gene_src_variant              ? 
_entity_src_gen.pdbx_gene_src_cell_line            ? 
_entity_src_gen.pdbx_gene_src_atcc                 ? 
_entity_src_gen.pdbx_gene_src_organ                ? 
_entity_src_gen.pdbx_gene_src_organelle            ? 
_entity_src_gen.pdbx_gene_src_cell                 ? 
_entity_src_gen.pdbx_gene_src_cellular_location    ? 
_entity_src_gen.host_org_common_name               ? 
_entity_src_gen.pdbx_host_org_scientific_name      'Escherichia coli BL21(DE3)' 
_entity_src_gen.pdbx_host_org_ncbi_taxonomy_id     469008 
_entity_src_gen.host_org_genus                     ? 
_entity_src_gen.pdbx_host_org_gene                 ? 
_entity_src_gen.pdbx_host_org_organ                ? 
_entity_src_gen.host_org_species                   ? 
_entity_src_gen.pdbx_host_org_tissue               ? 
_entity_src_gen.pdbx_host_org_tissue_fraction      ? 
_entity_src_gen.pdbx_host_org_strain               ? 
_entity_src_gen.pdbx_host_org_variant              ? 
_entity_src_gen.pdbx_host_org_cell_line            ? 
_entity_src_gen.pdbx_host_org_atcc                 ? 
_entity_src_gen.pdbx_host_org_culture_collection   ? 
_entity_src_gen.pdbx_host_org_cell                 ? 
_entity_src_gen.pdbx_host_org_organelle            ? 
_entity_src_gen.pdbx_host_org_cellular_location    ? 
_entity_src_gen.pdbx_host_org_vector_type          plasmid 
_entity_src_gen.pdbx_host_org_vector               ? 
_entity_src_gen.host_org_details                   ? 
_entity_src_gen.expression_system_id               ? 
_entity_src_gen.plasmid_name                       pHTP1 
_entity_src_gen.plasmid_details                    ? 
_entity_src_gen.pdbx_description                   ? 
# 
_pdbx_entity_src_syn.entity_id              2 
_pdbx_entity_src_syn.pdbx_src_id            1 
_pdbx_entity_src_syn.pdbx_alt_source_flag   sample 
_pdbx_entity_src_syn.pdbx_beg_seq_num       1 
_pdbx_entity_src_syn.pdbx_end_seq_num       12 
_pdbx_entity_src_syn.organism_scientific    'synthetic construct' 
_pdbx_entity_src_syn.organism_common_name   ? 
_pdbx_entity_src_syn.ncbi_taxonomy_id       32630 
_pdbx_entity_src_syn.details                ? 
# 
loop_
_chem_comp.id 
_chem_comp.type 
_chem_comp.mon_nstd_flag 
_chem_comp.name 
_chem_comp.pdbx_synonyms 
_chem_comp.formula 
_chem_comp.formula_weight 
ALA 'L-peptide linking' y ALANINE         ? 'C3 H7 N O2'     89.093  
ARG 'L-peptide linking' y ARGININE        ? 'C6 H15 N4 O2 1' 175.209 
ASN 'L-peptide linking' y ASPARAGINE      ? 'C4 H8 N2 O3'    132.118 
ASP 'L-peptide linking' y 'ASPARTIC ACID' ? 'C4 H7 N O4'     133.103 
GLN 'L-peptide linking' y GLUTAMINE       ? 'C5 H10 N2 O3'   146.144 
GLU 'L-peptide linking' y 'GLUTAMIC ACID' ? 'C5 H9 N O4'     147.129 
GLY 'peptide linking'   y GLYCINE         ? 'C2 H5 N O2'     75.067  
HIS 'L-peptide linking' y HISTIDINE       ? 'C6 H10 N3 O2 1' 156.162 
HOH non-polymer         . WATER           ? 'H2 O'           18.015  
ILE 'L-peptide linking' y ISOLEUCINE      ? 'C6 H13 N O2'    131.173 
LEU 'L-peptide linking' y LEUCINE         ? 'C6 H13 N O2'    131.173 
LYS 'L-peptide linking' y LYSINE          ? 'C6 H15 N2 O2 1' 147.195 
PHE 'L-peptide linking' y PHENYLALANINE   ? 'C9 H11 N O2'    165.189 
PRO 'L-peptide linking' y PROLINE         ? 'C5 H9 N O2'     115.130 
SER 'L-peptide linking' y SERINE          ? 'C3 H7 N O3'     105.093 
THR 'L-peptide linking' y THREONINE       ? 'C4 H9 N O3'     119.119 
TRP 'L-peptide linking' y TRYPTOPHAN      ? 'C11 H12 N2 O2'  204.225 
TYR 'L-peptide linking' y TYROSINE        ? 'C9 H11 N O3'    181.189 
VAL 'L-peptide linking' y VALINE          ? 'C5 H11 N O2'    117.146 
# 
loop_
_pdbx_poly_seq_scheme.asym_id 
_pdbx_poly_seq_scheme.entity_id 
_pdbx_poly_seq_scheme.seq_id 
_pdbx_poly_seq_scheme.mon_id 
_pdbx_poly_seq_scheme.ndb_seq_num 
_pdbx_poly_seq_scheme.pdb_seq_num 
_pdbx_poly_seq_scheme.auth_seq_num 
_pdbx_poly_seq_scheme.pdb_mon_id 
_pdbx_poly_seq_scheme.auth_mon_id 
_pdbx_poly_seq_scheme.pdb_strand_id 
_pdbx_poly_seq_scheme.pdb_ins_code 
_pdbx_poly_seq_scheme.hetero 
A 1 1  GLY 1  83  83  GLY GLY A . n 
A 1 2  VAL 2  84  84  VAL VAL A . n 
A 1 3  THR 3  85  85  THR THR A . n 
A 1 4  LEU 4  86  86  LEU LEU A . n 
A 1 5  PHE 5  87  87  PHE PHE A . n 
A 1 6  VAL 6  88  88  VAL VAL A . n 
A 1 7  ALA 7  89  89  ALA ALA A . n 
A 1 8  LEU 8  90  90  LEU LEU A . n 
A 1 9  TYR 9  91  91  TYR TYR A . n 
A 1 10 ASP 10 92  92  ASP ASP A . n 
A 1 11 TYR 11 93  93  TYR TYR A . n 
A 1 12 GLU 12 94  94  GLU GLU A . n 
A 1 13 ALA 13 95  95  ALA ALA A . n 
A 1 14 ARG 14 96  96  ARG ARG A . n 
A 1 15 THR 15 97  97  THR THR A . n 
A 1 16 GLU 16 98  98  GLU GLU A . n 
A 1 17 ASP 17 99  99  ASP ASP A . n 
A 1 18 ASP 18 100 100 ASP ASP A . n 
A 1 19 LEU 19 101 101 LEU LEU A . n 
A 1 20 SER 20 102 102 SER SER A . n 
A 1 21 PHE 21 103 103 PHE PHE A . n 
A 1 22 HIS 22 104 104 HIS HIS A . n 
A 1 23 LYS 23 105 105 LYS LYS A . n 
A 1 24 GLY 24 106 106 GLY GLY A . n 
A 1 25 GLU 25 107 107 GLU GLU A . n 
A 1 26 LYS 26 108 108 LYS LYS A . n 
A 1 27 PHE 27 109 109 PHE PHE A . n 
A 1 28 GLN 28 110 110 GLN GLN A . n 
A 1 29 ILE 29 111 111 ILE ILE A . n 
A 1 30 VAL 30 112 112 VAL VAL A . n 
A 1 31 ASN 31 113 113 ASN ASN A . n 
A 1 32 ASN 32 114 114 ASN ASN A . n 
A 1 33 THR 33 115 115 THR THR A . n 
A 1 34 GLU 34 116 116 GLU GLU A . n 
A 1 35 GLY 35 117 117 GLY GLY A . n 
A 1 36 ASP 36 118 118 ASP ASP A . n 
A 1 37 TRP 37 119 119 TRP TRP A . n 
A 1 38 TRP 38 120 120 TRP TRP A . n 
A 1 39 LEU 39 121 121 LEU LEU A . n 
A 1 40 ALA 40 122 122 ALA ALA A . n 
A 1 41 HIS 41 123 123 HIS HIS A . n 
A 1 42 SER 42 124 124 SER SER A . n 
A 1 43 LEU 43 125 125 LEU LEU A . n 
A 1 44 THR 44 126 126 THR THR A . n 
A 1 45 THR 45 127 127 THR THR A . n 
A 1 46 GLY 46 128 128 GLY GLY A . n 
A 1 47 GLU 47 129 129 GLU GLU A . n 
A 1 48 THR 48 130 130 THR THR A . n 
A 1 49 GLY 49 131 131 GLY GLY A . n 
A 1 50 TYR 50 132 132 TYR TYR A . n 
A 1 51 ILE 51 133 133 ILE ILE A . n 
A 1 52 PRO 52 134 134 PRO PRO A . n 
A 1 53 SER 53 135 135 SER SER A . n 
A 1 54 ASN 54 136 136 ASN ASN A . n 
A 1 55 TYR 55 137 137 TYR TYR A . n 
A 1 56 VAL 56 138 138 VAL VAL A . n 
A 1 57 ALA 57 139 139 ALA ALA A . n 
A 1 58 PRO 58 140 140 PRO PRO A . n 
A 1 59 VAL 59 141 141 VAL VAL A . n 
A 1 60 ASP 60 142 ?   ?   ?   A . n 
B 2 1  VAL 1  1   1   VAL VAL B . n 
B 2 2  SER 2  2   2   SER SER B . n 
B 2 3  LEU 3  3   3   LEU LEU B . n 
B 2 4  ALA 4  4   4   ALA ALA B . n 
B 2 5  ARG 5  5   5   ARG ARG B . n 
B 2 6  ARG 6  6   6   ARG ARG B . n 
B 2 7  PRO 7  7   7   PRO PRO B . n 
B 2 8  LEU 8  8   8   LEU LEU B . n 
B 2 9  PRO 9  9   9   PRO PRO B . n 
B 2 10 PRO 10 10  10  PRO PRO B . n 
B 2 11 LEU 11 11  11  LEU LEU B . n 
B 2 12 PRO 12 12  12  PRO PRO B . n 
# 
loop_
_pdbx_nonpoly_scheme.asym_id 
_pdbx_nonpoly_scheme.entity_id 
_pdbx_nonpoly_scheme.mon_id 
_pdbx_nonpoly_scheme.ndb_seq_num 
_pdbx_nonpoly_scheme.pdb_seq_num 
_pdbx_nonpoly_scheme.auth_seq_num 
_pdbx_nonpoly_scheme.pdb_mon_id 
_pdbx_nonpoly_scheme.auth_mon_id 
_pdbx_nonpoly_scheme.pdb_strand_id 
_pdbx_nonpoly_scheme.pdb_ins_code 
C 3 HOH 1  201 87 HOH HOH A . 
C 3 HOH 2  202 13 HOH HOH A . 
C 3 HOH 3  203 50 HOH HOH A . 
C 3 HOH 4  204 56 HOH HOH A . 
C 3 HOH 5  205 52 HOH HOH A . 
C 3 HOH 6  206 97 HOH HOH A . 
C 3 HOH 7  207 2  HOH HOH A . 
C 3 HOH 8  208 55 HOH HOH A . 
C 3 HOH 9  209 23 HOH HOH A . 
C 3 HOH 10 210 41 HOH HOH A . 
C 3 HOH 11 211 47 HOH HOH A . 
C 3 HOH 12 212 57 HOH HOH A . 
C 3 HOH 13 213 60 HOH HOH A . 
C 3 HOH 14 214 3  HOH HOH A . 
C 3 HOH 15 215 61 HOH HOH A . 
C 3 HOH 16 216 88 HOH HOH A . 
C 3 HOH 17 217 20 HOH HOH A . 
C 3 HOH 18 218 1  HOH HOH A . 
C 3 HOH 19 219 40 HOH HOH A . 
C 3 HOH 20 220 27 HOH HOH A . 
C 3 HOH 21 221 4  HOH HOH A . 
C 3 HOH 22 222 32 HOH HOH A . 
C 3 HOH 23 223 42 HOH HOH A . 
C 3 HOH 24 224 14 HOH HOH A . 
C 3 HOH 25 225 58 HOH HOH A . 
C 3 HOH 26 226 19 HOH HOH A . 
C 3 HOH 27 227 51 HOH HOH A . 
C 3 HOH 28 228 5  HOH HOH A . 
C 3 HOH 29 229 38 HOH HOH A . 
C 3 HOH 30 230 8  HOH HOH A . 
C 3 HOH 31 231 45 HOH HOH A . 
C 3 HOH 32 232 9  HOH HOH A . 
C 3 HOH 33 233 86 HOH HOH A . 
C 3 HOH 34 234 72 HOH HOH A . 
C 3 HOH 35 235 6  HOH HOH A . 
C 3 HOH 36 236 54 HOH HOH A . 
C 3 HOH 37 237 90 HOH HOH A . 
C 3 HOH 38 238 29 HOH HOH A . 
C 3 HOH 39 239 80 HOH HOH A . 
C 3 HOH 40 240 24 HOH HOH A . 
C 3 HOH 41 241 59 HOH HOH A . 
C 3 HOH 42 242 95 HOH HOH A . 
C 3 HOH 43 243 79 HOH HOH A . 
C 3 HOH 44 244 78 HOH HOH A . 
C 3 HOH 45 245 35 HOH HOH A . 
C 3 HOH 46 246 63 HOH HOH A . 
C 3 HOH 47 247 25 HOH HOH A . 
C 3 HOH 48 248 43 HOH HOH A . 
C 3 HOH 49 249 64 HOH HOH A . 
C 3 HOH 50 250 22 HOH HOH A . 
C 3 HOH 51 251 49 HOH HOH A . 
C 3 HOH 52 252 46 HOH HOH A . 
C 3 HOH 53 253 98 HOH HOH A . 
C 3 HOH 54 254 21 HOH HOH A . 
C 3 HOH 55 255 67 HOH HOH A . 
C 3 HOH 56 256 26 HOH HOH A . 
C 3 HOH 57 257 10 HOH HOH A . 
C 3 HOH 58 258 83 HOH HOH A . 
C 3 HOH 59 259 92 HOH HOH A . 
C 3 HOH 60 260 11 HOH HOH A . 
C 3 HOH 61 261 33 HOH HOH A . 
C 3 HOH 62 262 69 HOH HOH A . 
C 3 HOH 63 263 66 HOH HOH A . 
C 3 HOH 64 264 93 HOH HOH A . 
C 3 HOH 65 265 89 HOH HOH A . 
C 3 HOH 66 266 91 HOH HOH A . 
C 3 HOH 67 267 68 HOH HOH A . 
C 3 HOH 68 268 81 HOH HOH A . 
C 3 HOH 69 269 96 HOH HOH A . 
C 3 HOH 70 270 28 HOH HOH A . 
C 3 HOH 71 271 77 HOH HOH A . 
C 3 HOH 72 272 84 HOH HOH A . 
C 3 HOH 73 273 62 HOH HOH A . 
C 3 HOH 74 274 76 HOH HOH A . 
C 3 HOH 75 275 12 HOH HOH A . 
C 3 HOH 76 276 16 HOH HOH A . 
C 3 HOH 77 277 71 HOH HOH A . 
C 3 HOH 78 278 74 HOH HOH A . 
C 3 HOH 79 279 48 HOH HOH A . 
C 3 HOH 80 280 37 HOH HOH A . 
C 3 HOH 81 281 39 HOH HOH A . 
C 3 HOH 82 282 99 HOH HOH A . 
C 3 HOH 83 283 73 HOH HOH A . 
D 3 HOH 1  101 70 HOH HOH B . 
D 3 HOH 2  102 17 HOH HOH B . 
D 3 HOH 3  103 7  HOH HOH B . 
D 3 HOH 4  104 18 HOH HOH B . 
D 3 HOH 5  105 65 HOH HOH B . 
D 3 HOH 6  106 30 HOH HOH B . 
D 3 HOH 7  107 36 HOH HOH B . 
D 3 HOH 8  108 82 HOH HOH B . 
D 3 HOH 9  109 44 HOH HOH B . 
D 3 HOH 10 110 94 HOH HOH B . 
D 3 HOH 11 111 34 HOH HOH B . 
D 3 HOH 12 112 31 HOH HOH B . 
D 3 HOH 13 113 85 HOH HOH B . 
D 3 HOH 14 114 15 HOH HOH B . 
# 
loop_
_software.citation_id 
_software.classification 
_software.compiler_name 
_software.compiler_version 
_software.contact_author 
_software.contact_author_email 
_software.date 
_software.description 
_software.dependencies 
_software.hardware 
_software.language 
_software.location 
_software.mods 
_software.name 
_software.os 
_software.os_version 
_software.type 
_software.version 
_software.pdbx_ordinal 
? 'data reduction'  ? ? ? ? ? ? ? ? ? ? ? XDS         ? ? ? .           1 
? 'data scaling'    ? ? ? ? ? ? ? ? ? ? ? Aimless     ? ? ? 0.5.31      2 
? phasing           ? ? ? ? ? ? ? ? ? ? ? PHASER      ? ? ? .           3 
? refinement        ? ? ? ? ? ? ? ? ? ? ? PHENIX      ? ? ? 1.18.2-3874 4 
? 'data extraction' ? ? ? ? ? ? ? ? ? ? ? PDB_EXTRACT ? ? ? 3.25        5 
# 
_cell.angle_alpha                  90.000 
_cell.angle_alpha_esd              ? 
_cell.angle_beta                   90.000 
_cell.angle_beta_esd               ? 
_cell.angle_gamma                  90.000 
_cell.angle_gamma_esd              ? 
_cell.entry_id                     7A2Z 
_cell.details                      ? 
_cell.formula_units_Z              ? 
_cell.length_a                     32.540 
_cell.length_a_esd                 ? 
_cell.length_b                     33.629 
_cell.length_b_esd                 ? 
_cell.length_c                     61.985 
_cell.length_c_esd                 ? 
_cell.volume                       ? 
_cell.volume_esd                   ? 
_cell.Z_PDB                        4 
_cell.reciprocal_angle_alpha       ? 
_cell.reciprocal_angle_beta        ? 
_cell.reciprocal_angle_gamma       ? 
_cell.reciprocal_angle_alpha_esd   ? 
_cell.reciprocal_angle_beta_esd    ? 
_cell.reciprocal_angle_gamma_esd   ? 
_cell.reciprocal_length_a          ? 
_cell.reciprocal_length_b          ? 
_cell.reciprocal_length_c          ? 
_cell.reciprocal_length_a_esd      ? 
_cell.reciprocal_length_b_esd      ? 
_cell.reciprocal_length_c_esd      ? 
_cell.pdbx_unique_axis             ? 
# 
_symmetry.entry_id                         7A2Z 
_symmetry.cell_setting                     ? 
_symmetry.Int_Tables_number                19 
_symmetry.space_group_name_Hall            ? 
_symmetry.space_group_name_H-M             'P 21 21 21' 
_symmetry.pdbx_full_space_group_name_H-M   ? 
# 
_exptl.absorpt_coefficient_mu     ? 
_exptl.absorpt_correction_T_max   ? 
_exptl.absorpt_correction_T_min   ? 
_exptl.absorpt_correction_type    ? 
_exptl.absorpt_process_details    ? 
_exptl.entry_id                   7A2Z 
_exptl.crystals_number            1 
_exptl.details                    ? 
_exptl.method                     'X-RAY DIFFRACTION' 
_exptl.method_details             ? 
# 
_exptl_crystal.colour                      ? 
_exptl_crystal.density_diffrn              ? 
_exptl_crystal.density_Matthews            2.09 
_exptl_crystal.density_method              ? 
_exptl_crystal.density_percent_sol         41.21 
_exptl_crystal.description                 ? 
_exptl_crystal.F_000                       ? 
_exptl_crystal.id                          1 
_exptl_crystal.preparation                 ? 
_exptl_crystal.size_max                    ? 
_exptl_crystal.size_mid                    ? 
_exptl_crystal.size_min                    ? 
_exptl_crystal.size_rad                    ? 
_exptl_crystal.colour_lustre               ? 
_exptl_crystal.colour_modifier             ? 
_exptl_crystal.colour_primary              ? 
_exptl_crystal.density_meas                ? 
_exptl_crystal.density_meas_esd            ? 
_exptl_crystal.density_meas_gt             ? 
_exptl_crystal.density_meas_lt             ? 
_exptl_crystal.density_meas_temp           ? 
_exptl_crystal.density_meas_temp_esd       ? 
_exptl_crystal.density_meas_temp_gt        ? 
_exptl_crystal.density_meas_temp_lt        ? 
_exptl_crystal.pdbx_crystal_image_url      ? 
_exptl_crystal.pdbx_crystal_image_format   ? 
_exptl_crystal.pdbx_mosaicity              0.310 
_exptl_crystal.pdbx_mosaicity_esd          ? 
# 
_exptl_crystal_grow.apparatus       ? 
_exptl_crystal_grow.atmosphere      ? 
_exptl_crystal_grow.crystal_id      1 
_exptl_crystal_grow.details         ? 
_exptl_crystal_grow.method          'VAPOR DIFFUSION, SITTING DROP' 
_exptl_crystal_grow.method_ref      ? 
_exptl_crystal_grow.pH              6.0 
_exptl_crystal_grow.pressure        ? 
_exptl_crystal_grow.pressure_esd    ? 
_exptl_crystal_grow.seeding         ? 
_exptl_crystal_grow.seeding_ref     ? 
_exptl_crystal_grow.temp            298 
_exptl_crystal_grow.temp_details    ? 
_exptl_crystal_grow.temp_esd        ? 
_exptl_crystal_grow.time            ? 
_exptl_crystal_grow.pdbx_details    '1 M ammonium sulfate, 0.1 sodium acetate' 
_exptl_crystal_grow.pdbx_pH_range   ? 
# 
_diffrn.ambient_environment              ? 
_diffrn.ambient_temp                     100 
_diffrn.ambient_temp_details             ? 
_diffrn.ambient_temp_esd                 ? 
_diffrn.crystal_id                       1 
_diffrn.crystal_support                  ? 
_diffrn.crystal_treatment                ? 
_diffrn.details                          ? 
_diffrn.id                               1 
_diffrn.ambient_pressure                 ? 
_diffrn.ambient_pressure_esd             ? 
_diffrn.ambient_pressure_gt              ? 
_diffrn.ambient_pressure_lt              ? 
_diffrn.ambient_temp_gt                  ? 
_diffrn.ambient_temp_lt                  ? 
_diffrn.pdbx_serial_crystal_experiment   N 
# 
_diffrn_detector.details                      ? 
_diffrn_detector.detector                     PIXEL 
_diffrn_detector.diffrn_id                    1 
_diffrn_detector.type                         'DECTRIS PILATUS 6M' 
_diffrn_detector.area_resol_mean              ? 
_diffrn_detector.dtime                        ? 
_diffrn_detector.pdbx_frames_total            ? 
_diffrn_detector.pdbx_collection_time_total   ? 
_diffrn_detector.pdbx_collection_date         2017-09-30 
_diffrn_detector.pdbx_frequency               ? 
# 
_diffrn_radiation.collimation                      ? 
_diffrn_radiation.diffrn_id                        1 
_diffrn_radiation.filter_edge                      ? 
_diffrn_radiation.inhomogeneity                    ? 
_diffrn_radiation.monochromator                    ? 
_diffrn_radiation.polarisn_norm                    ? 
_diffrn_radiation.polarisn_ratio                   ? 
_diffrn_radiation.probe                            ? 
_diffrn_radiation.type                             ? 
_diffrn_radiation.xray_symbol                      ? 
_diffrn_radiation.wavelength_id                    1 
_diffrn_radiation.pdbx_monochromatic_or_laue_m_l   M 
_diffrn_radiation.pdbx_wavelength_list             ? 
_diffrn_radiation.pdbx_wavelength                  ? 
_diffrn_radiation.pdbx_diffrn_protocol             'SINGLE WAVELENGTH' 
_diffrn_radiation.pdbx_analyzer                    ? 
_diffrn_radiation.pdbx_scattering_type             x-ray 
# 
_diffrn_radiation_wavelength.id           1 
_diffrn_radiation_wavelength.wavelength   0.9792 
_diffrn_radiation_wavelength.wt           1.0 
# 
_diffrn_source.current                     ? 
_diffrn_source.details                     ? 
_diffrn_source.diffrn_id                   1 
_diffrn_source.power                       ? 
_diffrn_source.size                        ? 
_diffrn_source.source                      SYNCHROTRON 
_diffrn_source.target                      ? 
_diffrn_source.type                        'ALBA BEAMLINE XALOC' 
_diffrn_source.voltage                     ? 
_diffrn_source.take-off_angle              ? 
_diffrn_source.pdbx_wavelength_list        0.9792 
_diffrn_source.pdbx_wavelength             ? 
_diffrn_source.pdbx_synchrotron_beamline   XALOC 
_diffrn_source.pdbx_synchrotron_site       ALBA 
# 
_reflns.B_iso_Wilson_estimate            ? 
_reflns.entry_id                         7A2Z 
_reflns.data_reduction_details           ? 
_reflns.data_reduction_method            ? 
_reflns.d_resolution_high                1.140 
_reflns.d_resolution_low                 33.630 
_reflns.details                          ? 
_reflns.limit_h_max                      ? 
_reflns.limit_h_min                      ? 
_reflns.limit_k_max                      ? 
_reflns.limit_k_min                      ? 
_reflns.limit_l_max                      ? 
_reflns.limit_l_min                      ? 
_reflns.number_all                       ? 
_reflns.number_obs                       24646 
_reflns.observed_criterion               ? 
_reflns.observed_criterion_F_max         ? 
_reflns.observed_criterion_F_min         ? 
_reflns.observed_criterion_I_max         ? 
_reflns.observed_criterion_I_min         ? 
_reflns.observed_criterion_sigma_F       ? 
_reflns.observed_criterion_sigma_I       ? 
_reflns.percent_possible_obs             96.200 
_reflns.R_free_details                   ? 
_reflns.Rmerge_F_all                     ? 
_reflns.Rmerge_F_obs                     ? 
_reflns.Friedel_coverage                 ? 
_reflns.number_gt                        ? 
_reflns.threshold_expression             ? 
_reflns.pdbx_redundancy                  6.100 
_reflns.pdbx_Rmerge_I_obs                0.034 
_reflns.pdbx_Rmerge_I_all                ? 
_reflns.pdbx_Rsym_value                  ? 
_reflns.pdbx_netI_over_av_sigmaI         ? 
_reflns.pdbx_netI_over_sigmaI            19.600 
_reflns.pdbx_res_netI_over_av_sigmaI_2   ? 
_reflns.pdbx_res_netI_over_sigmaI_2      ? 
_reflns.pdbx_chi_squared                 ? 
_reflns.pdbx_scaling_rejects             ? 
_reflns.pdbx_d_res_high_opt              ? 
_reflns.pdbx_d_res_low_opt               ? 
_reflns.pdbx_d_res_opt_method            ? 
_reflns.phase_calculation_details        ? 
_reflns.pdbx_Rrim_I_all                  0.037 
_reflns.pdbx_Rpim_I_all                  0.015 
_reflns.pdbx_d_opt                       ? 
_reflns.pdbx_number_measured_all         150647 
_reflns.pdbx_diffrn_id                   1 
_reflns.pdbx_ordinal                     1 
_reflns.pdbx_CC_half                     1.000 
_reflns.pdbx_CC_star                     ? 
_reflns.pdbx_R_split                     ? 
# 
loop_
_reflns_shell.d_res_high 
_reflns_shell.d_res_low 
_reflns_shell.meanI_over_sigI_all 
_reflns_shell.meanI_over_sigI_obs 
_reflns_shell.number_measured_all 
_reflns_shell.number_measured_obs 
_reflns_shell.number_possible 
_reflns_shell.number_unique_all 
_reflns_shell.number_unique_obs 
_reflns_shell.percent_possible_all 
_reflns_shell.percent_possible_obs 
_reflns_shell.Rmerge_F_all 
_reflns_shell.Rmerge_F_obs 
_reflns_shell.Rmerge_I_all 
_reflns_shell.Rmerge_I_obs 
_reflns_shell.meanI_over_sigI_gt 
_reflns_shell.meanI_over_uI_all 
_reflns_shell.meanI_over_uI_gt 
_reflns_shell.number_measured_gt 
_reflns_shell.number_unique_gt 
_reflns_shell.percent_possible_gt 
_reflns_shell.Rmerge_F_gt 
_reflns_shell.Rmerge_I_gt 
_reflns_shell.pdbx_redundancy 
_reflns_shell.pdbx_Rsym_value 
_reflns_shell.pdbx_chi_squared 
_reflns_shell.pdbx_netI_over_sigmaI_all 
_reflns_shell.pdbx_netI_over_sigmaI_obs 
_reflns_shell.pdbx_Rrim_I_all 
_reflns_shell.pdbx_Rpim_I_all 
_reflns_shell.pdbx_rejects 
_reflns_shell.pdbx_ordinal 
_reflns_shell.pdbx_diffrn_id 
_reflns_shell.pdbx_CC_half 
_reflns_shell.pdbx_CC_star 
_reflns_shell.pdbx_R_split 
1.140 1.200  ? ? 22072 ? ? ? 3537 95.600 ? ? ? ? 0.517 ? ? ? ? ? ? ? ? 6.200 ? ? ? 2.500  0.563 0.222 ? 1 1 0.877 ? ? 
3.600 33.630 ? ? 5243  ? ? ? 921  99.600 ? ? ? ? 0.021 ? ? ? ? ? ? ? ? 5.700 ? ? ? 61.200 0.023 0.009 ? 2 1 0.999 ? ? 
# 
_refine.aniso_B[1][1]                            ? 
_refine.aniso_B[1][2]                            ? 
_refine.aniso_B[1][3]                            ? 
_refine.aniso_B[2][2]                            ? 
_refine.aniso_B[2][3]                            ? 
_refine.aniso_B[3][3]                            ? 
_refine.B_iso_max                                60.870 
_refine.B_iso_mean                               19.1827 
_refine.B_iso_min                                10.360 
_refine.correlation_coeff_Fo_to_Fc               ? 
_refine.correlation_coeff_Fo_to_Fc_free          ? 
_refine.details                                  ? 
_refine.diff_density_max                         ? 
_refine.diff_density_max_esd                     ? 
_refine.diff_density_min                         ? 
_refine.diff_density_min_esd                     ? 
_refine.diff_density_rms                         ? 
_refine.diff_density_rms_esd                     ? 
_refine.entry_id                                 7A2Z 
_refine.pdbx_refine_id                           'X-RAY DIFFRACTION' 
_refine.ls_abs_structure_details                 ? 
_refine.ls_abs_structure_Flack                   ? 
_refine.ls_abs_structure_Flack_esd               ? 
_refine.ls_abs_structure_Rogers                  ? 
_refine.ls_abs_structure_Rogers_esd              ? 
_refine.ls_d_res_high                            1.1400 
_refine.ls_d_res_low                             30.9900 
_refine.ls_extinction_coef                       ? 
_refine.ls_extinction_coef_esd                   ? 
_refine.ls_extinction_expression                 ? 
_refine.ls_extinction_method                     ? 
_refine.ls_goodness_of_fit_all                   ? 
_refine.ls_goodness_of_fit_all_esd               ? 
_refine.ls_goodness_of_fit_obs                   ? 
_refine.ls_goodness_of_fit_obs_esd               ? 
_refine.ls_hydrogen_treatment                    ? 
_refine.ls_matrix_type                           ? 
_refine.ls_number_constraints                    ? 
_refine.ls_number_parameters                     ? 
_refine.ls_number_reflns_all                     ? 
_refine.ls_number_reflns_obs                     24584 
_refine.ls_number_reflns_R_free                  1267 
_refine.ls_number_reflns_R_work                  23317 
_refine.ls_number_restraints                     ? 
_refine.ls_percent_reflns_obs                    95.7200 
_refine.ls_percent_reflns_R_free                 5.1500 
_refine.ls_R_factor_all                          ? 
_refine.ls_R_factor_obs                          0.1645 
_refine.ls_R_factor_R_free                       0.1948 
_refine.ls_R_factor_R_free_error                 ? 
_refine.ls_R_factor_R_free_error_details         ? 
_refine.ls_R_factor_R_work                       0.1630 
_refine.ls_R_Fsqd_factor_obs                     ? 
_refine.ls_R_I_factor_obs                        ? 
_refine.ls_redundancy_reflns_all                 ? 
_refine.ls_redundancy_reflns_obs                 ? 
_refine.ls_restrained_S_all                      ? 
_refine.ls_restrained_S_obs                      ? 
_refine.ls_shift_over_esd_max                    ? 
_refine.ls_shift_over_esd_mean                   ? 
_refine.ls_structure_factor_coef                 ? 
_refine.ls_weighting_details                     ? 
_refine.ls_weighting_scheme                      ? 
_refine.ls_wR_factor_all                         ? 
_refine.ls_wR_factor_obs                         ? 
_refine.ls_wR_factor_R_free                      ? 
_refine.ls_wR_factor_R_work                      ? 
_refine.occupancy_max                            ? 
_refine.occupancy_min                            ? 
_refine.solvent_model_details                    'FLAT BULK SOLVENT MODEL' 
_refine.solvent_model_param_bsol                 ? 
_refine.solvent_model_param_ksol                 ? 
_refine.pdbx_R_complete                          ? 
_refine.ls_R_factor_gt                           ? 
_refine.ls_goodness_of_fit_gt                    ? 
_refine.ls_goodness_of_fit_ref                   ? 
_refine.ls_shift_over_su_max                     ? 
_refine.ls_shift_over_su_max_lt                  ? 
_refine.ls_shift_over_su_mean                    ? 
_refine.ls_shift_over_su_mean_lt                 ? 
_refine.pdbx_ls_sigma_I                          ? 
_refine.pdbx_ls_sigma_F                          1.350 
_refine.pdbx_ls_sigma_Fsqd                       ? 
_refine.pdbx_data_cutoff_high_absF               ? 
_refine.pdbx_data_cutoff_high_rms_absF           ? 
_refine.pdbx_data_cutoff_low_absF                ? 
_refine.pdbx_isotropic_thermal_model             ? 
_refine.pdbx_ls_cross_valid_method               THROUGHOUT 
_refine.pdbx_method_to_determine_struct          'MOLECULAR REPLACEMENT' 
_refine.pdbx_starting_model                      3UA6 
_refine.pdbx_stereochemistry_target_values       ML 
_refine.pdbx_R_Free_selection_details            ? 
_refine.pdbx_stereochem_target_val_spec_case     ? 
_refine.pdbx_overall_ESU_R                       ? 
_refine.pdbx_overall_ESU_R_Free                  ? 
_refine.pdbx_solvent_vdw_probe_radii             1.1100 
_refine.pdbx_solvent_ion_probe_radii             ? 
_refine.pdbx_solvent_shrinkage_radii             0.9000 
_refine.pdbx_real_space_R                        ? 
_refine.pdbx_density_correlation                 ? 
_refine.pdbx_pd_number_of_powder_patterns        ? 
_refine.pdbx_pd_number_of_points                 ? 
_refine.pdbx_pd_meas_number_of_points            ? 
_refine.pdbx_pd_proc_ls_prof_R_factor            ? 
_refine.pdbx_pd_proc_ls_prof_wR_factor           ? 
_refine.pdbx_pd_Marquardt_correlation_coeff      ? 
_refine.pdbx_pd_Fsqrd_R_factor                   ? 
_refine.pdbx_pd_ls_matrix_band_width             ? 
_refine.pdbx_overall_phase_error                 16.9100 
_refine.pdbx_overall_SU_R_free_Cruickshank_DPI   ? 
_refine.pdbx_overall_SU_R_free_Blow_DPI          ? 
_refine.pdbx_overall_SU_R_Blow_DPI               ? 
_refine.pdbx_TLS_residual_ADP_flag               ? 
_refine.pdbx_diffrn_id                           1 
_refine.overall_SU_B                             ? 
_refine.overall_SU_ML                            0.0800 
_refine.overall_SU_R_Cruickshank_DPI             ? 
_refine.overall_SU_R_free                        ? 
_refine.overall_FOM_free_R_set                   ? 
_refine.overall_FOM_work_R_set                   ? 
_refine.pdbx_average_fsc_overall                 ? 
_refine.pdbx_average_fsc_work                    ? 
_refine.pdbx_average_fsc_free                    ? 
# 
_refine_hist.pdbx_refine_id                   'X-RAY DIFFRACTION' 
_refine_hist.cycle_id                         final 
_refine_hist.details                          ? 
_refine_hist.d_res_high                       1.1400 
_refine_hist.d_res_low                        30.9900 
_refine_hist.number_atoms_solvent             97 
_refine_hist.number_atoms_total               663 
_refine_hist.number_reflns_all                ? 
_refine_hist.number_reflns_obs                ? 
_refine_hist.number_reflns_R_free             ? 
_refine_hist.number_reflns_R_work             ? 
_refine_hist.R_factor_all                     ? 
_refine_hist.R_factor_obs                     ? 
_refine_hist.R_factor_R_free                  ? 
_refine_hist.R_factor_R_work                  ? 
_refine_hist.pdbx_number_residues_total       71 
_refine_hist.pdbx_B_iso_mean_ligand           ? 
_refine_hist.pdbx_B_iso_mean_solvent          30.17 
_refine_hist.pdbx_number_atoms_protein        566 
_refine_hist.pdbx_number_atoms_nucleic_acid   0 
_refine_hist.pdbx_number_atoms_ligand         0 
_refine_hist.pdbx_number_atoms_lipid          ? 
_refine_hist.pdbx_number_atoms_carb           ? 
_refine_hist.pdbx_pseudo_atom_details         ? 
# 
loop_
_refine_ls_shell.pdbx_refine_id 
_refine_ls_shell.d_res_high 
_refine_ls_shell.d_res_low 
_refine_ls_shell.number_reflns_all 
_refine_ls_shell.number_reflns_obs 
_refine_ls_shell.number_reflns_R_free 
_refine_ls_shell.number_reflns_R_work 
_refine_ls_shell.percent_reflns_obs 
_refine_ls_shell.percent_reflns_R_free 
_refine_ls_shell.R_factor_all 
_refine_ls_shell.R_factor_obs 
_refine_ls_shell.R_factor_R_free 
_refine_ls_shell.R_factor_R_free_error 
_refine_ls_shell.R_factor_R_work 
_refine_ls_shell.redundancy_reflns_all 
_refine_ls_shell.redundancy_reflns_obs 
_refine_ls_shell.wR_factor_all 
_refine_ls_shell.wR_factor_obs 
_refine_ls_shell.wR_factor_R_free 
_refine_ls_shell.wR_factor_R_work 
_refine_ls_shell.pdbx_R_complete 
_refine_ls_shell.pdbx_total_number_of_bins_used 
_refine_ls_shell.pdbx_phase_error 
_refine_ls_shell.pdbx_fsc_work 
_refine_ls_shell.pdbx_fsc_free 
'X-RAY DIFFRACTION' 1.1400 1.1800  2675 . 143 2532 95.0000 . . . 0.1979 0.0000 0.1981 . . . . . . . 9 . . . 
'X-RAY DIFFRACTION' 1.1800 1.2400  2664 . 118 2546 95.0000 . . . 0.2244 0.0000 0.1832 . . . . . . . 9 . . . 
'X-RAY DIFFRACTION' 1.2400 1.3000  2702 . 135 2567 96.0000 . . . 0.1757 0.0000 0.1597 . . . . . . . 9 . . . 
'X-RAY DIFFRACTION' 1.3000 1.3800  2739 . 168 2571 97.0000 . . . 0.1603 0.0000 0.1462 . . . . . . . 9 . . . 
'X-RAY DIFFRACTION' 1.3800 1.4900  2720 . 160 2560 96.0000 . . . 0.1729 0.0000 0.1427 . . . . . . . 9 . . . 
'X-RAY DIFFRACTION' 1.4900 1.6400  2766 . 138 2628 98.0000 . . . 0.1726 0.0000 0.1344 . . . . . . . 9 . . . 
'X-RAY DIFFRACTION' 1.6400 1.8800  2813 . 135 2678 98.0000 . . . 0.1853 0.0000 0.1495 . . . . . . . 9 . . . 
'X-RAY DIFFRACTION' 1.8800 2.3700  2503 . 114 2389 87.0000 . . . 0.1774 0.0000 0.1549 . . . . . . . 9 . . . 
'X-RAY DIFFRACTION' 2.3700 30.9900 3002 . 156 2846 99.0000 . . . 0.2131 0.0000 0.1748 . . . . . . . 9 . . . 
# 
_struct.entry_id                     7A2Z 
_struct.title                        
'Crystal structure of the Fyn SH3 domain L112V-S114N-S115T-E121L-R123H mutant in complex with VSL12 at pH 6.0' 
_struct.pdbx_model_details           'Fyn-SH3-SRC chimeric construction' 
_struct.pdbx_formula_weight          ? 
_struct.pdbx_formula_weight_method   ? 
_struct.pdbx_model_type_details      ? 
_struct.pdbx_CASP_flag               N 
# 
_struct_keywords.entry_id        7A2Z 
_struct_keywords.text            'beta barrel, SH3 domain, PROTEIN BINDING' 
_struct_keywords.pdbx_keywords   'PROTEIN BINDING' 
# 
loop_
_struct_asym.id 
_struct_asym.pdbx_blank_PDB_chainid_flag 
_struct_asym.pdbx_modified 
_struct_asym.entity_id 
_struct_asym.details 
A N N 1 ? 
B N N 2 ? 
C N N 3 ? 
D N N 3 ? 
# 
loop_
_struct_ref.id 
_struct_ref.db_name 
_struct_ref.db_code 
_struct_ref.pdbx_db_accession 
_struct_ref.pdbx_db_isoform 
_struct_ref.entity_id 
_struct_ref.pdbx_seq_one_letter_code 
_struct_ref.pdbx_align_begin 
1 UNP FYN_HUMAN P06241 P06241-3 1 GVTLFVALYDYEARTEDDLSFHKGEKFQILNSSEGDWWEARSLTTGETGYIPSNYVAPVD 83 
2 PDB 7A2Z      7A2Z   ?        2 ?                                                            1  
# 
loop_
_struct_ref_seq.align_id 
_struct_ref_seq.ref_id 
_struct_ref_seq.pdbx_PDB_id_code 
_struct_ref_seq.pdbx_strand_id 
_struct_ref_seq.seq_align_beg 
_struct_ref_seq.pdbx_seq_align_beg_ins_code 
_struct_ref_seq.seq_align_end 
_struct_ref_seq.pdbx_seq_align_end_ins_code 
_struct_ref_seq.pdbx_db_accession 
_struct_ref_seq.db_align_beg 
_struct_ref_seq.pdbx_db_align_beg_ins_code 
_struct_ref_seq.db_align_end 
_struct_ref_seq.pdbx_db_align_end_ins_code 
_struct_ref_seq.pdbx_auth_seq_align_beg 
_struct_ref_seq.pdbx_auth_seq_align_end 
1 1 7A2Z A 1 ? 60 ? P06241 83 ? 142 ? 83 142 
2 2 7A2Z B 1 ? 12 ? 7A2Z   1  ? 12  ? 1  12  
# 
loop_
_struct_ref_seq_dif.align_id 
_struct_ref_seq_dif.pdbx_pdb_id_code 
_struct_ref_seq_dif.mon_id 
_struct_ref_seq_dif.pdbx_pdb_strand_id 
_struct_ref_seq_dif.seq_num 
_struct_ref_seq_dif.pdbx_pdb_ins_code 
_struct_ref_seq_dif.pdbx_seq_db_name 
_struct_ref_seq_dif.pdbx_seq_db_accession_code 
_struct_ref_seq_dif.db_mon_id 
_struct_ref_seq_dif.pdbx_seq_db_seq_num 
_struct_ref_seq_dif.details 
_struct_ref_seq_dif.pdbx_auth_seq_num 
_struct_ref_seq_dif.pdbx_ordinal 
1 7A2Z VAL A 30 ? UNP P06241 LEU 112 'engineered mutation' 112 1 
1 7A2Z ASN A 32 ? UNP P06241 SER 114 'engineered mutation' 114 2 
1 7A2Z THR A 33 ? UNP P06241 SER 115 'engineered mutation' 115 3 
1 7A2Z LEU A 39 ? UNP P06241 GLU 121 'engineered mutation' 121 4 
1 7A2Z HIS A 41 ? UNP P06241 ARG 123 'engineered mutation' 123 5 
# 
_pdbx_struct_assembly.id                   1 
_pdbx_struct_assembly.details              author_and_software_defined_assembly 
_pdbx_struct_assembly.method_details       PISA 
_pdbx_struct_assembly.oligomeric_details   dimeric 
_pdbx_struct_assembly.oligomeric_count     2 
# 
loop_
_pdbx_struct_assembly_prop.biol_id 
_pdbx_struct_assembly_prop.type 
_pdbx_struct_assembly_prop.value 
_pdbx_struct_assembly_prop.details 
1 'ABSA (A^2)' 1090 ? 
1 MORE         -7   ? 
1 'SSA (A^2)'  4530 ? 
# 
_pdbx_struct_assembly_gen.assembly_id       1 
_pdbx_struct_assembly_gen.oper_expression   1 
_pdbx_struct_assembly_gen.asym_id_list      A,B,C,D 
# 
_pdbx_struct_assembly_auth_evidence.id                     1 
_pdbx_struct_assembly_auth_evidence.assembly_id            1 
_pdbx_struct_assembly_auth_evidence.experimental_support   'light scattering' 
_pdbx_struct_assembly_auth_evidence.details                ? 
# 
_pdbx_struct_oper_list.id                   1 
_pdbx_struct_oper_list.type                 'identity operation' 
_pdbx_struct_oper_list.name                 1_555 
_pdbx_struct_oper_list.symmetry_operation   x,y,z 
_pdbx_struct_oper_list.matrix[1][1]         1.0000000000 
_pdbx_struct_oper_list.matrix[1][2]         0.0000000000 
_pdbx_struct_oper_list.matrix[1][3]         0.0000000000 
_pdbx_struct_oper_list.vector[1]            0.0000000000 
_pdbx_struct_oper_list.matrix[2][1]         0.0000000000 
_pdbx_struct_oper_list.matrix[2][2]         1.0000000000 
_pdbx_struct_oper_list.matrix[2][3]         0.0000000000 
_pdbx_struct_oper_list.vector[2]            0.0000000000 
_pdbx_struct_oper_list.matrix[3][1]         0.0000000000 
_pdbx_struct_oper_list.matrix[3][2]         0.0000000000 
_pdbx_struct_oper_list.matrix[3][3]         1.0000000000 
_pdbx_struct_oper_list.vector[3]            0.0000000000 
# 
_struct_conf.conf_type_id            HELX_P 
_struct_conf.id                      HELX_P1 
_struct_conf.pdbx_PDB_helix_id       AA1 
_struct_conf.beg_label_comp_id       SER 
_struct_conf.beg_label_asym_id       B 
_struct_conf.beg_label_seq_id        2 
_struct_conf.pdbx_beg_PDB_ins_code   ? 
_struct_conf.end_label_comp_id       ARG 
_struct_conf.end_label_asym_id       B 
_struct_conf.end_label_seq_id        6 
_struct_conf.pdbx_end_PDB_ins_code   ? 
_struct_conf.beg_auth_comp_id        SER 
_struct_conf.beg_auth_asym_id        B 
_struct_conf.beg_auth_seq_id         2 
_struct_conf.end_auth_comp_id        ARG 
_struct_conf.end_auth_asym_id        B 
_struct_conf.end_auth_seq_id         6 
_struct_conf.pdbx_PDB_helix_class    5 
_struct_conf.details                 ? 
_struct_conf.pdbx_PDB_helix_length   5 
# 
_struct_conf_type.id          HELX_P 
_struct_conf_type.criteria    ? 
_struct_conf_type.reference   ? 
# 
_struct_sheet.id               AA1 
_struct_sheet.type             ? 
_struct_sheet.number_strands   5 
_struct_sheet.details          ? 
# 
loop_
_struct_sheet_order.sheet_id 
_struct_sheet_order.range_id_1 
_struct_sheet_order.range_id_2 
_struct_sheet_order.offset 
_struct_sheet_order.sense 
AA1 1 2 ? anti-parallel 
AA1 2 3 ? anti-parallel 
AA1 3 4 ? anti-parallel 
AA1 4 5 ? anti-parallel 
# 
loop_
_struct_sheet_range.sheet_id 
_struct_sheet_range.id 
_struct_sheet_range.beg_label_comp_id 
_struct_sheet_range.beg_label_asym_id 
_struct_sheet_range.beg_label_seq_id 
_struct_sheet_range.pdbx_beg_PDB_ins_code 
_struct_sheet_range.end_label_comp_id 
_struct_sheet_range.end_label_asym_id 
_struct_sheet_range.end_label_seq_id 
_struct_sheet_range.pdbx_end_PDB_ins_code 
_struct_sheet_range.beg_auth_comp_id 
_struct_sheet_range.beg_auth_asym_id 
_struct_sheet_range.beg_auth_seq_id 
_struct_sheet_range.end_auth_comp_id 
_struct_sheet_range.end_auth_asym_id 
_struct_sheet_range.end_auth_seq_id 
AA1 1 THR A 48 ? PRO A 52 ? THR A 130 PRO A 134 
AA1 2 TRP A 37 ? SER A 42 ? TRP A 119 SER A 124 
AA1 3 LYS A 26 ? ASN A 31 ? LYS A 108 ASN A 113 
AA1 4 PHE A 5  ? ALA A 7  ? PHE A 87  ALA A 89  
AA1 5 VAL A 56 ? PRO A 58 ? VAL A 138 PRO A 140 
# 
loop_
_pdbx_struct_sheet_hbond.sheet_id 
_pdbx_struct_sheet_hbond.range_id_1 
_pdbx_struct_sheet_hbond.range_id_2 
_pdbx_struct_sheet_hbond.range_1_label_atom_id 
_pdbx_struct_sheet_hbond.range_1_label_comp_id 
_pdbx_struct_sheet_hbond.range_1_label_asym_id 
_pdbx_struct_sheet_hbond.range_1_label_seq_id 
_pdbx_struct_sheet_hbond.range_1_PDB_ins_code 
_pdbx_struct_sheet_hbond.range_1_auth_atom_id 
_pdbx_struct_sheet_hbond.range_1_auth_comp_id 
_pdbx_struct_sheet_hbond.range_1_auth_asym_id 
_pdbx_struct_sheet_hbond.range_1_auth_seq_id 
_pdbx_struct_sheet_hbond.range_2_label_atom_id 
_pdbx_struct_sheet_hbond.range_2_label_comp_id 
_pdbx_struct_sheet_hbond.range_2_label_asym_id 
_pdbx_struct_sheet_hbond.range_2_label_seq_id 
_pdbx_struct_sheet_hbond.range_2_PDB_ins_code 
_pdbx_struct_sheet_hbond.range_2_auth_atom_id 
_pdbx_struct_sheet_hbond.range_2_auth_comp_id 
_pdbx_struct_sheet_hbond.range_2_auth_asym_id 
_pdbx_struct_sheet_hbond.range_2_auth_seq_id 
AA1 1 2 O GLY A 49 ? O GLY A 131 N ALA A 40 ? N ALA A 122 
AA1 2 3 O HIS A 41 ? O HIS A 123 N GLN A 28 ? N GLN A 110 
AA1 3 4 O PHE A 27 ? O PHE A 109 N PHE A 5  ? N PHE A 87  
AA1 4 5 N VAL A 6  ? N VAL A 88  O ALA A 57 ? O ALA A 139 
# 
_phasing.method   MR 
# 
_pdbx_unobs_or_zero_occ_residues.id               1 
_pdbx_unobs_or_zero_occ_residues.PDB_model_num    1 
_pdbx_unobs_or_zero_occ_residues.polymer_flag     Y 
_pdbx_unobs_or_zero_occ_residues.occupancy_flag   1 
_pdbx_unobs_or_zero_occ_residues.auth_asym_id     A 
_pdbx_unobs_or_zero_occ_residues.auth_comp_id     ASP 
_pdbx_unobs_or_zero_occ_residues.auth_seq_id      142 
_pdbx_unobs_or_zero_occ_residues.PDB_ins_code     ? 
_pdbx_unobs_or_zero_occ_residues.label_asym_id    A 
_pdbx_unobs_or_zero_occ_residues.label_comp_id    ASP 
_pdbx_unobs_or_zero_occ_residues.label_seq_id     60 
# 
loop_
_chem_comp_atom.comp_id 
_chem_comp_atom.atom_id 
_chem_comp_atom.type_symbol 
_chem_comp_atom.pdbx_aromatic_flag 
_chem_comp_atom.pdbx_stereo_config 
_chem_comp_atom.pdbx_ordinal 
ALA N    N N N 1   
ALA CA   C N S 2   
ALA C    C N N 3   
ALA O    O N N 4   
ALA CB   C N N 5   
ALA OXT  O N N 6   
ALA H    H N N 7   
ALA H2   H N N 8   
ALA HA   H N N 9   
ALA HB1  H N N 10  
ALA HB2  H N N 11  
ALA HB3  H N N 12  
ALA HXT  H N N 13  
ARG N    N N N 14  
ARG CA   C N S 15  
ARG C    C N N 16  
ARG O    O N N 17  
ARG CB   C N N 18  
ARG CG   C N N 19  
ARG CD   C N N 20  
ARG NE   N N N 21  
ARG CZ   C N N 22  
ARG NH1  N N N 23  
ARG NH2  N N N 24  
ARG OXT  O N N 25  
ARG H    H N N 26  
ARG H2   H N N 27  
ARG HA   H N N 28  
ARG HB2  H N N 29  
ARG HB3  H N N 30  
ARG HG2  H N N 31  
ARG HG3  H N N 32  
ARG HD2  H N N 33  
ARG HD3  H N N 34  
ARG HE   H N N 35  
ARG HH11 H N N 36  
ARG HH12 H N N 37  
ARG HH21 H N N 38  
ARG HH22 H N N 39  
ARG HXT  H N N 40  
ASN N    N N N 41  
ASN CA   C N S 42  
ASN C    C N N 43  
ASN O    O N N 44  
ASN CB   C N N 45  
ASN CG   C N N 46  
ASN OD1  O N N 47  
ASN ND2  N N N 48  
ASN OXT  O N N 49  
ASN H    H N N 50  
ASN H2   H N N 51  
ASN HA   H N N 52  
ASN HB2  H N N 53  
ASN HB3  H N N 54  
ASN HD21 H N N 55  
ASN HD22 H N N 56  
ASN HXT  H N N 57  
ASP N    N N N 58  
ASP CA   C N S 59  
ASP C    C N N 60  
ASP O    O N N 61  
ASP CB   C N N 62  
ASP CG   C N N 63  
ASP OD1  O N N 64  
ASP OD2  O N N 65  
ASP OXT  O N N 66  
ASP H    H N N 67  
ASP H2   H N N 68  
ASP HA   H N N 69  
ASP HB2  H N N 70  
ASP HB3  H N N 71  
ASP HD2  H N N 72  
ASP HXT  H N N 73  
GLN N    N N N 74  
GLN CA   C N S 75  
GLN C    C N N 76  
GLN O    O N N 77  
GLN CB   C N N 78  
GLN CG   C N N 79  
GLN CD   C N N 80  
GLN OE1  O N N 81  
GLN NE2  N N N 82  
GLN OXT  O N N 83  
GLN H    H N N 84  
GLN H2   H N N 85  
GLN HA   H N N 86  
GLN HB2  H N N 87  
GLN HB3  H N N 88  
GLN HG2  H N N 89  
GLN HG3  H N N 90  
GLN HE21 H N N 91  
GLN HE22 H N N 92  
GLN HXT  H N N 93  
GLU N    N N N 94  
GLU CA   C N S 95  
GLU C    C N N 96  
GLU O    O N N 97  
GLU CB   C N N 98  
GLU CG   C N N 99  
GLU CD   C N N 100 
GLU OE1  O N N 101 
GLU OE2  O N N 102 
GLU OXT  O N N 103 
GLU H    H N N 104 
GLU H2   H N N 105 
GLU HA   H N N 106 
GLU HB2  H N N 107 
GLU HB3  H N N 108 
GLU HG2  H N N 109 
GLU HG3  H N N 110 
GLU HE2  H N N 111 
GLU HXT  H N N 112 
GLY N    N N N 113 
GLY CA   C N N 114 
GLY C    C N N 115 
GLY O    O N N 116 
GLY OXT  O N N 117 
GLY H    H N N 118 
GLY H2   H N N 119 
GLY HA2  H N N 120 
GLY HA3  H N N 121 
GLY HXT  H N N 122 
HIS N    N N N 123 
HIS CA   C N S 124 
HIS C    C N N 125 
HIS O    O N N 126 
HIS CB   C N N 127 
HIS CG   C Y N 128 
HIS ND1  N Y N 129 
HIS CD2  C Y N 130 
HIS CE1  C Y N 131 
HIS NE2  N Y N 132 
HIS OXT  O N N 133 
HIS H    H N N 134 
HIS H2   H N N 135 
HIS HA   H N N 136 
HIS HB2  H N N 137 
HIS HB3  H N N 138 
HIS HD1  H N N 139 
HIS HD2  H N N 140 
HIS HE1  H N N 141 
HIS HE2  H N N 142 
HIS HXT  H N N 143 
HOH O    O N N 144 
HOH H1   H N N 145 
HOH H2   H N N 146 
ILE N    N N N 147 
ILE CA   C N S 148 
ILE C    C N N 149 
ILE O    O N N 150 
ILE CB   C N S 151 
ILE CG1  C N N 152 
ILE CG2  C N N 153 
ILE CD1  C N N 154 
ILE OXT  O N N 155 
ILE H    H N N 156 
ILE H2   H N N 157 
ILE HA   H N N 158 
ILE HB   H N N 159 
ILE HG12 H N N 160 
ILE HG13 H N N 161 
ILE HG21 H N N 162 
ILE HG22 H N N 163 
ILE HG23 H N N 164 
ILE HD11 H N N 165 
ILE HD12 H N N 166 
ILE HD13 H N N 167 
ILE HXT  H N N 168 
LEU N    N N N 169 
LEU CA   C N S 170 
LEU C    C N N 171 
LEU O    O N N 172 
LEU CB   C N N 173 
LEU CG   C N N 174 
LEU CD1  C N N 175 
LEU CD2  C N N 176 
LEU OXT  O N N 177 
LEU H    H N N 178 
LEU H2   H N N 179 
LEU HA   H N N 180 
LEU HB2  H N N 181 
LEU HB3  H N N 182 
LEU HG   H N N 183 
LEU HD11 H N N 184 
LEU HD12 H N N 185 
LEU HD13 H N N 186 
LEU HD21 H N N 187 
LEU HD22 H N N 188 
LEU HD23 H N N 189 
LEU HXT  H N N 190 
LYS N    N N N 191 
LYS CA   C N S 192 
LYS C    C N N 193 
LYS O    O N N 194 
LYS CB   C N N 195 
LYS CG   C N N 196 
LYS CD   C N N 197 
LYS CE   C N N 198 
LYS NZ   N N N 199 
LYS OXT  O N N 200 
LYS H    H N N 201 
LYS H2   H N N 202 
LYS HA   H N N 203 
LYS HB2  H N N 204 
LYS HB3  H N N 205 
LYS HG2  H N N 206 
LYS HG3  H N N 207 
LYS HD2  H N N 208 
LYS HD3  H N N 209 
LYS HE2  H N N 210 
LYS HE3  H N N 211 
LYS HZ1  H N N 212 
LYS HZ2  H N N 213 
LYS HZ3  H N N 214 
LYS HXT  H N N 215 
PHE N    N N N 216 
PHE CA   C N S 217 
PHE C    C N N 218 
PHE O    O N N 219 
PHE CB   C N N 220 
PHE CG   C Y N 221 
PHE CD1  C Y N 222 
PHE CD2  C Y N 223 
PHE CE1  C Y N 224 
PHE CE2  C Y N 225 
PHE CZ   C Y N 226 
PHE OXT  O N N 227 
PHE H    H N N 228 
PHE H2   H N N 229 
PHE HA   H N N 230 
PHE HB2  H N N 231 
PHE HB3  H N N 232 
PHE HD1  H N N 233 
PHE HD2  H N N 234 
PHE HE1  H N N 235 
PHE HE2  H N N 236 
PHE HZ   H N N 237 
PHE HXT  H N N 238 
PRO N    N N N 239 
PRO CA   C N S 240 
PRO C    C N N 241 
PRO O    O N N 242 
PRO CB   C N N 243 
PRO CG   C N N 244 
PRO CD   C N N 245 
PRO OXT  O N N 246 
PRO H    H N N 247 
PRO HA   H N N 248 
PRO HB2  H N N 249 
PRO HB3  H N N 250 
PRO HG2  H N N 251 
PRO HG3  H N N 252 
PRO HD2  H N N 253 
PRO HD3  H N N 254 
PRO HXT  H N N 255 
SER N    N N N 256 
SER CA   C N S 257 
SER C    C N N 258 
SER O    O N N 259 
SER CB   C N N 260 
SER OG   O N N 261 
SER OXT  O N N 262 
SER H    H N N 263 
SER H2   H N N 264 
SER HA   H N N 265 
SER HB2  H N N 266 
SER HB3  H N N 267 
SER HG   H N N 268 
SER HXT  H N N 269 
THR N    N N N 270 
THR CA   C N S 271 
THR C    C N N 272 
THR O    O N N 273 
THR CB   C N R 274 
THR OG1  O N N 275 
THR CG2  C N N 276 
THR OXT  O N N 277 
THR H    H N N 278 
THR H2   H N N 279 
THR HA   H N N 280 
THR HB   H N N 281 
THR HG1  H N N 282 
THR HG21 H N N 283 
THR HG22 H N N 284 
THR HG23 H N N 285 
THR HXT  H N N 286 
TRP N    N N N 287 
TRP CA   C N S 288 
TRP C    C N N 289 
TRP O    O N N 290 
TRP CB   C N N 291 
TRP CG   C Y N 292 
TRP CD1  C Y N 293 
TRP CD2  C Y N 294 
TRP NE1  N Y N 295 
TRP CE2  C Y N 296 
TRP CE3  C Y N 297 
TRP CZ2  C Y N 298 
TRP CZ3  C Y N 299 
TRP CH2  C Y N 300 
TRP OXT  O N N 301 
TRP H    H N N 302 
TRP H2   H N N 303 
TRP HA   H N N 304 
TRP HB2  H N N 305 
TRP HB3  H N N 306 
TRP HD1  H N N 307 
TRP HE1  H N N 308 
TRP HE3  H N N 309 
TRP HZ2  H N N 310 
TRP HZ3  H N N 311 
TRP HH2  H N N 312 
TRP HXT  H N N 313 
TYR N    N N N 314 
TYR CA   C N S 315 
TYR C    C N N 316 
TYR O    O N N 317 
TYR CB   C N N 318 
TYR CG   C Y N 319 
TYR CD1  C Y N 320 
TYR CD2  C Y N 321 
TYR CE1  C Y N 322 
TYR CE2  C Y N 323 
TYR CZ   C Y N 324 
TYR OH   O N N 325 
TYR OXT  O N N 326 
TYR H    H N N 327 
TYR H2   H N N 328 
TYR HA   H N N 329 
TYR HB2  H N N 330 
TYR HB3  H N N 331 
TYR HD1  H N N 332 
TYR HD2  H N N 333 
TYR HE1  H N N 334 
TYR HE2  H N N 335 
TYR HH   H N N 336 
TYR HXT  H N N 337 
VAL N    N N N 338 
VAL CA   C N S 339 
VAL C    C N N 340 
VAL O    O N N 341 
VAL CB   C N N 342 
VAL CG1  C N N 343 
VAL CG2  C N N 344 
VAL OXT  O N N 345 
VAL H    H N N 346 
VAL H2   H N N 347 
VAL HA   H N N 348 
VAL HB   H N N 349 
VAL HG11 H N N 350 
VAL HG12 H N N 351 
VAL HG13 H N N 352 
VAL HG21 H N N 353 
VAL HG22 H N N 354 
VAL HG23 H N N 355 
VAL HXT  H N N 356 
# 
loop_
_chem_comp_bond.comp_id 
_chem_comp_bond.atom_id_1 
_chem_comp_bond.atom_id_2 
_chem_comp_bond.value_order 
_chem_comp_bond.pdbx_aromatic_flag 
_chem_comp_bond.pdbx_stereo_config 
_chem_comp_bond.pdbx_ordinal 
ALA N   CA   sing N N 1   
ALA N   H    sing N N 2   
ALA N   H2   sing N N 3   
ALA CA  C    sing N N 4   
ALA CA  CB   sing N N 5   
ALA CA  HA   sing N N 6   
ALA C   O    doub N N 7   
ALA C   OXT  sing N N 8   
ALA CB  HB1  sing N N 9   
ALA CB  HB2  sing N N 10  
ALA CB  HB3  sing N N 11  
ALA OXT HXT  sing N N 12  
ARG N   CA   sing N N 13  
ARG N   H    sing N N 14  
ARG N   H2   sing N N 15  
ARG CA  C    sing N N 16  
ARG CA  CB   sing N N 17  
ARG CA  HA   sing N N 18  
ARG C   O    doub N N 19  
ARG C   OXT  sing N N 20  
ARG CB  CG   sing N N 21  
ARG CB  HB2  sing N N 22  
ARG CB  HB3  sing N N 23  
ARG CG  CD   sing N N 24  
ARG CG  HG2  sing N N 25  
ARG CG  HG3  sing N N 26  
ARG CD  NE   sing N N 27  
ARG CD  HD2  sing N N 28  
ARG CD  HD3  sing N N 29  
ARG NE  CZ   sing N N 30  
ARG NE  HE   sing N N 31  
ARG CZ  NH1  sing N N 32  
ARG CZ  NH2  doub N N 33  
ARG NH1 HH11 sing N N 34  
ARG NH1 HH12 sing N N 35  
ARG NH2 HH21 sing N N 36  
ARG NH2 HH22 sing N N 37  
ARG OXT HXT  sing N N 38  
ASN N   CA   sing N N 39  
ASN N   H    sing N N 40  
ASN N   H2   sing N N 41  
ASN CA  C    sing N N 42  
ASN CA  CB   sing N N 43  
ASN CA  HA   sing N N 44  
ASN C   O    doub N N 45  
ASN C   OXT  sing N N 46  
ASN CB  CG   sing N N 47  
ASN CB  HB2  sing N N 48  
ASN CB  HB3  sing N N 49  
ASN CG  OD1  doub N N 50  
ASN CG  ND2  sing N N 51  
ASN ND2 HD21 sing N N 52  
ASN ND2 HD22 sing N N 53  
ASN OXT HXT  sing N N 54  
ASP N   CA   sing N N 55  
ASP N   H    sing N N 56  
ASP N   H2   sing N N 57  
ASP CA  C    sing N N 58  
ASP CA  CB   sing N N 59  
ASP CA  HA   sing N N 60  
ASP C   O    doub N N 61  
ASP C   OXT  sing N N 62  
ASP CB  CG   sing N N 63  
ASP CB  HB2  sing N N 64  
ASP CB  HB3  sing N N 65  
ASP CG  OD1  doub N N 66  
ASP CG  OD2  sing N N 67  
ASP OD2 HD2  sing N N 68  
ASP OXT HXT  sing N N 69  
GLN N   CA   sing N N 70  
GLN N   H    sing N N 71  
GLN N   H2   sing N N 72  
GLN CA  C    sing N N 73  
GLN CA  CB   sing N N 74  
GLN CA  HA   sing N N 75  
GLN C   O    doub N N 76  
GLN C   OXT  sing N N 77  
GLN CB  CG   sing N N 78  
GLN CB  HB2  sing N N 79  
GLN CB  HB3  sing N N 80  
GLN CG  CD   sing N N 81  
GLN CG  HG2  sing N N 82  
GLN CG  HG3  sing N N 83  
GLN CD  OE1  doub N N 84  
GLN CD  NE2  sing N N 85  
GLN NE2 HE21 sing N N 86  
GLN NE2 HE22 sing N N 87  
GLN OXT HXT  sing N N 88  
GLU N   CA   sing N N 89  
GLU N   H    sing N N 90  
GLU N   H2   sing N N 91  
GLU CA  C    sing N N 92  
GLU CA  CB   sing N N 93  
GLU CA  HA   sing N N 94  
GLU C   O    doub N N 95  
GLU C   OXT  sing N N 96  
GLU CB  CG   sing N N 97  
GLU CB  HB2  sing N N 98  
GLU CB  HB3  sing N N 99  
GLU CG  CD   sing N N 100 
GLU CG  HG2  sing N N 101 
GLU CG  HG3  sing N N 102 
GLU CD  OE1  doub N N 103 
GLU CD  OE2  sing N N 104 
GLU OE2 HE2  sing N N 105 
GLU OXT HXT  sing N N 106 
GLY N   CA   sing N N 107 
GLY N   H    sing N N 108 
GLY N   H2   sing N N 109 
GLY CA  C    sing N N 110 
GLY CA  HA2  sing N N 111 
GLY CA  HA3  sing N N 112 
GLY C   O    doub N N 113 
GLY C   OXT  sing N N 114 
GLY OXT HXT  sing N N 115 
HIS N   CA   sing N N 116 
HIS N   H    sing N N 117 
HIS N   H2   sing N N 118 
HIS CA  C    sing N N 119 
HIS CA  CB   sing N N 120 
HIS CA  HA   sing N N 121 
HIS C   O    doub N N 122 
HIS C   OXT  sing N N 123 
HIS CB  CG   sing N N 124 
HIS CB  HB2  sing N N 125 
HIS CB  HB3  sing N N 126 
HIS CG  ND1  sing Y N 127 
HIS CG  CD2  doub Y N 128 
HIS ND1 CE1  doub Y N 129 
HIS ND1 HD1  sing N N 130 
HIS CD2 NE2  sing Y N 131 
HIS CD2 HD2  sing N N 132 
HIS CE1 NE2  sing Y N 133 
HIS CE1 HE1  sing N N 134 
HIS NE2 HE2  sing N N 135 
HIS OXT HXT  sing N N 136 
HOH O   H1   sing N N 137 
HOH O   H2   sing N N 138 
ILE N   CA   sing N N 139 
ILE N   H    sing N N 140 
ILE N   H2   sing N N 141 
ILE CA  C    sing N N 142 
ILE CA  CB   sing N N 143 
ILE CA  HA   sing N N 144 
ILE C   O    doub N N 145 
ILE C   OXT  sing N N 146 
ILE CB  CG1  sing N N 147 
ILE CB  CG2  sing N N 148 
ILE CB  HB   sing N N 149 
ILE CG1 CD1  sing N N 150 
ILE CG1 HG12 sing N N 151 
ILE CG1 HG13 sing N N 152 
ILE CG2 HG21 sing N N 153 
ILE CG2 HG22 sing N N 154 
ILE CG2 HG23 sing N N 155 
ILE CD1 HD11 sing N N 156 
ILE CD1 HD12 sing N N 157 
ILE CD1 HD13 sing N N 158 
ILE OXT HXT  sing N N 159 
LEU N   CA   sing N N 160 
LEU N   H    sing N N 161 
LEU N   H2   sing N N 162 
LEU CA  C    sing N N 163 
LEU CA  CB   sing N N 164 
LEU CA  HA   sing N N 165 
LEU C   O    doub N N 166 
LEU C   OXT  sing N N 167 
LEU CB  CG   sing N N 168 
LEU CB  HB2  sing N N 169 
LEU CB  HB3  sing N N 170 
LEU CG  CD1  sing N N 171 
LEU CG  CD2  sing N N 172 
LEU CG  HG   sing N N 173 
LEU CD1 HD11 sing N N 174 
LEU CD1 HD12 sing N N 175 
LEU CD1 HD13 sing N N 176 
LEU CD2 HD21 sing N N 177 
LEU CD2 HD22 sing N N 178 
LEU CD2 HD23 sing N N 179 
LEU OXT HXT  sing N N 180 
LYS N   CA   sing N N 181 
LYS N   H    sing N N 182 
LYS N   H2   sing N N 183 
LYS CA  C    sing N N 184 
LYS CA  CB   sing N N 185 
LYS CA  HA   sing N N 186 
LYS C   O    doub N N 187 
LYS C   OXT  sing N N 188 
LYS CB  CG   sing N N 189 
LYS CB  HB2  sing N N 190 
LYS CB  HB3  sing N N 191 
LYS CG  CD   sing N N 192 
LYS CG  HG2  sing N N 193 
LYS CG  HG3  sing N N 194 
LYS CD  CE   sing N N 195 
LYS CD  HD2  sing N N 196 
LYS CD  HD3  sing N N 197 
LYS CE  NZ   sing N N 198 
LYS CE  HE2  sing N N 199 
LYS CE  HE3  sing N N 200 
LYS NZ  HZ1  sing N N 201 
LYS NZ  HZ2  sing N N 202 
LYS NZ  HZ3  sing N N 203 
LYS OXT HXT  sing N N 204 
PHE N   CA   sing N N 205 
PHE N   H    sing N N 206 
PHE N   H2   sing N N 207 
PHE CA  C    sing N N 208 
PHE CA  CB   sing N N 209 
PHE CA  HA   sing N N 210 
PHE C   O    doub N N 211 
PHE C   OXT  sing N N 212 
PHE CB  CG   sing N N 213 
PHE CB  HB2  sing N N 214 
PHE CB  HB3  sing N N 215 
PHE CG  CD1  doub Y N 216 
PHE CG  CD2  sing Y N 217 
PHE CD1 CE1  sing Y N 218 
PHE CD1 HD1  sing N N 219 
PHE CD2 CE2  doub Y N 220 
PHE CD2 HD2  sing N N 221 
PHE CE1 CZ   doub Y N 222 
PHE CE1 HE1  sing N N 223 
PHE CE2 CZ   sing Y N 224 
PHE CE2 HE2  sing N N 225 
PHE CZ  HZ   sing N N 226 
PHE OXT HXT  sing N N 227 
PRO N   CA   sing N N 228 
PRO N   CD   sing N N 229 
PRO N   H    sing N N 230 
PRO CA  C    sing N N 231 
PRO CA  CB   sing N N 232 
PRO CA  HA   sing N N 233 
PRO C   O    doub N N 234 
PRO C   OXT  sing N N 235 
PRO CB  CG   sing N N 236 
PRO CB  HB2  sing N N 237 
PRO CB  HB3  sing N N 238 
PRO CG  CD   sing N N 239 
PRO CG  HG2  sing N N 240 
PRO CG  HG3  sing N N 241 
PRO CD  HD2  sing N N 242 
PRO CD  HD3  sing N N 243 
PRO OXT HXT  sing N N 244 
SER N   CA   sing N N 245 
SER N   H    sing N N 246 
SER N   H2   sing N N 247 
SER CA  C    sing N N 248 
SER CA  CB   sing N N 249 
SER CA  HA   sing N N 250 
SER C   O    doub N N 251 
SER C   OXT  sing N N 252 
SER CB  OG   sing N N 253 
SER CB  HB2  sing N N 254 
SER CB  HB3  sing N N 255 
SER OG  HG   sing N N 256 
SER OXT HXT  sing N N 257 
THR N   CA   sing N N 258 
THR N   H    sing N N 259 
THR N   H2   sing N N 260 
THR CA  C    sing N N 261 
THR CA  CB   sing N N 262 
THR CA  HA   sing N N 263 
THR C   O    doub N N 264 
THR C   OXT  sing N N 265 
THR CB  OG1  sing N N 266 
THR CB  CG2  sing N N 267 
THR CB  HB   sing N N 268 
THR OG1 HG1  sing N N 269 
THR CG2 HG21 sing N N 270 
THR CG2 HG22 sing N N 271 
THR CG2 HG23 sing N N 272 
THR OXT HXT  sing N N 273 
TRP N   CA   sing N N 274 
TRP N   H    sing N N 275 
TRP N   H2   sing N N 276 
TRP CA  C    sing N N 277 
TRP CA  CB   sing N N 278 
TRP CA  HA   sing N N 279 
TRP C   O    doub N N 280 
TRP C   OXT  sing N N 281 
TRP CB  CG   sing N N 282 
TRP CB  HB2  sing N N 283 
TRP CB  HB3  sing N N 284 
TRP CG  CD1  doub Y N 285 
TRP CG  CD2  sing Y N 286 
TRP CD1 NE1  sing Y N 287 
TRP CD1 HD1  sing N N 288 
TRP CD2 CE2  doub Y N 289 
TRP CD2 CE3  sing Y N 290 
TRP NE1 CE2  sing Y N 291 
TRP NE1 HE1  sing N N 292 
TRP CE2 CZ2  sing Y N 293 
TRP CE3 CZ3  doub Y N 294 
TRP CE3 HE3  sing N N 295 
TRP CZ2 CH2  doub Y N 296 
TRP CZ2 HZ2  sing N N 297 
TRP CZ3 CH2  sing Y N 298 
TRP CZ3 HZ3  sing N N 299 
TRP CH2 HH2  sing N N 300 
TRP OXT HXT  sing N N 301 
TYR N   CA   sing N N 302 
TYR N   H    sing N N 303 
TYR N   H2   sing N N 304 
TYR CA  C    sing N N 305 
TYR CA  CB   sing N N 306 
TYR CA  HA   sing N N 307 
TYR C   O    doub N N 308 
TYR C   OXT  sing N N 309 
TYR CB  CG   sing N N 310 
TYR CB  HB2  sing N N 311 
TYR CB  HB3  sing N N 312 
TYR CG  CD1  doub Y N 313 
TYR CG  CD2  sing Y N 314 
TYR CD1 CE1  sing Y N 315 
TYR CD1 HD1  sing N N 316 
TYR CD2 CE2  doub Y N 317 
TYR CD2 HD2  sing N N 318 
TYR CE1 CZ   doub Y N 319 
TYR CE1 HE1  sing N N 320 
TYR CE2 CZ   sing Y N 321 
TYR CE2 HE2  sing N N 322 
TYR CZ  OH   sing N N 323 
TYR OH  HH   sing N N 324 
TYR OXT HXT  sing N N 325 
VAL N   CA   sing N N 326 
VAL N   H    sing N N 327 
VAL N   H2   sing N N 328 
VAL CA  C    sing N N 329 
VAL CA  CB   sing N N 330 
VAL CA  HA   sing N N 331 
VAL C   O    doub N N 332 
VAL C   OXT  sing N N 333 
VAL CB  CG1  sing N N 334 
VAL CB  CG2  sing N N 335 
VAL CB  HB   sing N N 336 
VAL CG1 HG11 sing N N 337 
VAL CG1 HG12 sing N N 338 
VAL CG1 HG13 sing N N 339 
VAL CG2 HG21 sing N N 340 
VAL CG2 HG22 sing N N 341 
VAL CG2 HG23 sing N N 342 
VAL OXT HXT  sing N N 343 
# 
_pdbx_audit_support.funding_organization   'Spanish Ministry of Economy and Competitiveness' 
_pdbx_audit_support.country                Spain 
_pdbx_audit_support.grant_number           BIO2016-78020-R 
_pdbx_audit_support.ordinal                1 
# 
_pdbx_initial_refinement_model.id               1 
_pdbx_initial_refinement_model.entity_id_list   ? 
_pdbx_initial_refinement_model.type             'experimental model' 
_pdbx_initial_refinement_model.source_name      PDB 
_pdbx_initial_refinement_model.accession_code   3UA6 
_pdbx_initial_refinement_model.details          ? 
# 
_atom_sites.entry_id                    7A2Z 
_atom_sites.Cartn_transf_matrix[1][1]   ? 
_atom_sites.Cartn_transf_matrix[1][2]   ? 
_atom_sites.Cartn_transf_matrix[1][3]   ? 
_atom_sites.Cartn_transf_matrix[2][1]   ? 
_atom_sites.Cartn_transf_matrix[2][2]   ? 
_atom_sites.Cartn_transf_matrix[2][3]   ? 
_atom_sites.Cartn_transf_matrix[3][1]   ? 
_atom_sites.Cartn_transf_matrix[3][2]   ? 
_atom_sites.Cartn_transf_matrix[3][3]   ? 
_atom_sites.Cartn_transf_vector[1]      ? 
_atom_sites.Cartn_transf_vector[2]      ? 
_atom_sites.Cartn_transf_vector[3]      ? 
_atom_sites.fract_transf_matrix[1][1]   0.01719297 
_atom_sites.fract_transf_matrix[1][2]   0.01178806 
_atom_sites.fract_transf_matrix[1][3]   -0.02257958 
_atom_sites.fract_transf_matrix[2][1]   0.00730507 
_atom_sites.fract_transf_matrix[2][2]   -0.02745747 
_atom_sites.fract_transf_matrix[2][3]   -0.00877229 
_atom_sites.fract_transf_matrix[3][1]   -0.01277104 
_atom_sites.fract_transf_matrix[3][2]   -0.00024935 
_atom_sites.fract_transf_matrix[3][3]   -0.00985454 
_atom_sites.fract_transf_vector[1]      0.236010 
_atom_sites.fract_transf_vector[2]      0.115695 
_atom_sites.fract_transf_vector[3]      0.140334 
_atom_sites.solution_primary            ? 
_atom_sites.solution_secondary          ? 
_atom_sites.solution_hydrogens          ? 
_atom_sites.special_details             ? 
# 
loop_
_atom_type.symbol 
C 
H 
N 
O 
# 
loop_
_atom_site.group_PDB 
_atom_site.id 
_atom_site.type_symbol 
_atom_site.label_atom_id 
_atom_site.label_alt_id 
_atom_site.label_comp_id 
_atom_site.label_asym_id 
_atom_site.label_entity_id 
_atom_site.label_seq_id 
_atom_site.pdbx_PDB_ins_code 
_atom_site.Cartn_x 
_atom_site.Cartn_y 
_atom_site.Cartn_z 
_atom_site.occupancy 
_atom_site.B_iso_or_equiv 
_atom_site.pdbx_formal_charge 
_atom_site.auth_seq_id 
_atom_site.auth_comp_id 
_atom_site.auth_asym_id 
_atom_site.auth_atom_id 
_atom_site.pdbx_PDB_model_num 
ATOM   1    N N    . GLY A 1 1  ? 7.255   -2.518  19.916  1.00 25.12 ? 83  GLY A N    1 
ATOM   2    C CA   . GLY A 1 1  ? 6.734   -3.159  18.723  1.00 23.57 ? 83  GLY A CA   1 
ATOM   3    C C    . GLY A 1 1  ? 6.549   -2.243  17.529  1.00 21.96 ? 83  GLY A C    1 
ATOM   4    O O    . GLY A 1 1  ? 7.222   -1.210  17.389  1.00 25.41 ? 83  GLY A O    1 
ATOM   5    H HA2  . GLY A 1 1  ? 7.344   -3.866  18.459  1.00 28.28 ? 83  GLY A HA2  1 
ATOM   6    H HA3  . GLY A 1 1  ? 5.871   -3.549  18.931  1.00 28.28 ? 83  GLY A HA3  1 
ATOM   7    N N    . VAL A 1 2  ? 5.589   -2.632  16.687  1.00 20.54 ? 84  VAL A N    1 
ATOM   8    C CA   . VAL A 1 2  ? 5.307   -1.986  15.420  1.00 19.99 ? 84  VAL A CA   1 
ATOM   9    C C    . VAL A 1 2  ? 3.815   -1.703  15.280  1.00 19.37 ? 84  VAL A C    1 
ATOM   10   O O    . VAL A 1 2  ? 2.986   -2.167  16.071  1.00 20.27 ? 84  VAL A O    1 
ATOM   11   C CB   . VAL A 1 2  ? 5.778   -2.880  14.259  1.00 22.00 ? 84  VAL A CB   1 
ATOM   12   C CG1  . VAL A 1 2  ? 7.255   -3.183  14.396  1.00 24.59 ? 84  VAL A CG1  1 
ATOM   13   C CG2  . VAL A 1 2  ? 4.997   -4.187  14.218  1.00 22.29 ? 84  VAL A CG2  1 
ATOM   14   H H    . VAL A 1 2  ? 5.067   -3.298  16.843  1.00 24.64 ? 84  VAL A H    1 
ATOM   15   H HA   . VAL A 1 2  ? 5.752   -1.125  15.399  1.00 23.99 ? 84  VAL A HA   1 
ATOM   16   H HB   . VAL A 1 2  ? 5.622   -2.403  13.430  1.00 26.40 ? 84  VAL A HB   1 
ATOM   17   H HG11 . VAL A 1 2  ? 7.556   -3.652  13.602  1.00 29.51 ? 84  VAL A HG11 1 
ATOM   18   H HG12 . VAL A 1 2  ? 7.740   -2.349  14.493  1.00 29.51 ? 84  VAL A HG12 1 
ATOM   19   H HG13 . VAL A 1 2  ? 7.391   -3.738  15.180  1.00 29.51 ? 84  VAL A HG13 1 
ATOM   20   H HG21 . VAL A 1 2  ? 5.425   -4.791  13.591  1.00 26.74 ? 84  VAL A HG21 1 
ATOM   21   H HG22 . VAL A 1 2  ? 4.990   -4.580  15.104  1.00 26.74 ? 84  VAL A HG22 1 
ATOM   22   H HG23 . VAL A 1 2  ? 4.088   -4.003  13.931  1.00 26.74 ? 84  VAL A HG23 1 
ATOM   23   N N    . THR A 1 3  ? 3.489   -0.938  14.235  1.00 18.76 ? 85  THR A N    1 
ATOM   24   C CA   . THR A 1 3  ? 2.123   -0.649  13.826  1.00 18.88 ? 85  THR A CA   1 
ATOM   25   C C    . THR A 1 3  ? 1.880   -1.271  12.455  1.00 16.63 ? 85  THR A C    1 
ATOM   26   O O    . THR A 1 3  ? 2.598   -0.967  11.491  1.00 19.57 ? 85  THR A O    1 
ATOM   27   C CB   . THR A 1 3  ? 1.880   0.860   13.736  1.00 22.13 ? 85  THR A CB   1 
ATOM   28   O OG1  . THR A 1 3  ? 2.128   1.472   15.009  1.00 24.45 ? 85  THR A OG1  1 
ATOM   29   C CG2  . THR A 1 3  ? 0.449   1.183   13.277  1.00 22.99 ? 85  THR A CG2  1 
ATOM   30   H H    . THR A 1 3  ? 4.073   -0.561  13.729  1.00 22.52 ? 85  THR A H    1 
ATOM   31   H HA   . THR A 1 3  ? 1.514   -1.034  14.474  1.00 22.65 ? 85  THR A HA   1 
ATOM   32   H HB   . THR A 1 3  ? 2.486   1.232   13.076  1.00 26.56 ? 85  THR A HB   1 
ATOM   33   H HG1  . THR A 1 3  ? 2.051   2.306   14.948  1.00 29.34 ? 85  THR A HG1  1 
ATOM   34   H HG21 . THR A 1 3  ? 0.324   2.143   13.228  1.00 27.59 ? 85  THR A HG21 1 
ATOM   35   H HG22 . THR A 1 3  ? 0.287   0.799   12.401  1.00 27.59 ? 85  THR A HG22 1 
ATOM   36   H HG23 . THR A 1 3  ? -0.192  0.814   13.906  1.00 27.59 ? 85  THR A HG23 1 
ATOM   37   N N    . LEU A 1 4  ? 0.874   -2.133  12.368  1.00 14.11 ? 86  LEU A N    1 
ATOM   38   C CA   . LEU A 1 4  ? 0.437   -2.726  11.115  1.00 14.28 ? 86  LEU A CA   1 
ATOM   39   C C    . LEU A 1 4  ? -0.676  -1.871  10.504  1.00 13.70 ? 86  LEU A C    1 
ATOM   40   O O    . LEU A 1 4  ? -1.339  -1.098  11.191  1.00 14.50 ? 86  LEU A O    1 
ATOM   41   C CB   . LEU A 1 4  ? -0.069  -4.146  11.367  1.00 15.54 ? 86  LEU A CB   1 
ATOM   42   C CG   . LEU A 1 4  ? 0.947   -5.097  11.993  1.00 16.51 ? 86  LEU A CG   1 
ATOM   43   C CD1  . LEU A 1 4  ? 0.340   -6.467  12.169  1.00 18.43 ? 86  LEU A CD1  1 
ATOM   44   C CD2  . LEU A 1 4  ? 2.218   -5.152  11.187  1.00 16.93 ? 86  LEU A CD2  1 
ATOM   45   H H    . LEU A 1 4  ? 0.414   -2.398  13.045  1.00 16.93 ? 86  LEU A H    1 
ATOM   46   H HA   . LEU A 1 4  ? 1.174   -2.772  10.486  1.00 17.13 ? 86  LEU A HA   1 
ATOM   47   H HB2  . LEU A 1 4  ? -0.830  -4.097  11.967  1.00 18.65 ? 86  LEU A HB2  1 
ATOM   48   H HB3  . LEU A 1 4  ? -0.340  -4.528  10.518  1.00 18.65 ? 86  LEU A HB3  1 
ATOM   49   H HG   . LEU A 1 4  ? 1.190   -4.765  12.872  1.00 19.81 ? 86  LEU A HG   1 
ATOM   50   H HD11 . LEU A 1 4  ? 0.997   -7.053  12.577  1.00 22.11 ? 86  LEU A HD11 1 
ATOM   51   H HD12 . LEU A 1 4  ? -0.440  -6.396  12.741  1.00 22.11 ? 86  LEU A HD12 1 
ATOM   52   H HD13 . LEU A 1 4  ? 0.083   -6.813  11.301  1.00 22.11 ? 86  LEU A HD13 1 
ATOM   53   H HD21 . LEU A 1 4  ? 2.774   -5.874  11.521  1.00 20.32 ? 86  LEU A HD21 1 
ATOM   54   H HD22 . LEU A 1 4  ? 1.995   -5.312  10.256  1.00 20.32 ? 86  LEU A HD22 1 
ATOM   55   H HD23 . LEU A 1 4  ? 2.685   -4.307  11.274  1.00 20.32 ? 86  LEU A HD23 1 
ATOM   56   N N    . PHE A 1 5  ? -0.876  -2.052  9.196   1.00 12.73 ? 87  PHE A N    1 
ATOM   57   C CA   . PHE A 1 5  ? -1.887  -1.344  8.423   1.00 12.29 ? 87  PHE A CA   1 
ATOM   58   C C    . PHE A 1 5  ? -2.804  -2.352  7.763   1.00 12.23 ? 87  PHE A C    1 
ATOM   59   O O    . PHE A 1 5  ? -2.388  -3.473  7.444   1.00 13.71 ? 87  PHE A O    1 
ATOM   60   C CB   . PHE A 1 5  ? -1.238  -0.416  7.373   1.00 12.84 ? 87  PHE A CB   1 
ATOM   61   C CG   . PHE A 1 5  ? -0.674  0.815   7.990   1.00 14.23 ? 87  PHE A CG   1 
ATOM   62   C CD1  . PHE A 1 5  ? 0.516   0.768   8.708   1.00 15.87 ? 87  PHE A CD1  1 
ATOM   63   C CD2  . PHE A 1 5  ? -1.351  2.007   7.927   1.00 15.68 ? 87  PHE A CD2  1 
ATOM   64   C CE1  . PHE A 1 5  ? 1.018   1.901   9.329   1.00 18.41 ? 87  PHE A CE1  1 
ATOM   65   C CE2  . PHE A 1 5  ? -0.855  3.113   8.546   1.00 18.21 ? 87  PHE A CE2  1 
ATOM   66   C CZ   . PHE A 1 5  ? 0.318   3.057   9.241   1.00 19.05 ? 87  PHE A CZ   1 
ATOM   67   H H    . PHE A 1 5  ? -0.417  -2.602  8.721   1.00 15.27 ? 87  PHE A H    1 
ATOM   68   H HA   . PHE A 1 5  ? -2.429  -0.785  9.003   1.00 14.74 ? 87  PHE A HA   1 
ATOM   69   H HB2  . PHE A 1 5  ? -0.518  -0.891  6.931   1.00 15.41 ? 87  PHE A HB2  1 
ATOM   70   H HB3  . PHE A 1 5  ? -1.909  -0.151  6.725   1.00 15.41 ? 87  PHE A HB3  1 
ATOM   71   H HD1  . PHE A 1 5  ? 0.981   -0.034  8.774   1.00 19.04 ? 87  PHE A HD1  1 
ATOM   72   H HD2  . PHE A 1 5  ? -2.153  2.059   7.459   1.00 18.81 ? 87  PHE A HD2  1 
ATOM   73   H HE1  . PHE A 1 5  ? 1.821   1.868   9.797   1.00 22.09 ? 87  PHE A HE1  1 
ATOM   74   H HE2  . PHE A 1 5  ? -1.320  3.917   8.494   1.00 21.86 ? 87  PHE A HE2  1 
ATOM   75   H HZ   . PHE A 1 5  ? 0.640   3.822   9.660   1.00 22.86 ? 87  PHE A HZ   1 
ATOM   76   N N    . VAL A 1 6  ? -4.056  -1.964  7.579   1.00 11.82 ? 88  VAL A N    1 
ATOM   77   C CA   . VAL A 1 6  ? -5.055  -2.821  6.972   1.00 11.55 ? 88  VAL A CA   1 
ATOM   78   C C    . VAL A 1 6  ? -5.640  -2.133  5.751   1.00 10.89 ? 88  VAL A C    1 
ATOM   79   O O    . VAL A 1 6  ? -5.882  -0.929  5.761   1.00 11.40 ? 88  VAL A O    1 
ATOM   80   C CB   . VAL A 1 6  ? -6.150  -3.174  7.999   1.00 13.28 ? 88  VAL A CB   1 
ATOM   81   C CG1  . VAL A 1 6  ? -6.901  -1.956  8.524   1.00 15.41 ? 88  VAL A CG1  1 
ATOM   82   C CG2  . VAL A 1 6  ? -7.126  -4.173  7.428   1.00 13.58 ? 88  VAL A CG2  1 
ATOM   83   H H    . VAL A 1 6  ? -4.355  -1.190  7.804   1.00 14.18 ? 88  VAL A H    1 
ATOM   84   H HA   . VAL A 1 6  ? -4.639  -3.639  6.659   1.00 13.86 ? 88  VAL A HA   1 
ATOM   85   H HB   . VAL A 1 6  ? -5.691  -3.569  8.757   1.00 15.93 ? 88  VAL A HB   1 
ATOM   86   H HG11 . VAL A 1 6  ? -7.519  -2.241  9.215   1.00 18.49 ? 88  VAL A HG11 1 
ATOM   87   H HG12 . VAL A 1 6  ? -6.263  -1.324  8.890   1.00 18.49 ? 88  VAL A HG12 1 
ATOM   88   H HG13 . VAL A 1 6  ? -7.389  -1.547  7.792   1.00 18.49 ? 88  VAL A HG13 1 
ATOM   89   H HG21 . VAL A 1 6  ? -7.773  -4.407  8.111   1.00 16.29 ? 88  VAL A HG21 1 
ATOM   90   H HG22 . VAL A 1 6  ? -7.576  -3.774  6.667   1.00 16.29 ? 88  VAL A HG22 1 
ATOM   91   H HG23 . VAL A 1 6  ? -6.640  -4.964  7.147   1.00 16.29 ? 88  VAL A HG23 1 
ATOM   92   N N    . ALA A 1 7  ? -5.882  -2.906  4.709   1.00 10.63 ? 89  ALA A N    1 
ATOM   93   C CA   . ALA A 1 7  ? -6.544  -2.414  3.511   1.00 10.64 ? 89  ALA A CA   1 
ATOM   94   C C    . ALA A 1 7  ? -8.003  -2.096  3.797   1.00 10.70 ? 89  ALA A C    1 
ATOM   95   O O    . ALA A 1 7  ? -8.760  -2.948  4.281   1.00 11.23 ? 89  ALA A O    1 
ATOM   96   C CB   . ALA A 1 7  ? -6.468  -3.437  2.378   1.00 10.69 ? 89  ALA A CB   1 
ATOM   97   H H    . ALA A 1 7  ? -5.671  -3.739  4.667   1.00 12.76 ? 89  ALA A H    1 
ATOM   98   H HA   . ALA A 1 7  ? -6.089  -1.605  3.229   1.00 12.76 ? 89  ALA A HA   1 
ATOM   99   H HB1  . ALA A 1 7  ? -6.969  -3.103  1.618   1.00 12.83 ? 89  ALA A HB1  1 
ATOM   100  H HB2  . ALA A 1 7  ? -5.538  -3.567  2.131   1.00 12.83 ? 89  ALA A HB2  1 
ATOM   101  H HB3  . ALA A 1 7  ? -6.849  -4.275  2.683   1.00 12.83 ? 89  ALA A HB3  1 
ATOM   102  N N    . LEU A 1 8  ? -8.404  -0.891  3.430   1.00 11.02 ? 90  LEU A N    1 
ATOM   103  C CA   . LEU A 1 8  ? -9.788  -0.448  3.526   1.00 11.74 ? 90  LEU A CA   1 
ATOM   104  C C    . LEU A 1 8  ? -10.629 -0.830  2.321   1.00 11.39 ? 90  LEU A C    1 
ATOM   105  O O    . LEU A 1 8  ? -11.866 -0.907  2.438   1.00 12.68 ? 90  LEU A O    1 
ATOM   106  C CB   . LEU A 1 8  ? -9.823  1.078   3.669   1.00 12.13 ? 90  LEU A CB   1 
ATOM   107  C CG   . LEU A 1 8  ? -9.184  1.634   4.930   1.00 13.54 ? 90  LEU A CG   1 
ATOM   108  C CD1  . LEU A 1 8  ? -9.150  3.164   4.844   1.00 13.76 ? 90  LEU A CD1  1 
ATOM   109  C CD2  . LEU A 1 8  ? -9.877  1.144   6.183   1.00 14.62 ? 90  LEU A CD2  1 
ATOM   110  H H    . LEU A 1 8  ? -7.878  -0.289  3.112   1.00 13.22 ? 90  LEU A H    1 
ATOM   111  H HA   . LEU A 1 8  ? -10.189 -0.855  4.310   1.00 14.09 ? 90  LEU A HA   1 
ATOM   112  H HB2  . LEU A 1 8  ? -9.354  1.466   2.914   1.00 14.55 ? 90  LEU A HB2  1 
ATOM   113  H HB3  . LEU A 1 8  ? -10.751 1.363   3.665   1.00 14.55 ? 90  LEU A HB3  1 
ATOM   114  H HG   . LEU A 1 8  ? -8.272  1.312   5.002   1.00 16.24 ? 90  LEU A HG   1 
ATOM   115  H HD11 . LEU A 1 8  ? -8.776  3.519   5.667   1.00 16.51 ? 90  LEU A HD11 1 
ATOM   116  H HD12 . LEU A 1 8  ? -8.599  3.426   4.090   1.00 16.51 ? 90  LEU A HD12 1 
ATOM   117  H HD13 . LEU A 1 8  ? -10.054 3.494   4.724   1.00 16.51 ? 90  LEU A HD13 1 
ATOM   118  H HD21 . LEU A 1 8  ? -9.522  1.622   6.948   1.00 17.55 ? 90  LEU A HD21 1 
ATOM   119  H HD22 . LEU A 1 8  ? -10.830 1.310   6.102   1.00 17.55 ? 90  LEU A HD22 1 
ATOM   120  H HD23 . LEU A 1 8  ? -9.714  0.193   6.282   1.00 17.55 ? 90  LEU A HD23 1 
ATOM   121  N N    . TYR A 1 9  ? -9.987  -1.022  1.171   1.00 11.33 ? 91  TYR A N    1 
ATOM   122  C CA   . TYR A 1 9  ? -10.672 -1.266  -0.077  1.00 12.16 ? 91  TYR A CA   1 
ATOM   123  C C    . TYR A 1 9  ? -9.780  -2.208  -0.885  1.00 11.99 ? 91  TYR A C    1 
ATOM   124  O O    . TYR A 1 9  ? -8.566  -2.308  -0.664  1.00 12.96 ? 91  TYR A O    1 
ATOM   125  C CB   . TYR A 1 9  ? -10.814 0.014   -0.921  1.00 12.56 ? 91  TYR A CB   1 
ATOM   126  C CG   . TYR A 1 9  ? -11.062 1.299   -0.149  1.00 12.36 ? 91  TYR A CG   1 
ATOM   127  C CD1  . TYR A 1 9  ? -12.254 1.547   0.511   1.00 13.14 ? 91  TYR A CD1  1 
ATOM   128  C CD2  . TYR A 1 9  ? -10.038 2.211   -0.010  1.00 12.51 ? 91  TYR A CD2  1 
ATOM   129  C CE1  . TYR A 1 9  ? -12.414 2.703   1.269   1.00 13.15 ? 91  TYR A CE1  1 
ATOM   130  C CE2  . TYR A 1 9  ? -10.197 3.363   0.708   1.00 12.91 ? 91  TYR A CE2  1 
ATOM   131  C CZ   . TYR A 1 9  ? -11.372 3.613   1.367   1.00 13.11 ? 91  TYR A CZ   1 
ATOM   132  O OH   . TYR A 1 9  ? -11.468 4.773   2.099   1.00 14.53 ? 91  TYR A OH   1 
ATOM   133  H H    . TYR A 1 9  ? -9.131  -1.014  1.094   1.00 13.60 ? 91  TYR A H    1 
ATOM   134  H HA   . TYR A 1 9  ? -11.548 -1.639  0.110   1.00 14.60 ? 91  TYR A HA   1 
ATOM   135  H HB2  . TYR A 1 9  ? -9.996  0.136   -1.427  1.00 15.08 ? 91  TYR A HB2  1 
ATOM   136  H HB3  . TYR A 1 9  ? -11.563 -0.105  -1.526  1.00 15.08 ? 91  TYR A HB3  1 
ATOM   137  H HD1  . TYR A 1 9  ? -12.953 0.937   0.447   1.00 15.77 ? 91  TYR A HD1  1 
ATOM   138  H HD2  . TYR A 1 9  ? -9.219  2.037   -0.414  1.00 15.02 ? 91  TYR A HD2  1 
ATOM   139  H HE1  . TYR A 1 9  ? -13.217 2.865   1.709   1.00 15.78 ? 91  TYR A HE1  1 
ATOM   140  H HE2  . TYR A 1 9  ? -9.504  3.981   0.749   1.00 15.49 ? 91  TYR A HE2  1 
ATOM   141  H HH   . TYR A 1 9  ? -12.183 4.778   2.539   1.00 17.44 ? 91  TYR A HH   1 
ATOM   142  N N    . ASP A 1 10 ? -10.388 -2.876  -1.866  1.00 11.95 ? 92  ASP A N    1 
ATOM   143  C CA   . ASP A 1 10 ? -9.625  -3.631  -2.851  1.00 12.12 ? 92  ASP A CA   1 
ATOM   144  C C    . ASP A 1 10 ? -8.853  -2.677  -3.762  1.00 12.35 ? 92  ASP A C    1 
ATOM   145  O O    . ASP A 1 10 ? -9.281  -1.552  -4.025  1.00 13.49 ? 92  ASP A O    1 
ATOM   146  C CB   . ASP A 1 10 ? -10.557 -4.472  -3.744  1.00 13.39 ? 92  ASP A CB   1 
ATOM   147  C CG   . ASP A 1 10 ? -11.417 -5.496  -2.998  1.00 14.21 ? 92  ASP A CG   1 
ATOM   148  O OD1  . ASP A 1 10 ? -11.106 -5.830  -1.841  1.00 14.54 ? 92  ASP A OD1  1 
ATOM   149  O OD2  . ASP A 1 10 ? -12.419 -5.950  -3.599  1.00 16.56 ? 92  ASP A OD2  1 
ATOM   150  H H    . ASP A 1 10 ? -11.239 -2.906  -1.981  1.00 14.34 ? 92  ASP A H    1 
ATOM   151  H HA   . ASP A 1 10 ? -9.014  -4.220  -2.382  1.00 14.55 ? 92  ASP A HA   1 
ATOM   152  H HB2  . ASP A 1 10 ? -11.159 -3.872  -4.211  1.00 16.07 ? 92  ASP A HB2  1 
ATOM   153  H HB3  . ASP A 1 10 ? -10.013 -4.960  -4.383  1.00 16.07 ? 92  ASP A HB3  1 
ATOM   154  N N    . TYR A 1 11 ? -7.736  -3.158  -4.304  1.00 12.24 ? 93  TYR A N    1 
ATOM   155  C CA   . TYR A 1 11 ? -6.948  -2.385  -5.261  1.00 12.27 ? 93  TYR A CA   1 
ATOM   156  C C    . TYR A 1 11 ? -6.284  -3.315  -6.269  1.00 12.73 ? 93  TYR A C    1 
ATOM   157  O O    . TYR A 1 11 ? -5.651  -4.290  -5.880  1.00 13.03 ? 93  TYR A O    1 
ATOM   158  C CB   . TYR A 1 11 ? -5.872  -1.510  -4.571  1.00 12.83 ? 93  TYR A CB   1 
ATOM   159  C CG   . TYR A 1 11 ? -5.094  -0.676  -5.572  1.00 12.48 ? 93  TYR A CG   1 
ATOM   160  C CD1  . TYR A 1 11 ? -5.717  0.354   -6.264  1.00 13.31 ? 93  TYR A CD1  1 
ATOM   161  C CD2  . TYR A 1 11 ? -3.769  -0.944  -5.873  1.00 12.51 ? 93  TYR A CD2  1 
ATOM   162  C CE1  . TYR A 1 11 ? -5.055  1.080   -7.235  1.00 13.92 ? 93  TYR A CE1  1 
ATOM   163  C CE2  . TYR A 1 11 ? -3.084  -0.204  -6.829  1.00 13.17 ? 93  TYR A CE2  1 
ATOM   164  C CZ   . TYR A 1 11 ? -3.741  0.789   -7.513  1.00 13.94 ? 93  TYR A CZ   1 
ATOM   165  O OH   . TYR A 1 11 ? -3.049  1.511   -8.465  1.00 14.74 ? 93  TYR A OH   1 
ATOM   166  H H    . TYR A 1 11 ? -7.410  -3.936  -4.133  1.00 14.69 ? 93  TYR A H    1 
ATOM   167  H HA   . TYR A 1 11 ? -7.559  -1.802  -5.737  1.00 14.73 ? 93  TYR A HA   1 
ATOM   168  H HB2  . TYR A 1 11 ? -6.304  -0.909  -3.945  1.00 15.39 ? 93  TYR A HB2  1 
ATOM   169  H HB3  . TYR A 1 11 ? -5.248  -2.085  -4.103  1.00 15.39 ? 93  TYR A HB3  1 
ATOM   170  H HD1  . TYR A 1 11 ? -6.603  0.558   -6.070  1.00 15.98 ? 93  TYR A HD1  1 
ATOM   171  H HD2  . TYR A 1 11 ? -3.330  -1.632  -5.426  1.00 15.01 ? 93  TYR A HD2  1 
ATOM   172  H HE1  . TYR A 1 11 ? -5.493  1.759   -7.695  1.00 16.71 ? 93  TYR A HE1  1 
ATOM   173  H HE2  . TYR A 1 11 ? -2.187  -0.379  -7.004  1.00 15.81 ? 93  TYR A HE2  1 
ATOM   174  H HH   . TYR A 1 11 ? -3.545  2.103   -8.793  1.00 17.69 ? 93  TYR A HH   1 
ATOM   175  N N    . GLU A 1 12 ? -6.439  -3.017  -7.552  1.00 14.08 ? 94  GLU A N    1 
ATOM   176  C CA   . GLU A 1 12 ? -5.792  -3.769  -8.625  1.00 15.65 ? 94  GLU A CA   1 
ATOM   177  C C    . GLU A 1 12 ? -4.606  -2.976  -9.160  1.00 15.35 ? 94  GLU A C    1 
ATOM   178  O O    . GLU A 1 12 ? -4.771  -1.882  -9.717  1.00 17.00 ? 94  GLU A O    1 
ATOM   179  C CB   . GLU A 1 12 ? -6.772  -4.047  -9.760  1.00 18.82 ? 94  GLU A CB   1 
ATOM   180  C CG   . GLU A 1 12 ? -7.876  -4.950  -9.327  1.00 22.09 ? 94  GLU A CG   1 
ATOM   181  C CD   . GLU A 1 12 ? -8.732  -5.536  -10.425 1.00 27.47 ? 94  GLU A CD   1 
ATOM   182  O OE1  . GLU A 1 12 ? -9.643  -6.315  -10.043 1.00 29.80 ? 94  GLU A OE1  1 
ATOM   183  O OE2  . GLU A 1 12 ? -8.514  -5.238  -11.629 1.00 34.34 ? 94  GLU A OE2  1 
ATOM   184  H H    . GLU A 1 12 ? -6.926  -2.369  -7.836  1.00 16.89 ? 94  GLU A H    1 
ATOM   185  H HA   . GLU A 1 12 ? -5.469  -4.610  -8.266  1.00 18.78 ? 94  GLU A HA   1 
ATOM   186  H HB2  . GLU A 1 12 ? -7.162  -3.210  -10.057 1.00 22.58 ? 94  GLU A HB2  1 
ATOM   187  H HB3  . GLU A 1 12 ? -6.301  -4.471  -10.493 1.00 22.58 ? 94  GLU A HB3  1 
ATOM   188  H HG2  . GLU A 1 12 ? -7.485  -5.694  -8.842  1.00 26.51 ? 94  GLU A HG2  1 
ATOM   189  H HG3  . GLU A 1 12 ? -8.466  -4.448  -8.743  1.00 26.51 ? 94  GLU A HG3  1 
ATOM   190  N N    . ALA A 1 13 ? -3.415  -3.522  -8.985  1.00 15.06 ? 95  ALA A N    1 
ATOM   191  C CA   . ALA A 1 13 ? -2.227  -2.828  -9.431  1.00 15.68 ? 95  ALA A CA   1 
ATOM   192  C C    . ALA A 1 13 ? -2.130  -2.837  -10.948 1.00 15.07 ? 95  ALA A C    1 
ATOM   193  O O    . ALA A 1 13 ? -2.547  -3.782  -11.630 1.00 16.16 ? 95  ALA A O    1 
ATOM   194  C CB   . ALA A 1 13 ? -0.997  -3.510  -8.855  1.00 16.44 ? 95  ALA A CB   1 
ATOM   195  H H    . ALA A 1 13 ? -3.272  -4.284  -8.615  1.00 18.07 ? 95  ALA A H    1 
ATOM   196  H HA   . ALA A 1 13 ? -2.260  -1.906  -9.130  1.00 18.82 ? 95  ALA A HA   1 
ATOM   197  H HB1  . ALA A 1 13 ? -0.203  -3.064  -9.191  1.00 19.72 ? 95  ALA A HB1  1 
ATOM   198  H HB2  . ALA A 1 13 ? -1.026  -3.449  -7.887  1.00 19.72 ? 95  ALA A HB2  1 
ATOM   199  H HB3  . ALA A 1 13 ? -0.994  -4.440  -9.128  1.00 19.72 ? 95  ALA A HB3  1 
ATOM   200  N N    . ARG A 1 14 ? -1.539  -1.770  -11.476 1.00 14.51 ? 96  ARG A N    1 
ATOM   201  C CA   . ARG A 1 14 ? -1.293  -1.655  -12.908 1.00 14.65 ? 96  ARG A CA   1 
ATOM   202  C C    . ARG A 1 14 ? 0.120   -2.029  -13.303 1.00 13.33 ? 96  ARG A C    1 
ATOM   203  O O    . ARG A 1 14 ? 0.358   -2.289  -14.474 1.00 15.08 ? 96  ARG A O    1 
ATOM   204  C CB   . ARG A 1 14 ? -1.630  -0.243  -13.392 1.00 18.30 ? 96  ARG A CB   1 
ATOM   205  C CG   . ARG A 1 14 ? -3.073  0.176   -13.062 1.00 22.43 ? 96  ARG A CG   1 
ATOM   206  C CD   . ARG A 1 14 ? -4.102  -0.842  -13.585 1.00 25.78 ? 96  ARG A CD   1 
ATOM   207  N NE   . ARG A 1 14 ? -4.161  -0.898  -15.046 1.00 29.33 ? 96  ARG A NE   1 
ATOM   208  C CZ   . ARG A 1 14 ? -4.767  -0.001  -15.826 1.00 33.20 ? 96  ARG A CZ   1 
ATOM   209  N NH1  . ARG A 1 14 ? -5.384  1.057   -15.303 1.00 36.04 ? 96  ARG A NH1  1 
ATOM   210  N NH2  . ARG A 1 14 ? -4.747  -0.170  -17.144 1.00 35.56 ? 96  ARG A NH2  1 
ATOM   211  H H    . ARG A 1 14 ? -1.268  -1.092  -11.021 1.00 17.41 ? 96  ARG A H    1 
ATOM   212  H HA   . ARG A 1 14 ? -1.884  -2.259  -13.383 1.00 17.58 ? 96  ARG A HA   1 
ATOM   213  H HB2  . ARG A 1 14 ? -1.031  0.388   -12.964 1.00 21.97 ? 96  ARG A HB2  1 
ATOM   214  H HB3  . ARG A 1 14 ? -1.520  -0.206  -14.355 1.00 21.97 ? 96  ARG A HB3  1 
ATOM   215  H HG2  . ARG A 1 14 ? -3.175  0.242   -12.100 1.00 26.91 ? 96  ARG A HG2  1 
ATOM   216  H HG3  . ARG A 1 14 ? -3.258  1.033   -13.475 1.00 26.91 ? 96  ARG A HG3  1 
ATOM   217  H HD2  . ARG A 1 14 ? -3.864  -1.726  -13.262 1.00 30.94 ? 96  ARG A HD2  1 
ATOM   218  H HD3  . ARG A 1 14 ? -4.982  -0.596  -13.259 1.00 30.94 ? 96  ARG A HD3  1 
ATOM   219  H HE   . ARG A 1 14 ? -3.774  -1.562  -15.432 1.00 35.19 ? 96  ARG A HE   1 
ATOM   220  H HH11 . ARG A 1 14 ? -5.398  1.169   -14.450 1.00 43.25 ? 96  ARG A HH11 1 
ATOM   221  H HH12 . ARG A 1 14 ? -5.771  1.627   -15.818 1.00 43.25 ? 96  ARG A HH12 1 
ATOM   222  H HH21 . ARG A 1 14 ? -4.347  -0.851  -17.485 1.00 42.68 ? 96  ARG A HH21 1 
ATOM   223  H HH22 . ARG A 1 14 ? -5.133  0.403   -17.657 1.00 42.68 ? 96  ARG A HH22 1 
ATOM   224  N N    . THR A 1 15 ? 1.036   -2.056  -12.354 1.00 13.65 ? 97  THR A N    1 
ATOM   225  C CA   . THR A 1 15 ? 2.424   -2.417  -12.513 1.00 14.87 ? 97  THR A CA   1 
ATOM   226  C C    . THR A 1 15 ? 2.829   -3.367  -11.401 1.00 12.84 ? 97  THR A C    1 
ATOM   227  O O    . THR A 1 15 ? 2.354   -3.210  -10.285 1.00 13.12 ? 97  THR A O    1 
ATOM   228  C CB   . THR A 1 15 ? 3.239   -1.081  -12.394 1.00 18.73 ? 97  THR A CB   1 
ATOM   229  O OG1  . THR A 1 15 ? 4.619   -1.417  -12.364 1.00 19.48 ? 97  THR A OG1  1 
ATOM   230  C CG2  . THR A 1 15 ? 2.924   -0.128  -11.196 1.00 20.31 ? 97  THR A CG2  1 
ATOM   231  H H    . THR A 1 15 ? 0.860   -1.851  -11.538 1.00 16.39 ? 97  THR A H    1 
ATOM   232  H HA   . THR A 1 15 ? 2.604   -2.872  -13.350 1.00 17.85 ? 97  THR A HA   1 
ATOM   233  H HB   . THR A 1 15 ? 2.975   -0.551  -13.162 1.00 22.48 ? 97  THR A HB   1 
ATOM   234  H HG1  . THR A 1 15 ? 5.078   -0.730  -12.211 1.00 23.38 ? 97  THR A HG1  1 
ATOM   235  H HG21 . THR A 1 15 ? 3.506   0.647   -11.227 1.00 24.37 ? 97  THR A HG21 1 
ATOM   236  H HG22 . THR A 1 15 ? 2.002   0.169   -11.242 1.00 24.37 ? 97  THR A HG22 1 
ATOM   237  H HG23 . THR A 1 15 ? 3.064   -0.594  -10.356 1.00 24.37 ? 97  THR A HG23 1 
ATOM   238  N N    . GLU A 1 16 ? 3.748   -4.297  -11.673 1.00 12.90 ? 98  GLU A N    1 
ATOM   239  C CA   . GLU A 1 16 ? 4.193   -5.228  -10.637 1.00 14.10 ? 98  GLU A CA   1 
ATOM   240  C C    . GLU A 1 16 ? 4.988   -4.557  -9.527  1.00 14.16 ? 98  GLU A C    1 
ATOM   241  O O    . GLU A 1 16 ? 5.241   -5.206  -8.506  1.00 17.45 ? 98  GLU A O    1 
ATOM   242  C CB   . GLU A 1 16 ? 5.043   -6.326  -11.267 1.00 17.27 ? 98  GLU A CB   1 
ATOM   243  C CG   . GLU A 1 16 ? 4.266   -7.246  -12.232 1.00 21.41 ? 98  GLU A CG   1 
ATOM   244  C CD   . GLU A 1 16 ? 5.172   -8.231  -12.999 1.00 26.31 ? 98  GLU A CD   1 
ATOM   245  O OE1  . GLU A 1 16 ? 4.676   -8.970  -13.897 1.00 31.23 ? 98  GLU A OE1  1 
ATOM   246  O OE2  . GLU A 1 16 ? 6.406   -8.220  -12.753 1.00 29.50 ? 98  GLU A OE2  1 
ATOM   247  H H    . GLU A 1 16 ? 4.123   -4.408  -12.439 1.00 15.48 ? 98  GLU A H    1 
ATOM   248  H HA   . GLU A 1 16 ? 3.409   -5.631  -10.234 1.00 16.92 ? 98  GLU A HA   1 
ATOM   249  H HB2  . GLU A 1 16 ? 5.762   -5.914  -11.770 1.00 20.72 ? 98  GLU A HB2  1 
ATOM   250  H HB3  . GLU A 1 16 ? 5.407   -6.882  -10.561 1.00 20.72 ? 98  GLU A HB3  1 
ATOM   251  H HG2  . GLU A 1 16 ? 3.626   -7.767  -11.722 1.00 25.69 ? 98  GLU A HG2  1 
ATOM   252  H HG3  . GLU A 1 16 ? 3.803   -6.697  -12.885 1.00 25.69 ? 98  GLU A HG3  1 
ATOM   253  N N    . ASP A 1 17 ? 5.441   -3.318  -9.730  1.00 13.15 ? 99  ASP A N    1 
ATOM   254  C CA   . ASP A 1 17 ? 6.023   -2.543  -8.631  1.00 14.36 ? 99  ASP A CA   1 
ATOM   255  C C    . ASP A 1 17 ? 5.025   -2.282  -7.502  1.00 13.42 ? 99  ASP A C    1 
ATOM   256  O O    . ASP A 1 17 ? 5.433   -1.971  -6.366  1.00 14.93 ? 99  ASP A O    1 
ATOM   257  C CB   . ASP A 1 17 ? 6.580   -1.209  -9.159  1.00 16.55 ? 99  ASP A CB   1 
ATOM   258  C CG   . ASP A 1 17 ? 7.920   -1.362  -9.837  1.00 19.84 ? 99  ASP A CG   1 
ATOM   259  O OD1  . ASP A 1 17 ? 8.747   -2.121  -9.321  1.00 25.86 ? 99  ASP A OD1  1 
ATOM   260  O OD2  . ASP A 1 17 ? 8.163   -0.708  -10.863 1.00 19.74 ? 99  ASP A OD2  1 
ATOM   261  H H    . ASP A 1 17 ? 5.424   -2.906  -10.484 1.00 15.78 ? 99  ASP A H    1 
ATOM   262  H HA   . ASP A 1 17 ? 6.761   -3.050  -8.258  1.00 17.23 ? 99  ASP A HA   1 
ATOM   263  H HB2  . ASP A 1 17 ? 5.958   -0.840  -9.805  1.00 19.86 ? 99  ASP A HB2  1 
ATOM   264  H HB3  . ASP A 1 17 ? 6.689   -0.596  -8.416  1.00 19.86 ? 99  ASP A HB3  1 
ATOM   265  N N    . ASP A 1 18 ? 3.737   -2.361  -7.804  1.00 12.40 ? 100 ASP A N    1 
ATOM   266  C CA   . ASP A 1 18 ? 2.674   -2.111  -6.855  1.00 11.74 ? 100 ASP A CA   1 
ATOM   267  C C    . ASP A 1 18 ? 2.020   -3.441  -6.496  1.00 11.94 ? 100 ASP A C    1 
ATOM   268  O O    . ASP A 1 18 ? 1.935   -4.345  -7.332  1.00 14.59 ? 100 ASP A O    1 
ATOM   269  C CB   . ASP A 1 18 ? 1.618   -1.196  -7.475  1.00 12.50 ? 100 ASP A CB   1 
ATOM   270  C CG   . ASP A 1 18 ? 2.127   0.187   -7.770  1.00 13.43 ? 100 ASP A CG   1 
ATOM   271  O OD1  . ASP A 1 18 ? 3.129   0.590   -7.154  1.00 15.93 ? 100 ASP A OD1  1 
ATOM   272  O OD2  . ASP A 1 18 ? 1.510   0.889   -8.609  1.00 14.45 ? 100 ASP A OD2  1 
ATOM   273  H H    . ASP A 1 18 ? 3.445   -2.567  -8.587  1.00 14.88 ? 100 ASP A H    1 
ATOM   274  H HA   . ASP A 1 18 ? 3.024   -1.691  -6.054  1.00 14.09 ? 100 ASP A HA   1 
ATOM   275  H HB2  . ASP A 1 18 ? 1.315   -1.588  -8.310  1.00 15.00 ? 100 ASP A HB2  1 
ATOM   276  H HB3  . ASP A 1 18 ? 0.874   -1.114  -6.858  1.00 15.00 ? 100 ASP A HB3  1 
ATOM   277  N N    . LEU A 1 19 ? 1.522   -3.543  -5.265  1.00 11.36 ? 101 LEU A N    1 
ATOM   278  C CA   . LEU A 1 19 ? 0.748   -4.714  -4.876  1.00 11.68 ? 101 LEU A CA   1 
ATOM   279  C C    . LEU A 1 19 ? -0.727  -4.577  -5.254  1.00 11.75 ? 101 LEU A C    1 
ATOM   280  O O    . LEU A 1 19 ? -1.337  -3.518  -5.105  1.00 12.18 ? 101 LEU A O    1 
ATOM   281  C CB   . LEU A 1 19 ? 0.833   -4.876  -3.361  1.00 12.09 ? 101 LEU A CB   1 
ATOM   282  C CG   . LEU A 1 19 ? 2.235   -5.127  -2.826  1.00 13.34 ? 101 LEU A CG   1 
ATOM   283  C CD1  . LEU A 1 19 ? 2.147   -5.401  -1.343  1.00 14.38 ? 101 LEU A CD1  1 
ATOM   284  C CD2  . LEU A 1 19 ? 2.927   -6.240  -3.569  1.00 14.75 ? 101 LEU A CD2  1 
ATOM   285  H H    . LEU A 1 19 ? 1.617   -2.953  -4.646  1.00 13.63 ? 101 LEU A H    1 
ATOM   286  H HA   . LEU A 1 19 ? 1.104   -5.493  -5.333  1.00 14.01 ? 101 LEU A HA   1 
ATOM   287  H HB2  . LEU A 1 19 ? 0.503   -4.064  -2.946  1.00 14.51 ? 101 LEU A HB2  1 
ATOM   288  H HB3  . LEU A 1 19 ? 0.280   -5.629  -3.100  1.00 14.51 ? 101 LEU A HB3  1 
ATOM   289  H HG   . LEU A 1 19 ? 2.788   -4.343  -2.965  1.00 16.01 ? 101 LEU A HG   1 
ATOM   290  H HD11 . LEU A 1 19 ? 3.042   -5.537  -0.993  1.00 17.26 ? 101 LEU A HD11 1 
ATOM   291  H HD12 . LEU A 1 19 ? 1.732   -4.641  -0.905  1.00 17.26 ? 101 LEU A HD12 1 
ATOM   292  H HD13 . LEU A 1 19 ? 1.611   -6.197  -1.200  1.00 17.26 ? 101 LEU A HD13 1 
ATOM   293  H HD21 . LEU A 1 19 ? 3.694   -6.534  -3.053  1.00 17.70 ? 101 LEU A HD21 1 
ATOM   294  H HD22 . LEU A 1 19 ? 2.305   -6.975  -3.686  1.00 17.70 ? 101 LEU A HD22 1 
ATOM   295  H HD23 . LEU A 1 19 ? 3.216   -5.910  -4.434  1.00 17.70 ? 101 LEU A HD23 1 
ATOM   296  N N    . SER A 1 20 ? -1.312  -5.687  -5.705  1.00 12.36 ? 102 SER A N    1 
ATOM   297  C CA   . SER A 1 20 ? -2.758  -5.825  -5.701  1.00 12.35 ? 102 SER A CA   1 
ATOM   298  C C    . SER A 1 20 ? -3.165  -6.377  -4.337  1.00 12.11 ? 102 SER A C    1 
ATOM   299  O O    . SER A 1 20 ? -2.465  -7.215  -3.773  1.00 13.32 ? 102 SER A O    1 
ATOM   300  C CB   . SER A 1 20 ? -3.267  -6.745  -6.807  1.00 14.13 ? 102 SER A CB   1 
ATOM   301  O OG   . SER A 1 20 ? -2.968  -6.172  -8.059  1.00 15.09 ? 102 SER A OG   1 
ATOM   302  H H    . SER A 1 20 ? -0.891  -6.369  -6.017  1.00 14.83 ? 102 SER A H    1 
ATOM   303  H HA   . SER A 1 20 ? -3.172  -4.963  -5.863  1.00 14.82 ? 102 SER A HA   1 
ATOM   304  H HB2  . SER A 1 20 ? -2.831  -7.608  -6.735  1.00 16.95 ? 102 SER A HB2  1 
ATOM   305  H HB3  . SER A 1 20 ? -4.228  -6.850  -6.722  1.00 16.95 ? 102 SER A HB3  1 
ATOM   306  H HG   . SER A 1 20 ? -3.292  -6.642  -8.675  1.00 18.10 ? 102 SER A HG   1 
ATOM   307  N N    . PHE A 1 21 ? -4.333  -5.971  -3.849  1.00 11.71 ? 103 PHE A N    1 
ATOM   308  C CA   . PHE A 1 21 ? -4.762  -6.429  -2.538  1.00 11.46 ? 103 PHE A CA   1 
ATOM   309  C C    . PHE A 1 21 ? -6.271  -6.312  -2.402  1.00 11.86 ? 103 PHE A C    1 
ATOM   310  O O    . PHE A 1 21 ? -6.969  -5.714  -3.223  1.00 12.13 ? 103 PHE A O    1 
ATOM   311  C CB   . PHE A 1 21 ? -4.029  -5.671  -1.420  1.00 11.45 ? 103 PHE A CB   1 
ATOM   312  C CG   . PHE A 1 21 ? -4.131  -4.152  -1.495  1.00 11.14 ? 103 PHE A CG   1 
ATOM   313  C CD1  . PHE A 1 21 ? -5.220  -3.476  -0.992  1.00 11.69 ? 103 PHE A CD1  1 
ATOM   314  C CD2  . PHE A 1 21 ? -3.127  -3.412  -2.087  1.00 11.26 ? 103 PHE A CD2  1 
ATOM   315  C CE1  . PHE A 1 21 ? -5.279  -2.104  -1.032  1.00 11.94 ? 103 PHE A CE1  1 
ATOM   316  C CE2  . PHE A 1 21 ? -3.156  -2.035  -2.136  1.00 11.46 ? 103 PHE A CE2  1 
ATOM   317  C CZ   . PHE A 1 21 ? -4.257  -1.360  -1.605  1.00 11.60 ? 103 PHE A CZ   1 
ATOM   318  H H    . PHE A 1 21 ? -4.880  -5.444  -4.250  1.00 14.05 ? 103 PHE A H    1 
ATOM   319  H HA   . PHE A 1 21 ? -4.555  -7.373  -2.460  1.00 13.75 ? 103 PHE A HA   1 
ATOM   320  H HB2  . PHE A 1 21 ? -4.401  -5.946  -0.568  1.00 13.74 ? 103 PHE A HB2  1 
ATOM   321  H HB3  . PHE A 1 21 ? -3.087  -5.901  -1.461  1.00 13.74 ? 103 PHE A HB3  1 
ATOM   322  H HD1  . PHE A 1 21 ? -5.926  -3.955  -0.621  1.00 14.03 ? 103 PHE A HD1  1 
ATOM   323  H HD2  . PHE A 1 21 ? -2.406  -3.859  -2.468  1.00 13.52 ? 103 PHE A HD2  1 
ATOM   324  H HE1  . PHE A 1 21 ? -6.015  -1.666  -0.669  1.00 14.33 ? 103 PHE A HE1  1 
ATOM   325  H HE2  . PHE A 1 21 ? -2.451  -1.563  -2.516  1.00 13.76 ? 103 PHE A HE2  1 
ATOM   326  H HZ   . PHE A 1 21 ? -4.305  -0.431  -1.636  1.00 13.92 ? 103 PHE A HZ   1 
ATOM   327  N N    . HIS A 1 22 ? -6.765  -6.944  -1.349  1.00 13.02 ? 104 HIS A N    1 
ATOM   328  C CA   . HIS A 1 22 ? -8.181  -6.960  -1.028  1.00 12.11 ? 104 HIS A CA   1 
ATOM   329  C C    . HIS A 1 22 ? -8.414  -6.419  0.370   1.00 11.47 ? 104 HIS A C    1 
ATOM   330  O O    . HIS A 1 22 ? -7.530  -6.488  1.229   1.00 12.02 ? 104 HIS A O    1 
ATOM   331  C CB   . HIS A 1 22 ? -8.764  -8.364  -1.186  1.00 13.93 ? 104 HIS A CB   1 
ATOM   332  C CG   . HIS A 1 22 ? -8.838  -8.796  -2.617  1.00 16.84 ? 104 HIS A CG   1 
ATOM   333  N ND1  . HIS A 1 22 ? -7.750  -9.269  -3.316  1.00 19.48 ? 104 HIS A ND1  1 
ATOM   334  C CD2  . HIS A 1 22 ? -9.839  -8.683  -3.522  1.00 19.88 ? 104 HIS A CD2  1 
ATOM   335  C CE1  . HIS A 1 22 ? -8.100  -9.511  -4.566  1.00 19.98 ? 104 HIS A CE1  1 
ATOM   336  N NE2  . HIS A 1 22 ? -9.357  -9.135  -4.722  1.00 21.20 ? 104 HIS A NE2  1 
ATOM   337  H H    . HIS A 1 22 ? -6.284  -7.386  -0.789  1.00 15.63 ? 104 HIS A H    1 
ATOM   338  H HA   . HIS A 1 22 ? -8.662  -6.376  -1.633  1.00 14.54 ? 104 HIS A HA   1 
ATOM   339  H HB2  . HIS A 1 22 ? -8.204  -8.996  -0.710  1.00 16.72 ? 104 HIS A HB2  1 
ATOM   340  H HB3  . HIS A 1 22 ? -9.663  -8.377  -0.821  1.00 16.72 ? 104 HIS A HB3  1 
ATOM   341  H HD1  . HIS A 1 22 ? -6.964  -9.388  -2.989  1.00 23.38 ? 104 HIS A HD1  1 
ATOM   342  H HD2  . HIS A 1 22 ? -10.695 -8.359  -3.358  1.00 23.86 ? 104 HIS A HD2  1 
ATOM   343  H HE1  . HIS A 1 22 ? -7.556  -9.881  -5.223  1.00 23.98 ? 104 HIS A HE1  1 
ATOM   344  N N    . LYS A 1 23 ? -9.621  -5.879  0.557   1.00 11.99 ? 105 LYS A N    1 
ATOM   345  C CA   . LYS A 1 23 ? -10.036 -5.338  1.839   1.00 12.35 ? 105 LYS A CA   1 
ATOM   346  C C    . LYS A 1 23 ? -9.733  -6.332  2.955   1.00 11.78 ? 105 LYS A C    1 
ATOM   347  O O    . LYS A 1 23 ? -10.018 -7.521  2.856   1.00 13.34 ? 105 LYS A O    1 
ATOM   348  C CB   . LYS A 1 23 ? -11.531 -4.999  1.797   1.00 13.99 ? 105 LYS A CB   1 
ATOM   349  C CG   . LYS A 1 23 ? -12.118 -4.508  3.109   1.00 15.32 ? 105 LYS A CG   1 
ATOM   350  C CD   . LYS A 1 23 ? -13.535 -3.980  2.921   1.00 18.68 ? 105 LYS A CD   1 
ATOM   351  C CE   . LYS A 1 23 ? -14.051 -3.276  4.198   1.00 20.80 ? 105 LYS A CE   1 
ATOM   352  N NZ   . LYS A 1 23 ? -15.384 -2.623  4.008   1.00 25.43 ? 105 LYS A NZ   1 
ATOM   353  H H    . LYS A 1 23 ? -10.222 -5.817  -0.054  1.00 14.39 ? 105 LYS A H    1 
ATOM   354  H HA   . LYS A 1 23 ? -9.550  -4.520  2.028   1.00 14.82 ? 105 LYS A HA   1 
ATOM   355  H HB2  . LYS A 1 23 ? -11.668 -4.301  1.138   1.00 16.79 ? 105 LYS A HB2  1 
ATOM   356  H HB3  . LYS A 1 23 ? -12.019 -5.798  1.541   1.00 16.79 ? 105 LYS A HB3  1 
ATOM   357  H HG2  . LYS A 1 23 ? -12.146 -5.242  3.742   1.00 18.38 ? 105 LYS A HG2  1 
ATOM   358  H HG3  . LYS A 1 23 ? -11.568 -3.789  3.458   1.00 18.38 ? 105 LYS A HG3  1 
ATOM   359  H HD2  . LYS A 1 23 ? -13.545 -3.337  2.194   1.00 22.41 ? 105 LYS A HD2  1 
ATOM   360  H HD3  . LYS A 1 23 ? -14.129 -4.719  2.718   1.00 22.41 ? 105 LYS A HD3  1 
ATOM   361  H HE2  . LYS A 1 23 ? -14.139 -3.934  4.906   1.00 24.96 ? 105 LYS A HE2  1 
ATOM   362  H HE3  . LYS A 1 23 ? -13.417 -2.591  4.458   1.00 24.96 ? 105 LYS A HE3  1 
ATOM   363  H HZ1  . LYS A 1 23 ? -15.651 -2.250  4.771   1.00 30.51 ? 105 LYS A HZ1  1 
ATOM   364  H HZ2  . LYS A 1 23 ? -15.328 -1.992  3.382   1.00 30.51 ? 105 LYS A HZ2  1 
ATOM   365  H HZ3  . LYS A 1 23 ? -15.987 -3.228  3.755   1.00 30.51 ? 105 LYS A HZ3  1 
ATOM   366  N N    . GLY A 1 24 ? -9.162  -5.825  4.039   1.00 11.58 ? 106 GLY A N    1 
ATOM   367  C CA   . GLY A 1 24 ? -8.860  -6.628  5.193   1.00 12.20 ? 106 GLY A CA   1 
ATOM   368  C C    . GLY A 1 24 ? -7.470  -7.201  5.236   1.00 12.48 ? 106 GLY A C    1 
ATOM   369  O O    . GLY A 1 24 ? -7.045  -7.700  6.277   1.00 14.02 ? 106 GLY A O    1 
ATOM   370  H H    . GLY A 1 24 ? -8.937  -4.998  4.123   1.00 13.89 ? 106 GLY A H    1 
ATOM   371  H HA2  . GLY A 1 24 ? -8.978  -6.082  5.987   1.00 14.64 ? 106 GLY A HA2  1 
ATOM   372  H HA3  . GLY A 1 24 ? -9.484  -7.369  5.225   1.00 14.64 ? 106 GLY A HA3  1 
ATOM   373  N N    . GLU A 1 25 ? -6.768  -7.209  4.125   1.00 12.10 ? 107 GLU A N    1 
ATOM   374  C CA   . GLU A 1 25 ? -5.386  -7.660  4.148   1.00 12.49 ? 107 GLU A CA   1 
ATOM   375  C C    . GLU A 1 25 ? -4.521  -6.726  4.985   1.00 12.08 ? 107 GLU A C    1 
ATOM   376  O O    . GLU A 1 25 ? -4.789  -5.536  5.104   1.00 12.99 ? 107 GLU A O    1 
ATOM   377  C CB   . GLU A 1 25 ? -4.899  -7.819  2.718   1.00 13.49 ? 107 GLU A CB   1 
ATOM   378  C CG   . GLU A 1 25 ? -5.682  -8.964  1.994   1.00 15.17 ? 107 GLU A CG   1 
ATOM   379  C CD   . GLU A 1 25 ? -5.294  -9.205  0.566   1.00 15.74 ? 107 GLU A CD   1 
ATOM   380  O OE1  . GLU A 1 25 ? -5.775  -10.187 -0.045  1.00 15.63 ? 107 GLU A OE1  1 
ATOM   381  O OE2  . GLU A 1 25 ? -4.533  -8.397  0.005   1.00 17.25 ? 107 GLU A OE2  1 
ATOM   382  H H    . GLU A 1 25 ? -7.059  -6.963  3.354   1.00 14.52 ? 107 GLU A H    1 
ATOM   383  H HA   . GLU A 1 25 ? -5.303  -8.527  4.575   1.00 14.98 ? 107 GLU A HA   1 
ATOM   384  H HB2  . GLU A 1 25 ? -5.043  -6.991  2.234   1.00 16.19 ? 107 GLU A HB2  1 
ATOM   385  H HB3  . GLU A 1 25 ? -3.955  -8.041  2.720   1.00 16.19 ? 107 GLU A HB3  1 
ATOM   386  H HG2  . GLU A 1 25 ? -5.529  -9.791  2.477   1.00 18.20 ? 107 GLU A HG2  1 
ATOM   387  H HG3  . GLU A 1 25 ? -6.625  -8.743  2.003   1.00 18.20 ? 107 GLU A HG3  1 
ATOM   388  N N    . LYS A 1 26 ? -3.468  -7.283  5.583   1.00 12.00 ? 108 LYS A N    1 
ATOM   389  C CA   . LYS A 1 26 ? -2.616  -6.556  6.517   1.00 12.19 ? 108 LYS A CA   1 
ATOM   390  C C    . LYS A 1 26 ? -1.193  -6.432  5.981   1.00 11.23 ? 108 LYS A C    1 
ATOM   391  O O    . LYS A 1 26 ? -0.667  -7.323  5.289   1.00 11.93 ? 108 LYS A O    1 
ATOM   392  C CB   . LYS A 1 26 ? -2.590  -7.265  7.858   1.00 15.14 ? 108 LYS A CB   1 
ATOM   393  C CG   . LYS A 1 26 ? -3.887  -7.162  8.628   1.00 19.00 ? 108 LYS A CG   1 
ATOM   394  C CD   . LYS A 1 26 ? -3.673  -7.567  10.088  1.00 24.10 ? 108 LYS A CD   1 
ATOM   395  C CE   . LYS A 1 26 ? -4.956  -7.831  10.804  1.00 28.22 ? 108 LYS A CE   1 
ATOM   396  N NZ   . LYS A 1 26 ? -4.584  -8.454  12.098  1.00 31.18 ? 108 LYS A NZ   1 
ATOM   397  H H    . LYS A 1 26 ? -3.223  -8.099  5.459   1.00 14.40 ? 108 LYS A H    1 
ATOM   398  H HA   . LYS A 1 26 ? -2.958  -5.655  6.630   1.00 14.62 ? 108 LYS A HA   1 
ATOM   399  H HB2  . LYS A 1 26 ? -2.408  -8.207  7.710   1.00 18.17 ? 108 LYS A HB2  1 
ATOM   400  H HB3  . LYS A 1 26 ? -1.889  -6.875  8.404   1.00 18.17 ? 108 LYS A HB3  1 
ATOM   401  H HG2  . LYS A 1 26 ? -4.207  -6.247  8.604   1.00 22.80 ? 108 LYS A HG2  1 
ATOM   402  H HG3  . LYS A 1 26 ? -4.546  -7.755  8.235   1.00 22.80 ? 108 LYS A HG3  1 
ATOM   403  H HD2  . LYS A 1 26 ? -3.141  -8.378  10.118  1.00 28.92 ? 108 LYS A HD2  1 
ATOM   404  H HD3  . LYS A 1 26 ? -3.213  -6.851  10.552  1.00 28.92 ? 108 LYS A HD3  1 
ATOM   405  H HE2  . LYS A 1 26 ? -5.434  -7.003  10.965  1.00 33.87 ? 108 LYS A HE2  1 
ATOM   406  H HE3  . LYS A 1 26 ? -5.512  -8.442  10.295  1.00 33.87 ? 108 LYS A HE3  1 
ATOM   407  H HZ1  . LYS A 1 26 ? -5.313  -8.612  12.581  1.00 37.42 ? 108 LYS A HZ1  1 
ATOM   408  H HZ2  . LYS A 1 26 ? -4.159  -9.222  11.955  1.00 37.42 ? 108 LYS A HZ2  1 
ATOM   409  H HZ3  . LYS A 1 26 ? -4.047  -7.909  12.555  1.00 37.42 ? 108 LYS A HZ3  1 
ATOM   410  N N    . PHE A 1 27 ? -0.568  -5.314  6.342   1.00 10.84 ? 109 PHE A N    1 
ATOM   411  C CA   . PHE A 1 27 ? 0.748   -4.958  5.842   1.00 11.25 ? 109 PHE A CA   1 
ATOM   412  C C    . PHE A 1 27 ? 1.659   -4.475  6.957   1.00 11.63 ? 109 PHE A C    1 
ATOM   413  O O    . PHE A 1 27 ? 1.232   -3.811  7.901   1.00 12.70 ? 109 PHE A O    1 
ATOM   414  C CB   . PHE A 1 27 ? 0.680   -3.778  4.829   1.00 11.54 ? 109 PHE A CB   1 
ATOM   415  C CG   . PHE A 1 27 ? -0.289  -4.014  3.701   1.00 11.64 ? 109 PHE A CG   1 
ATOM   416  C CD1  . PHE A 1 27 ? 0.136   -4.593  2.521   1.00 12.27 ? 109 PHE A CD1  1 
ATOM   417  C CD2  . PHE A 1 27 ? -1.632  -3.644  3.822   1.00 13.38 ? 109 PHE A CD2  1 
ATOM   418  C CE1  . PHE A 1 27 ? -0.740  -4.809  1.500   1.00 13.60 ? 109 PHE A CE1  1 
ATOM   419  C CE2  . PHE A 1 27 ? -2.486  -3.875  2.810   1.00 15.01 ? 109 PHE A CE2  1 
ATOM   420  C CZ   . PHE A 1 27 ? -2.052  -4.432  1.636   1.00 15.07 ? 109 PHE A CZ   1 
ATOM   421  H H    . PHE A 1 27 ? -0.895  -4.736  6.888   1.00 13.01 ? 109 PHE A H    1 
ATOM   422  H HA   . PHE A 1 27 ? 1.115   -5.758  5.436   1.00 13.50 ? 109 PHE A HA   1 
ATOM   423  H HB2  . PHE A 1 27 ? 0.400   -2.977  5.299   1.00 13.85 ? 109 PHE A HB2  1 
ATOM   424  H HB3  . PHE A 1 27 ? 1.560   -3.645  4.444   1.00 13.85 ? 109 PHE A HB3  1 
ATOM   425  H HD1  . PHE A 1 27 ? 1.028   -4.838  2.423   1.00 14.72 ? 109 PHE A HD1  1 
ATOM   426  H HD2  . PHE A 1 27 ? -1.933  -3.237  4.602   1.00 16.06 ? 109 PHE A HD2  1 
ATOM   427  H HE1  . PHE A 1 27 ? -0.450  -5.212  0.713   1.00 16.32 ? 109 PHE A HE1  1 
ATOM   428  H HE2  . PHE A 1 27 ? -3.384  -3.654  2.909   1.00 18.02 ? 109 PHE A HE2  1 
ATOM   429  H HZ   . PHE A 1 27 ? -2.646  -4.555  0.930   1.00 18.08 ? 109 PHE A HZ   1 
ATOM   430  N N    . GLN A 1 28 ? 2.942   -4.784  6.785   1.00 11.74 ? 110 GLN A N    1 
ATOM   431  C CA   . GLN A 1 28 ? 4.036   -4.133  7.469   1.00 13.06 ? 110 GLN A CA   1 
ATOM   432  C C    . GLN A 1 28 ? 4.614   -3.090  6.531   1.00 13.14 ? 110 GLN A C    1 
ATOM   433  O O    . GLN A 1 28 ? 4.804   -3.362  5.349   1.00 15.29 ? 110 GLN A O    1 
ATOM   434  C CB   . GLN A 1 28 ? 5.163   -5.117  7.761   1.00 15.98 ? 110 GLN A CB   1 
ATOM   435  C CG   . GLN A 1 28 ? 4.754   -6.325  8.503   1.00 19.26 ? 110 GLN A CG   1 
ATOM   436  C CD   . GLN A 1 28 ? 5.747   -7.437  8.364   1.00 21.24 ? 110 GLN A CD   1 
ATOM   437  O OE1  . GLN A 1 28 ? 5.879   -8.043  7.305   1.00 25.23 ? 110 GLN A OE1  1 
ATOM   438  N NE2  . GLN A 1 28 ? 6.458   -7.712  9.432   1.00 24.54 ? 110 GLN A NE2  1 
ATOM   439  H H    . GLN A 1 28 ? 3.209   -5.400  6.248   1.00 14.09 ? 110 GLN A H    1 
ATOM   440  H HA   . GLN A 1 28 ? 3.717   -3.744  8.298   1.00 15.67 ? 110 GLN A HA   1 
ATOM   441  H HB2  . GLN A 1 28 ? 5.543   -5.408  6.917   1.00 19.17 ? 110 GLN A HB2  1 
ATOM   442  H HB3  . GLN A 1 28 ? 5.837   -4.664  8.290   1.00 19.17 ? 110 GLN A HB3  1 
ATOM   443  H HG2  . GLN A 1 28 ? 4.673   -6.108  9.444   1.00 23.12 ? 110 GLN A HG2  1 
ATOM   444  H HG3  . GLN A 1 28 ? 3.903   -6.637  8.159   1.00 23.12 ? 110 GLN A HG3  1 
ATOM   445  H HE21 . GLN A 1 28 ? 6.338   -7.264  10.155  1.00 29.45 ? 110 GLN A HE21 1 
ATOM   446  H HE22 . GLN A 1 28 ? 7.044   -8.341  9.408   1.00 29.45 ? 110 GLN A HE22 1 
ATOM   447  N N    . ILE A 1 29 ? 4.947   -1.925  7.055   1.00 13.83 ? 111 ILE A N    1 
ATOM   448  C CA   . ILE A 1 29 ? 5.496   -0.843  6.242   1.00 15.23 ? 111 ILE A CA   1 
ATOM   449  C C    . ILE A 1 29 ? 7.015   -0.963  6.187   1.00 15.21 ? 111 ILE A C    1 
ATOM   450  O O    . ILE A 1 29 ? 7.679   -1.071  7.219   1.00 19.07 ? 111 ILE A O    1 
ATOM   451  C CB   . ILE A 1 29 ? 5.056   0.532   6.772   1.00 18.77 ? 111 ILE A CB   1 
ATOM   452  C CG1  . ILE A 1 29 ? 3.526   0.581   6.844   1.00 20.35 ? 111 ILE A CG1  1 
ATOM   453  C CG2  . ILE A 1 29 ? 5.536   1.637   5.864   1.00 21.16 ? 111 ILE A CG2  1 
ATOM   454  C CD1  . ILE A 1 29 ? 2.780   0.199   5.538   1.00 20.57 ? 111 ILE A CD1  1 
ATOM   455  H H    . ILE A 1 29 ? 4.865   -1.729  7.888   1.00 16.59 ? 111 ILE A H    1 
ATOM   456  H HA   . ILE A 1 29 ? 5.162   -0.937  5.336   1.00 18.27 ? 111 ILE A HA   1 
ATOM   457  H HB   . ILE A 1 29 ? 5.443   0.656   7.653   1.00 22.53 ? 111 ILE A HB   1 
ATOM   458  H HG12 . ILE A 1 29 ? 3.233   -0.034  7.534   1.00 24.42 ? 111 ILE A HG12 1 
ATOM   459  H HG13 . ILE A 1 29 ? 3.261   1.486   7.072   1.00 24.42 ? 111 ILE A HG13 1 
ATOM   460  H HG21 . ILE A 1 29 ? 5.071   2.458   6.091   1.00 25.39 ? 111 ILE A HG21 1 
ATOM   461  H HG22 . ILE A 1 29 ? 6.491   1.754   5.986   1.00 25.39 ? 111 ILE A HG22 1 
ATOM   462  H HG23 . ILE A 1 29 ? 5.347   1.395   4.944   1.00 25.39 ? 111 ILE A HG23 1 
ATOM   463  H HD11 . ILE A 1 29 ? 1.835   0.387   5.647   1.00 24.69 ? 111 ILE A HD11 1 
ATOM   464  H HD12 . ILE A 1 29 ? 3.139   0.722   4.804   1.00 24.69 ? 111 ILE A HD12 1 
ATOM   465  H HD13 . ILE A 1 29 ? 2.911   -0.747  5.365   1.00 24.69 ? 111 ILE A HD13 1 
ATOM   466  N N    . VAL A 1 30 ? 7.561   -0.968  4.981   1.00 14.67 ? 112 VAL A N    1 
ATOM   467  C CA   . VAL A 1 30 ? 9.004   -0.911  4.779   1.00 16.19 ? 112 VAL A CA   1 
ATOM   468  C C    . VAL A 1 30 ? 9.499   0.529   4.680   1.00 15.89 ? 112 VAL A C    1 
ATOM   469  O O    . VAL A 1 30 ? 10.491  0.896   5.311   1.00 17.49 ? 112 VAL A O    1 
ATOM   470  C CB   . VAL A 1 30 ? 9.380   -1.708  3.516   1.00 16.91 ? 112 VAL A CB   1 
ATOM   471  C CG1  . VAL A 1 30 ? 10.881  -1.692  3.304   1.00 17.93 ? 112 VAL A CG1  1 
ATOM   472  C CG2  . VAL A 1 30 ? 8.878   -3.134  3.564   1.00 17.98 ? 112 VAL A CG2  1 
ATOM   473  H H    . VAL A 1 30 ? 7.111   -1.004  4.248   1.00 17.60 ? 112 VAL A H    1 
ATOM   474  H HA   . VAL A 1 30 ? 9.434   -1.321  5.545   1.00 19.43 ? 112 VAL A HA   1 
ATOM   475  H HB   . VAL A 1 30 ? 8.947   -1.276  2.763   1.00 20.29 ? 112 VAL A HB   1 
ATOM   476  H HG11 . VAL A 1 30 ? 11.116  -2.372  2.654   1.00 21.52 ? 112 VAL A HG11 1 
ATOM   477  H HG12 . VAL A 1 30 ? 11.144  -0.818  2.978   1.00 21.52 ? 112 VAL A HG12 1 
ATOM   478  H HG13 . VAL A 1 30 ? 11.322  -1.877  4.148   1.00 21.52 ? 112 VAL A HG13 1 
ATOM   479  H HG21 . VAL A 1 30 ? 9.216   -3.614  2.793   1.00 21.57 ? 112 VAL A HG21 1 
ATOM   480  H HG22 . VAL A 1 30 ? 9.195   -3.553  4.380   1.00 21.57 ? 112 VAL A HG22 1 
ATOM   481  H HG23 . VAL A 1 30 ? 7.908   -3.128  3.551   1.00 21.57 ? 112 VAL A HG23 1 
ATOM   482  N N    . ASN A 1 31 ? 8.838   1.372   3.889   1.00 15.03 ? 113 ASN A N    1 
ATOM   483  C CA   . ASN A 1 31 ? 9.207   2.777   3.770   1.00 15.60 ? 113 ASN A CA   1 
ATOM   484  C C    . ASN A 1 31 ? 7.961   3.610   3.534   1.00 15.24 ? 113 ASN A C    1 
ATOM   485  O O    . ASN A 1 31 ? 7.246   3.392   2.569   1.00 16.03 ? 113 ASN A O    1 
ATOM   486  C CB   . ASN A 1 31 ? 10.196  3.059   2.646   1.00 16.64 ? 113 ASN A CB   1 
ATOM   487  C CG   . ASN A 1 31 ? 10.641  4.497   2.629   1.00 18.27 ? 113 ASN A CG   1 
ATOM   488  O OD1  . ASN A 1 31 ? 9.876   5.416   2.292   1.00 19.44 ? 113 ASN A OD1  1 
ATOM   489  N ND2  . ASN A 1 31 ? 11.845  4.716   3.102   1.00 21.08 ? 113 ASN A ND2  1 
ATOM   490  H H    . ASN A 1 31 ? 8.162   1.149   3.404   1.00 18.03 ? 113 ASN A H    1 
ATOM   491  H HA   . ASN A 1 31 ? 9.622   3.021   4.613   1.00 18.73 ? 113 ASN A HA   1 
ATOM   492  H HB2  . ASN A 1 31 ? 10.980  2.501   2.765   1.00 19.97 ? 113 ASN A HB2  1 
ATOM   493  H HB3  . ASN A 1 31 ? 9.775   2.863   1.795   1.00 19.97 ? 113 ASN A HB3  1 
ATOM   494  H HD21 . ASN A 1 31 ? 12.160  5.516   3.121   1.00 25.29 ? 113 ASN A HD21 1 
ATOM   495  H HD22 . ASN A 1 31 ? 12.319  4.061   3.391   1.00 25.29 ? 113 ASN A HD22 1 
ATOM   496  N N    . ASN A 1 32 ? 7.744   4.613   4.385   1.00 16.40 ? 114 ASN A N    1 
ATOM   497  C CA   . ASN A 1 32 ? 6.633   5.552   4.279   1.00 18.84 ? 114 ASN A CA   1 
ATOM   498  C C    . ASN A 1 32 ? 7.087   7.013   4.276   1.00 20.69 ? 114 ASN A C    1 
ATOM   499  O O    . ASN A 1 32 ? 6.275   7.923   4.520   1.00 23.43 ? 114 ASN A O    1 
ATOM   500  C CB   . ASN A 1 32 ? 5.657   5.400   5.455   1.00 20.83 ? 114 ASN A CB   1 
ATOM   501  C CG   . ASN A 1 32 ? 6.356   5.598   6.813   1.00 22.25 ? 114 ASN A CG   1 
ATOM   502  O OD1  . ASN A 1 32 ? 7.473   6.113   6.885   1.00 26.45 ? 114 ASN A OD1  1 
ATOM   503  N ND2  . ASN A 1 32 ? 5.628   5.353   7.899   1.00 26.28 ? 114 ASN A ND2  1 
ATOM   504  H H    . ASN A 1 32 ? 8.249   4.775   5.062   1.00 19.68 ? 114 ASN A H    1 
ATOM   505  H HA   . ASN A 1 32 ? 6.188   5.351   3.441   1.00 22.61 ? 114 ASN A HA   1 
ATOM   506  H HB2  . ASN A 1 32 ? 4.955   6.064   5.376   1.00 24.99 ? 114 ASN A HB2  1 
ATOM   507  H HB3  . ASN A 1 32 ? 5.275   4.508   5.439   1.00 24.99 ? 114 ASN A HB3  1 
ATOM   508  H HD21 . ASN A 1 32 ? 4.810   5.097   7.819   1.00 31.54 ? 114 ASN A HD21 1 
ATOM   509  H HD22 . ASN A 1 32 ? 5.973   5.450   8.680   1.00 31.54 ? 114 ASN A HD22 1 
ATOM   510  N N    . THR A 1 33 ? 8.351   7.278   4.050   1.00 20.26 ? 115 THR A N    1 
ATOM   511  C CA   . THR A 1 33 ? 8.791   8.653   4.132   1.00 21.87 ? 115 THR A CA   1 
ATOM   512  C C    . THR A 1 33 ? 9.097   9.259   2.780   1.00 20.36 ? 115 THR A C    1 
ATOM   513  O O    . THR A 1 33 ? 9.272   10.480  2.703   1.00 24.16 ? 115 THR A O    1 
ATOM   514  C CB   . THR A 1 33 ? 10.031  8.782   5.018   1.00 24.68 ? 115 THR A CB   1 
ATOM   515  O OG1  . THR A 1 33 ? 11.070  7.952   4.487   1.00 25.68 ? 115 THR A OG1  1 
ATOM   516  C CG2  . THR A 1 33 ? 9.701   8.360   6.439   1.00 26.13 ? 115 THR A CG2  1 
ATOM   517  H H    . THR A 1 33 ? 8.957   6.700   3.854   1.00 24.31 ? 115 THR A H    1 
ATOM   518  H HA   . THR A 1 33 ? 8.083   9.169   4.549   1.00 26.24 ? 115 THR A HA   1 
ATOM   519  H HB   . THR A 1 33 ? 10.339  9.702   5.041   1.00 29.62 ? 115 THR A HB   1 
ATOM   520  H HG1  . THR A 1 33 ? 11.754  8.002   4.971   1.00 30.82 ? 115 THR A HG1  1 
ATOM   521  H HG21 . THR A 1 33 ? 10.430  8.597   7.033   1.00 31.36 ? 115 THR A HG21 1 
ATOM   522  H HG22 . THR A 1 33 ? 8.893   8.806   6.737   1.00 31.36 ? 115 THR A HG22 1 
ATOM   523  H HG23 . THR A 1 33 ? 9.564   7.400   6.476   1.00 31.36 ? 115 THR A HG23 1 
ATOM   524  N N    . GLU A 1 34 ? 9.156   8.457   1.714   1.00 17.15 ? 116 GLU A N    1 
ATOM   525  C CA   . GLU A 1 34 ? 9.516   9.002   0.410   1.00 16.40 ? 116 GLU A CA   1 
ATOM   526  C C    . GLU A 1 34 ? 8.361   9.597   -0.377  1.00 16.73 ? 116 GLU A C    1 
ATOM   527  O O    . GLU A 1 34 ? 8.617   10.334  -1.317  1.00 19.78 ? 116 GLU A O    1 
ATOM   528  C CB   . GLU A 1 34 ? 10.198  7.909   -0.408  1.00 17.58 ? 116 GLU A CB   1 
ATOM   529  C CG   . GLU A 1 34 ? 11.552  7.511   0.219   1.00 19.53 ? 116 GLU A CG   1 
ATOM   530  C CD   . GLU A 1 34 ? 12.468  6.725   -0.699  1.00 22.38 ? 116 GLU A CD   1 
ATOM   531  O OE1  . GLU A 1 34 ? 11.969  6.028   -1.589  1.00 26.46 ? 116 GLU A OE1  1 
ATOM   532  O OE2  . GLU A 1 34 ? 13.709  6.774   -0.526  1.00 25.84 ? 116 GLU A OE2  1 
ATOM   533  H H    . GLU A 1 34 ? 8.995   7.613   1.722   1.00 20.59 ? 116 GLU A H    1 
ATOM   534  H HA   . GLU A 1 34 ? 10.137  9.734   0.549   1.00 19.69 ? 116 GLU A HA   1 
ATOM   535  H HB2  . GLU A 1 34 ? 9.628   7.125   -0.435  1.00 21.10 ? 116 GLU A HB2  1 
ATOM   536  H HB3  . GLU A 1 34 ? 10.358  8.233   -1.309  1.00 21.10 ? 116 GLU A HB3  1 
ATOM   537  H HG2  . GLU A 1 34 ? 12.023  8.319   0.478   1.00 23.43 ? 116 GLU A HG2  1 
ATOM   538  H HG3  . GLU A 1 34 ? 11.381  6.961   1.000   1.00 23.43 ? 116 GLU A HG3  1 
ATOM   539  N N    . GLY A 1 35 ? 7.118   9.319   -0.023  1.00 16.02 ? 117 GLY A N    1 
ATOM   540  C CA   . GLY A 1 35 ? 5.987   9.881   -0.727  1.00 15.69 ? 117 GLY A CA   1 
ATOM   541  C C    . GLY A 1 35 ? 4.715   9.193   -0.280  1.00 14.61 ? 117 GLY A C    1 
ATOM   542  O O    . GLY A 1 35 ? 4.712   8.431   0.693   1.00 15.44 ? 117 GLY A O    1 
ATOM   543  H H    . GLY A 1 35 ? 6.902   8.801   0.628   1.00 19.22 ? 117 GLY A H    1 
ATOM   544  H HA2  . GLY A 1 35 ? 5.917   10.830  -0.538  1.00 18.83 ? 117 GLY A HA2  1 
ATOM   545  H HA3  . GLY A 1 35 ? 6.095   9.756   -1.683  1.00 18.83 ? 117 GLY A HA3  1 
ATOM   546  N N    A ASP A 1 36 ? 3.643   9.507   -1.036  0.49 14.55 ? 118 ASP A N    1 
ATOM   547  N N    B ASP A 1 36 ? 3.635   9.451   -0.980  0.51 14.78 ? 118 ASP A N    1 
ATOM   548  C CA   A ASP A 1 36 ? 2.282   9.063   -0.757  0.49 14.55 ? 118 ASP A CA   1 
ATOM   549  C CA   B ASP A 1 36 ? 2.369   8.922   -0.503  0.51 14.68 ? 118 ASP A CA   1 
ATOM   550  C C    A ASP A 1 36 ? 2.099   7.564   -0.977  0.49 13.39 ? 118 ASP A C    1 
ATOM   551  C C    B ASP A 1 36 ? 2.062   7.518   -0.993  0.51 13.19 ? 118 ASP A C    1 
ATOM   552  O O    A ASP A 1 36 ? 1.187   6.971   -0.388  0.49 13.05 ? 118 ASP A O    1 
ATOM   553  O O    B ASP A 1 36 ? 1.042   6.948   -0.585  0.51 12.79 ? 118 ASP A O    1 
ATOM   554  C CB   A ASP A 1 36 ? 1.314   9.796   -1.701  0.49 15.39 ? 118 ASP A CB   1 
ATOM   555  C CB   B ASP A 1 36 ? 1.250   9.852   -0.894  0.51 16.32 ? 118 ASP A CB   1 
ATOM   556  C CG   A ASP A 1 36 ? 1.016   11.230  -1.283  0.49 17.84 ? 118 ASP A CG   1 
ATOM   557  C CG   B ASP A 1 36 ? 1.235   11.095  -0.082  0.51 19.28 ? 118 ASP A CG   1 
ATOM   558  O OD1  A ASP A 1 36 ? 1.472   11.669  -0.202  0.49 19.30 ? 118 ASP A OD1  1 
ATOM   559  O OD1  B ASP A 1 36 ? 1.871   11.177  0.998   0.51 20.84 ? 118 ASP A OD1  1 
ATOM   560  O OD2  A ASP A 1 36 ? 0.346   11.920  -2.090  0.49 19.38 ? 118 ASP A OD2  1 
ATOM   561  O OD2  B ASP A 1 36 ? 0.564   12.002  -0.572  0.51 21.59 ? 118 ASP A OD2  1 
ATOM   562  H H    A ASP A 1 36 ? 3.688   9.995   -1.742  0.49 17.47 ? 118 ASP A H    1 
ATOM   563  H H    B ASP A 1 36 ? 3.605   9.911   -1.706  0.51 17.73 ? 118 ASP A H    1 
ATOM   564  H HA   A ASP A 1 36 ? 2.084   9.269   0.171   0.49 17.46 ? 118 ASP A HA   1 
ATOM   565  H HA   B ASP A 1 36 ? 2.406   8.877   0.465   0.51 17.61 ? 118 ASP A HA   1 
ATOM   566  H HB2  A ASP A 1 36 ? 1.702   9.820   -2.589  0.49 18.47 ? 118 ASP A HB2  1 
ATOM   567  H HB2  B ASP A 1 36 ? 1.356   10.101  -1.825  0.51 19.58 ? 118 ASP A HB2  1 
ATOM   568  H HB3  A ASP A 1 36 ? 0.472   9.313   -1.720  0.49 18.47 ? 118 ASP A HB3  1 
ATOM   569  H HB3  B ASP A 1 36 ? 0.401   9.399   -0.767  0.51 19.58 ? 118 ASP A HB3  1 
ATOM   570  N N    . TRP A 1 37 ? 2.898   6.954   -1.856  1.00 12.48 ? 119 TRP A N    1 
ATOM   571  C CA   . TRP A 1 37 ? 2.908   5.504   -2.049  1.00 11.73 ? 119 TRP A CA   1 
ATOM   572  C C    . TRP A 1 37 ? 3.961   4.944   -1.104  1.00 11.79 ? 119 TRP A C    1 
ATOM   573  O O    . TRP A 1 37 ? 5.087   5.427   -1.077  1.00 13.13 ? 119 TRP A O    1 
ATOM   574  C CB   . TRP A 1 37 ? 3.191   5.114   -3.489  1.00 12.13 ? 119 TRP A CB   1 
ATOM   575  C CG   . TRP A 1 37 ? 2.118   5.453   -4.473  1.00 11.90 ? 119 TRP A CG   1 
ATOM   576  C CD1  . TRP A 1 37 ? 1.835   6.684   -4.997  1.00 12.51 ? 119 TRP A CD1  1 
ATOM   577  C CD2  . TRP A 1 37 ? 1.192   4.540   -5.080  1.00 11.68 ? 119 TRP A CD2  1 
ATOM   578  N NE1  . TRP A 1 37 ? 0.828   6.581   -5.907  1.00 12.90 ? 119 TRP A NE1  1 
ATOM   579  C CE2  . TRP A 1 37 ? 0.412   5.279   -5.981  1.00 12.25 ? 119 TRP A CE2  1 
ATOM   580  C CE3  . TRP A 1 37 ? 0.975   3.164   -4.967  1.00 12.25 ? 119 TRP A CE3  1 
ATOM   581  C CZ2  . TRP A 1 37 ? -0.570  4.697   -6.747  1.00 12.74 ? 119 TRP A CZ2  1 
ATOM   582  C CZ3  . TRP A 1 37 ? 0.005   2.574   -5.749  1.00 12.47 ? 119 TRP A CZ3  1 
ATOM   583  C CH2  . TRP A 1 37 ? -0.765  3.349   -6.619  1.00 13.11 ? 119 TRP A CH2  1 
ATOM   584  H H    A TRP A 1 37 ? 3.455   7.368   -2.364  0.49 14.97 ? 119 TRP A H    1 
ATOM   585  H H    B TRP A 1 37 ? 3.464   7.383   -2.340  0.51 14.97 ? 119 TRP A H    1 
ATOM   586  H HA   . TRP A 1 37 ? 2.038   5.127   -1.849  1.00 14.07 ? 119 TRP A HA   1 
ATOM   587  H HB2  . TRP A 1 37 ? 3.998   5.568   -3.775  1.00 14.55 ? 119 TRP A HB2  1 
ATOM   588  H HB3  . TRP A 1 37 ? 3.321   4.153   -3.524  1.00 14.55 ? 119 TRP A HB3  1 
ATOM   589  H HD1  . TRP A 1 37 ? 2.267   7.474   -4.766  1.00 15.01 ? 119 TRP A HD1  1 
ATOM   590  H HE1  . TRP A 1 37 ? 0.504   7.233   -6.365  1.00 15.48 ? 119 TRP A HE1  1 
ATOM   591  H HE3  . TRP A 1 37 ? 1.478   2.654   -4.373  1.00 14.70 ? 119 TRP A HE3  1 
ATOM   592  H HZ2  . TRP A 1 37 ? -1.084  5.204   -7.334  1.00 15.29 ? 119 TRP A HZ2  1 
ATOM   593  H HZ3  . TRP A 1 37 ? -0.137  1.656   -5.696  1.00 14.97 ? 119 TRP A HZ3  1 
ATOM   594  H HH2  . TRP A 1 37 ? -1.428  2.938   -7.126  1.00 15.73 ? 119 TRP A HH2  1 
ATOM   595  N N    . TRP A 1 38 ? 3.587   3.948   -0.320  1.00 12.07 ? 120 TRP A N    1 
ATOM   596  C CA   . TRP A 1 38 ? 4.431   3.367   0.711   1.00 11.74 ? 120 TRP A CA   1 
ATOM   597  C C    . TRP A 1 38 ? 4.896   1.988   0.283   1.00 11.28 ? 120 TRP A C    1 
ATOM   598  O O    . TRP A 1 38 ? 4.123   1.194   -0.247  1.00 11.45 ? 120 TRP A O    1 
ATOM   599  C CB   . TRP A 1 38 ? 3.630   3.237   2.007   1.00 12.60 ? 120 TRP A CB   1 
ATOM   600  C CG   . TRP A 1 38 ? 3.184   4.513   2.631   1.00 13.08 ? 120 TRP A CG   1 
ATOM   601  C CD1  . TRP A 1 38 ? 3.538   5.771   2.299   1.00 14.02 ? 120 TRP A CD1  1 
ATOM   602  C CD2  . TRP A 1 38 ? 2.285   4.621   3.737   1.00 12.99 ? 120 TRP A CD2  1 
ATOM   603  N NE1  . TRP A 1 38 ? 2.948   6.664   3.179   1.00 14.94 ? 120 TRP A NE1  1 
ATOM   604  C CE2  . TRP A 1 38 ? 2.156   5.973   4.055   1.00 14.35 ? 120 TRP A CE2  1 
ATOM   605  C CE3  . TRP A 1 38 ? 1.573   3.677   4.482   1.00 14.43 ? 120 TRP A CE3  1 
ATOM   606  C CZ2  . TRP A 1 38 ? 1.347   6.415   5.100   1.00 15.35 ? 120 TRP A CZ2  1 
ATOM   607  C CZ3  . TRP A 1 38 ? 0.751   4.106   5.494   1.00 16.21 ? 120 TRP A CZ3  1 
ATOM   608  C CH2  . TRP A 1 38 ? 0.660   5.467   5.814   1.00 17.02 ? 120 TRP A CH2  1 
ATOM   609  H H    . TRP A 1 38 ? 2.814   3.574   -0.367  1.00 14.48 ? 120 TRP A H    1 
ATOM   610  H HA   . TRP A 1 38 ? 5.212   3.922   0.855   1.00 14.08 ? 120 TRP A HA   1 
ATOM   611  H HB2  . TRP A 1 38 ? 2.834   2.715   1.821   1.00 15.12 ? 120 TRP A HB2  1 
ATOM   612  H HB3  . TRP A 1 38 ? 4.182   2.776   2.659   1.00 15.12 ? 120 TRP A HB3  1 
ATOM   613  H HD1  . TRP A 1 38 ? 4.093   6.003   1.589   1.00 16.83 ? 120 TRP A HD1  1 
ATOM   614  H HE1  . TRP A 1 38 ? 3.061   7.516   3.175   1.00 17.93 ? 120 TRP A HE1  1 
ATOM   615  H HE3  . TRP A 1 38 ? 1.655   2.770   4.294   1.00 17.32 ? 120 TRP A HE3  1 
ATOM   616  H HZ2  . TRP A 1 38 ? 1.275   7.320   5.305   1.00 18.42 ? 120 TRP A HZ2  1 
ATOM   617  H HZ3  . TRP A 1 38 ? 0.248   3.487   5.973   1.00 19.45 ? 120 TRP A HZ3  1 
ATOM   618  H HH2  . TRP A 1 38 ? 0.124   5.732   6.526   1.00 20.43 ? 120 TRP A HH2  1 
ATOM   619  N N    . LEU A 1 39 ? 6.167   1.719   0.472   1.00 11.72 ? 121 LEU A N    1 
ATOM   620  C CA   . LEU A 1 39 ? 6.677   0.386   0.223   1.00 11.79 ? 121 LEU A CA   1 
ATOM   621  C C    . LEU A 1 39 ? 6.282   -0.505  1.391   1.00 11.01 ? 121 LEU A C    1 
ATOM   622  O O    . LEU A 1 39 ? 6.544   -0.164  2.542   1.00 12.53 ? 121 LEU A O    1 
ATOM   623  C CB   . LEU A 1 39 ? 8.179   0.442   0.023   1.00 13.18 ? 121 LEU A CB   1 
ATOM   624  C CG   . LEU A 1 39 ? 8.821   -0.827  -0.440  1.00 15.49 ? 121 LEU A CG   1 
ATOM   625  C CD1  . LEU A 1 39 ? 8.281   -1.281  -1.767  1.00 16.03 ? 121 LEU A CD1  1 
ATOM   626  C CD2  . LEU A 1 39 ? 10.304  -0.645  -0.520  1.00 16.64 ? 121 LEU A CD2  1 
ATOM   627  H H    . LEU A 1 39 ? 6.755   2.285   0.744   1.00 14.06 ? 121 LEU A H    1 
ATOM   628  H HA   . LEU A 1 39 ? 6.293   0.009   -0.585  1.00 14.15 ? 121 LEU A HA   1 
ATOM   629  H HB2  . LEU A 1 39 ? 8.373   1.122   -0.642  1.00 15.81 ? 121 LEU A HB2  1 
ATOM   630  H HB3  . LEU A 1 39 ? 8.589   0.680   0.870   1.00 15.81 ? 121 LEU A HB3  1 
ATOM   631  H HG   . LEU A 1 39 ? 8.617   -1.525  0.201   1.00 18.58 ? 121 LEU A HG   1 
ATOM   632  H HD11 . LEU A 1 39 ? 8.808   -2.032  -2.082  1.00 19.24 ? 121 LEU A HD11 1 
ATOM   633  H HD12 . LEU A 1 39 ? 7.356   -1.550  -1.655  1.00 19.24 ? 121 LEU A HD12 1 
ATOM   634  H HD13 . LEU A 1 39 ? 8.339   -0.547  -2.399  1.00 19.24 ? 121 LEU A HD13 1 
ATOM   635  H HD21 . LEU A 1 39 ? 10.711  -1.479  -0.806  1.00 19.97 ? 121 LEU A HD21 1 
ATOM   636  H HD22 . LEU A 1 39 ? 10.503  0.056   -1.159  1.00 19.97 ? 121 LEU A HD22 1 
ATOM   637  H HD23 . LEU A 1 39 ? 10.640  -0.398  0.357   1.00 19.97 ? 121 LEU A HD23 1 
ATOM   638  N N    . ALA A 1 40 ? 5.586   -1.601  1.096   1.00 10.98 ? 122 ALA A N    1 
ATOM   639  C CA   . ALA A 1 40 ? 4.978   -2.418  2.132   1.00 11.31 ? 122 ALA A CA   1 
ATOM   640  C C    . ALA A 1 40 ? 5.161   -3.904  1.837   1.00 11.53 ? 122 ALA A C    1 
ATOM   641  O O    . ALA A 1 40 ? 5.400   -4.334  0.706   1.00 12.68 ? 122 ALA A O    1 
ATOM   642  C CB   . ALA A 1 40 ? 3.489   -2.086  2.269   1.00 12.32 ? 122 ALA A CB   1 
ATOM   643  H H    . ALA A 1 40 ? 5.454   -1.891  0.297   1.00 13.18 ? 122 ALA A H    1 
ATOM   644  H HA   . ALA A 1 40 ? 5.431   -2.246  2.973   1.00 13.58 ? 122 ALA A HA   1 
ATOM   645  H HB1  . ALA A 1 40 ? 3.103   -2.646  2.960   1.00 14.78 ? 122 ALA A HB1  1 
ATOM   646  H HB2  . ALA A 1 40 ? 3.394   -1.152  2.509   1.00 14.78 ? 122 ALA A HB2  1 
ATOM   647  H HB3  . ALA A 1 40 ? 3.049   -2.257  1.421   1.00 14.78 ? 122 ALA A HB3  1 
ATOM   648  N N    . HIS A 1 41 ? 5.027   -4.704  2.891   1.00 11.86 ? 123 HIS A N    1 
ATOM   649  C CA   . HIS A 1 41 ? 5.033   -6.151  2.785   1.00 12.35 ? 123 HIS A CA   1 
ATOM   650  C C    . HIS A 1 41 ? 3.682   -6.683  3.237   1.00 11.86 ? 123 HIS A C    1 
ATOM   651  O O    . HIS A 1 41 ? 3.236   -6.389  4.355   1.00 12.55 ? 123 HIS A O    1 
ATOM   652  C CB   . HIS A 1 41 ? 6.133   -6.730  3.637   1.00 15.08 ? 123 HIS A CB   1 
ATOM   653  C CG   . HIS A 1 41 ? 6.146   -8.219  3.613   1.00 18.39 ? 123 HIS A CG   1 
ATOM   654  N ND1  . HIS A 1 41 ? 6.577   -8.950  2.529   1.00 20.92 ? 123 HIS A ND1  1 
ATOM   655  C CD2  . HIS A 1 41 ? 5.672   -9.117  4.503   1.00 20.97 ? 123 HIS A CD2  1 
ATOM   656  C CE1  . HIS A 1 41 ? 6.451   -10.238 2.793   1.00 23.30 ? 123 HIS A CE1  1 
ATOM   657  N NE2  . HIS A 1 41 ? 5.905   -10.366 3.985   1.00 23.00 ? 123 HIS A NE2  1 
ATOM   658  H H    . HIS A 1 41 ? 4.928   -4.420  3.696   1.00 14.23 ? 123 HIS A H    1 
ATOM   659  H HA   . HIS A 1 41 ? 5.172   -6.412  1.862   1.00 14.82 ? 123 HIS A HA   1 
ATOM   660  H HB2  . HIS A 1 41 ? 6.989   -6.416  3.307   1.00 18.09 ? 123 HIS A HB2  1 
ATOM   661  H HB3  . HIS A 1 41 ? 6.006   -6.444  4.555   1.00 18.09 ? 123 HIS A HB3  1 
ATOM   662  H HD1  . HIS A 1 41 ? 6.878   -8.619  1.795   1.00 25.10 ? 123 HIS A HD1  1 
ATOM   663  H HD2  . HIS A 1 41 ? 5.265   -8.924  5.315   1.00 25.16 ? 123 HIS A HD2  1 
ATOM   664  H HE1  . HIS A 1 41 ? 6.706   -10.936 2.233   1.00 27.96 ? 123 HIS A HE1  1 
ATOM   665  N N    . SER A 1 42 ? 3.011   -7.425  2.352   1.00 12.51 ? 124 SER A N    1 
ATOM   666  C CA   . SER A 1 42 ? 1.740   -8.029  2.710   1.00 12.36 ? 124 SER A CA   1 
ATOM   667  C C    . SER A 1 42 ? 1.941   -9.276  3.544   1.00 12.81 ? 124 SER A C    1 
ATOM   668  O O    . SER A 1 42 ? 2.540   -10.244 3.078   1.00 14.85 ? 124 SER A O    1 
ATOM   669  C CB   . SER A 1 42 ? 0.955   -8.412  1.468   1.00 13.46 ? 124 SER A CB   1 
ATOM   670  O OG   . SER A 1 42 ? -0.231  -9.095  1.877   1.00 14.29 ? 124 SER A OG   1 
ATOM   671  H H    . SER A 1 42 ? 3.274   -7.589  1.549   1.00 15.02 ? 124 SER A H    1 
ATOM   672  H HA   . SER A 1 42 ? 1.248   -7.372  3.230   1.00 14.83 ? 124 SER A HA   1 
ATOM   673  H HB2  . SER A 1 42 ? 0.716   -7.612  0.973   1.00 16.15 ? 124 SER A HB2  1 
ATOM   674  H HB3  . SER A 1 42 ? 1.492   -8.998  0.911   1.00 16.15 ? 124 SER A HB3  1 
ATOM   675  H HG   . SER A 1 42 ? -0.688  -9.304  1.205   1.00 17.15 ? 124 SER A HG   1 
ATOM   676  N N    . LEU A 1 43 ? 1.374   -9.274  4.742   1.00 12.10 ? 125 LEU A N    1 
ATOM   677  C CA   . LEU A 1 43 ? 1.382   -10.488 5.530   1.00 12.94 ? 125 LEU A CA   1 
ATOM   678  C C    . LEU A 1 43 ? 0.410   -11.510 4.994   1.00 13.94 ? 125 LEU A C    1 
ATOM   679  O O    . LEU A 1 43 ? 0.589   -12.703 5.215   1.00 16.37 ? 125 LEU A O    1 
ATOM   680  C CB   . LEU A 1 43 ? 0.999   -10.119 6.945   1.00 14.33 ? 125 LEU A CB   1 
ATOM   681  C CG   . LEU A 1 43 ? 2.002   -9.202  7.644   1.00 16.58 ? 125 LEU A CG   1 
ATOM   682  C CD1  . LEU A 1 43 ? 1.335   -8.435  8.782   1.00 18.71 ? 125 LEU A CD1  1 
ATOM   683  C CD2  . LEU A 1 43 ? 3.239   -9.983  8.090   1.00 17.37 ? 125 LEU A CD2  1 
ATOM   684  H H    . LEU A 1 43 ? 0.988   -8.599  5.110   1.00 14.52 ? 125 LEU A H    1 
ATOM   685  H HA   . LEU A 1 43 ? 2.265   -10.887 5.514   1.00 15.53 ? 125 LEU A HA   1 
ATOM   686  H HB2  . LEU A 1 43 ? 0.144   -9.661  6.926   1.00 17.20 ? 125 LEU A HB2  1 
ATOM   687  H HB3  . LEU A 1 43 ? 0.928   -10.933 7.468   1.00 17.20 ? 125 LEU A HB3  1 
ATOM   688  H HG   . LEU A 1 43 ? 2.319   -8.534  7.017   1.00 19.90 ? 125 LEU A HG   1 
ATOM   689  H HD11 . LEU A 1 43 ? 1.984   -7.834  9.180   1.00 22.46 ? 125 LEU A HD11 1 
ATOM   690  H HD12 . LEU A 1 43 ? 0.589   -7.929  8.426   1.00 22.46 ? 125 LEU A HD12 1 
ATOM   691  H HD13 . LEU A 1 43 ? 1.019   -9.067  9.446   1.00 22.46 ? 125 LEU A HD13 1 
ATOM   692  H HD21 . LEU A 1 43 ? 3.864   -9.371  8.511   1.00 20.85 ? 125 LEU A HD21 1 
ATOM   693  H HD22 . LEU A 1 43 ? 2.970   -10.668 8.723   1.00 20.85 ? 125 LEU A HD22 1 
ATOM   694  H HD23 . LEU A 1 43 ? 3.652   -10.393 7.314   1.00 20.85 ? 125 LEU A HD23 1 
ATOM   695  N N    . THR A 1 44 ? -0.623  -11.054 4.296   1.00 14.30 ? 126 THR A N    1 
ATOM   696  C CA   . THR A 1 44 ? -1.646  -11.953 3.807   1.00 15.24 ? 126 THR A CA   1 
ATOM   697  C C    . THR A 1 44 ? -1.180  -12.707 2.576   1.00 17.55 ? 126 THR A C    1 
ATOM   698  O O    . THR A 1 44 ? -1.475  -13.901 2.449   1.00 20.62 ? 126 THR A O    1 
ATOM   699  C CB   . THR A 1 44 ? -2.941  -11.179 3.506   1.00 15.22 ? 126 THR A CB   1 
ATOM   700  O OG1  . THR A 1 44 ? -3.222  -10.263 4.571   1.00 15.58 ? 126 THR A OG1  1 
ATOM   701  C CG2  . THR A 1 44 ? -4.124  -12.127 3.302   1.00 16.38 ? 126 THR A CG2  1 
ATOM   702  H H    . THR A 1 44 ? -0.753  -10.227 4.093   1.00 17.17 ? 126 THR A H    1 
ATOM   703  H HA   . THR A 1 44 ? -1.844  -12.603 4.499   1.00 18.28 ? 126 THR A HA   1 
ATOM   704  H HB   . THR A 1 44 ? -2.826  -10.679 2.683   1.00 18.27 ? 126 THR A HB   1 
ATOM   705  H HG1  . THR A 1 44 ? -3.359  -10.684 5.285   1.00 18.70 ? 126 THR A HG1  1 
ATOM   706  H HG21 . THR A 1 44 ? -4.959  -11.643 3.403   1.00 19.65 ? 126 THR A HG21 1 
ATOM   707  H HG22 . THR A 1 44 ? -4.090  -12.513 2.413   1.00 19.65 ? 126 THR A HG22 1 
ATOM   708  H HG23 . THR A 1 44 ? -4.093  -12.842 3.957   1.00 19.65 ? 126 THR A HG23 1 
ATOM   709  N N    . THR A 1 45 ? -0.485  -12.024 1.641   1.00 17.70 ? 127 THR A N    1 
ATOM   710  C CA   . THR A 1 45 ? -0.073  -12.646 0.391   1.00 18.36 ? 127 THR A CA   1 
ATOM   711  C C    . THR A 1 45 ? 1.422   -12.930 0.298   1.00 17.71 ? 127 THR A C    1 
ATOM   712  O O    . THR A 1 45 ? 1.834   -13.629 -0.633  1.00 19.53 ? 127 THR A O    1 
ATOM   713  C CB   . THR A 1 45 ? -0.443  -11.810 -0.848  1.00 18.94 ? 127 THR A CB   1 
ATOM   714  O OG1  . THR A 1 45 ? 0.369   -10.630 -0.836  1.00 18.71 ? 127 THR A OG1  1 
ATOM   715  C CG2  . THR A 1 45 ? -1.941  -11.508 -0.936  1.00 20.14 ? 127 THR A CG2  1 
ATOM   716  H H    . THR A 1 45 ? -0.246  -11.201 1.718   1.00 21.24 ? 127 THR A H    1 
ATOM   717  H HA   . THR A 1 45 ? -0.568  -13.479 0.345   1.00 22.03 ? 127 THR A HA   1 
ATOM   718  H HB   . THR A 1 45 ? -0.266  -12.307 -1.662  1.00 22.72 ? 127 THR A HB   1 
ATOM   719  H HG1  . THR A 1 45 ? 0.178   -10.144 -1.494  1.00 22.46 ? 127 THR A HG1  1 
ATOM   720  H HG21 . THR A 1 45 ? -2.127  -10.982 -1.730  1.00 24.17 ? 127 THR A HG21 1 
ATOM   721  H HG22 . THR A 1 45 ? -2.445  -12.336 -0.981  1.00 24.17 ? 127 THR A HG22 1 
ATOM   722  H HG23 . THR A 1 45 ? -2.226  -11.008 -0.154  1.00 24.17 ? 127 THR A HG23 1 
ATOM   723  N N    . GLY A 1 46 ? 2.238   -12.365 1.194   1.00 16.97 ? 128 GLY A N    1 
ATOM   724  C CA   . GLY A 1 46 ? 3.679   -12.525 1.174   1.00 17.29 ? 128 GLY A CA   1 
ATOM   725  C C    . GLY A 1 46 ? 4.452   -11.639 0.205   1.00 18.88 ? 128 GLY A C    1 
ATOM   726  O O    . GLY A 1 46 ? 5.676   -11.772 0.114   1.00 22.10 ? 128 GLY A O    1 
ATOM   727  H H    . GLY A 1 46 ? 1.964   -11.871 1.843   1.00 20.36 ? 128 GLY A H    1 
ATOM   728  H HA2  . GLY A 1 46 ? 4.017   -12.341 2.065   1.00 20.75 ? 128 GLY A HA2  1 
ATOM   729  H HA3  . GLY A 1 46 ? 3.879   -13.445 0.944   1.00 20.75 ? 128 GLY A HA3  1 
ATOM   730  N N    . GLU A 1 47 ? 3.796   -10.759 -0.522  1.00 17.68 ? 129 GLU A N    1 
ATOM   731  C CA   . GLU A 1 47 ? 4.436   -9.920  -1.529  1.00 17.75 ? 129 GLU A CA   1 
ATOM   732  C C    . GLU A 1 47 ? 4.919   -8.601  -0.926  1.00 16.37 ? 129 GLU A C    1 
ATOM   733  O O    . GLU A 1 47 ? 4.391   -8.135  0.066   1.00 16.59 ? 129 GLU A O    1 
ATOM   734  C CB   . GLU A 1 47 ? 3.424   -9.647  -2.649  1.00 19.13 ? 129 GLU A CB   1 
ATOM   735  C CG   . GLU A 1 47 ? 2.984   -10.937 -3.352  1.00 21.23 ? 129 GLU A CG   1 
ATOM   736  C CD   . GLU A 1 47 ? 1.962   -10.752 -4.453  1.00 26.11 ? 129 GLU A CD   1 
ATOM   737  O OE1  . GLU A 1 47 ? 1.229   -9.738  -4.495  1.00 28.28 ? 129 GLU A OE1  1 
ATOM   738  O OE2  . GLU A 1 47 ? 1.907   -11.668 -5.287  1.00 28.99 ? 129 GLU A OE2  1 
ATOM   739  H H    . GLU A 1 47 ? 2.950   -10.620 -0.454  1.00 21.22 ? 129 GLU A H    1 
ATOM   740  H HA   . GLU A 1 47 ? 5.217   -10.369 -1.892  1.00 21.31 ? 129 GLU A HA   1 
ATOM   741  H HB2  . GLU A 1 47 ? 2.638   -9.223  -2.271  1.00 22.96 ? 129 GLU A HB2  1 
ATOM   742  H HB3  . GLU A 1 47 ? 3.830   -9.065  -3.309  1.00 22.96 ? 129 GLU A HB3  1 
ATOM   743  H HG2  . GLU A 1 47 ? 3.765   -11.353 -3.749  1.00 25.47 ? 129 GLU A HG2  1 
ATOM   744  H HG3  . GLU A 1 47 ? 2.593   -11.529 -2.691  1.00 25.47 ? 129 GLU A HG3  1 
ATOM   745  N N    . THR A 1 48 ? 5.926   -7.994  -1.570  1.00 15.84 ? 130 THR A N    1 
ATOM   746  C CA   . THR A 1 48 ? 6.450   -6.680  -1.208  1.00 15.40 ? 130 THR A CA   1 
ATOM   747  C C    . THR A 1 48 ? 6.313   -5.778  -2.421  1.00 14.00 ? 130 THR A C    1 
ATOM   748  O O    . THR A 1 48 ? 6.634   -6.169  -3.548  1.00 15.41 ? 130 THR A O    1 
ATOM   749  C CB   . THR A 1 48 ? 7.920   -6.772  -0.808  1.00 17.53 ? 130 THR A CB   1 
ATOM   750  O OG1  . THR A 1 48 ? 8.058   -7.664  0.310   1.00 21.10 ? 130 THR A OG1  1 
ATOM   751  C CG2  . THR A 1 48 ? 8.532   -5.426  -0.478  1.00 18.93 ? 130 THR A CG2  1 
ATOM   752  H H    . THR A 1 48 ? 6.332   -8.342  -2.243  1.00 19.00 ? 130 THR A H    1 
ATOM   753  H HA   . THR A 1 48 ? 5.951   -6.309  -0.464  1.00 18.48 ? 130 THR A HA   1 
ATOM   754  H HB   . THR A 1 48 ? 8.418   -7.114  -1.567  1.00 21.03 ? 130 THR A HB   1 
ATOM   755  H HG1  . THR A 1 48 ? 7.812   -8.437  0.093   1.00 25.32 ? 130 THR A HG1  1 
ATOM   756  H HG21 . THR A 1 48 ? 9.408   -5.549  -0.078  1.00 22.72 ? 130 THR A HG21 1 
ATOM   757  H HG22 . THR A 1 48 ? 8.626   -4.897  -1.286  1.00 22.72 ? 130 THR A HG22 1 
ATOM   758  H HG23 . THR A 1 48 ? 7.965   -4.948  0.147   1.00 22.72 ? 130 THR A HG23 1 
ATOM   759  N N    . GLY A 1 49 ? 5.800   -4.583  -2.193  1.00 12.85 ? 131 GLY A N    1 
ATOM   760  C CA   . GLY A 1 49 ? 5.657   -3.615  -3.259  1.00 11.94 ? 131 GLY A CA   1 
ATOM   761  C C    . GLY A 1 49 ? 4.992   -2.369  -2.730  1.00 10.91 ? 131 GLY A C    1 
ATOM   762  O O    . GLY A 1 49 ? 4.651   -2.268  -1.545  1.00 11.31 ? 131 GLY A O    1 
ATOM   763  H H    . GLY A 1 49 ? 5.525   -4.307  -1.425  1.00 15.42 ? 131 GLY A H    1 
ATOM   764  H HA2  . GLY A 1 49 ? 6.529   -3.381  -3.614  1.00 14.33 ? 131 GLY A HA2  1 
ATOM   765  H HA3  . GLY A 1 49 ? 5.115   -3.984  -3.973  1.00 14.33 ? 131 GLY A HA3  1 
ATOM   766  N N    . TYR A 1 50 ? 4.757   -1.415  -3.617  1.00 10.97 ? 132 TYR A N    1 
ATOM   767  C CA   . TYR A 1 50 ? 4.130   -0.168  -3.223  1.00 10.99 ? 132 TYR A CA   1 
ATOM   768  C C    . TYR A 1 50 ? 2.627   -0.320  -3.046  1.00 10.50 ? 132 TYR A C    1 
ATOM   769  O O    . TYR A 1 50 ? 1.956   -1.020  -3.807  1.00 11.06 ? 132 TYR A O    1 
ATOM   770  C CB   . TYR A 1 50 ? 4.416   0.952   -4.225  1.00 11.98 ? 132 TYR A CB   1 
ATOM   771  C CG   . TYR A 1 50 ? 5.818   1.497   -4.065  1.00 13.68 ? 132 TYR A CG   1 
ATOM   772  C CD1  . TYR A 1 50 ? 6.072   2.483   -3.124  1.00 13.93 ? 132 TYR A CD1  1 
ATOM   773  C CD2  . TYR A 1 50 ? 6.884   1.023   -4.809  1.00 16.21 ? 132 TYR A CD2  1 
ATOM   774  C CE1  . TYR A 1 50 ? 7.320   2.982   -2.927  1.00 16.14 ? 132 TYR A CE1  1 
ATOM   775  C CE2  . TYR A 1 50 ? 8.168   1.544   -4.617  1.00 18.18 ? 132 TYR A CE2  1 
ATOM   776  C CZ   . TYR A 1 50 ? 8.368   2.537   -3.674  1.00 17.40 ? 132 TYR A CZ   1 
ATOM   777  O OH   . TYR A 1 50 ? 9.608   3.072   -3.450  1.00 19.38 ? 132 TYR A OH   1 
ATOM   778  H H    . TYR A 1 50 ? 4.952   -1.467  -4.452  1.00 13.17 ? 132 TYR A H    1 
ATOM   779  H HA   . TYR A 1 50 ? 4.508   0.093   -2.368  1.00 13.18 ? 132 TYR A HA   1 
ATOM   780  H HB2  . TYR A 1 50 ? 4.324   0.606   -5.127  1.00 14.37 ? 132 TYR A HB2  1 
ATOM   781  H HB3  . TYR A 1 50 ? 3.789   1.678   -4.083  1.00 14.37 ? 132 TYR A HB3  1 
ATOM   782  H HD1  . TYR A 1 50 ? 5.367   2.813   -2.614  1.00 16.72 ? 132 TYR A HD1  1 
ATOM   783  H HD2  . TYR A 1 50 ? 6.747   0.353   -5.440  1.00 19.45 ? 132 TYR A HD2  1 
ATOM   784  H HE1  . TYR A 1 50 ? 7.460   3.631   -2.275  1.00 19.37 ? 132 TYR A HE1  1 
ATOM   785  H HE2  . TYR A 1 50 ? 8.882   1.224   -5.120  1.00 21.82 ? 132 TYR A HE2  1 
ATOM   786  H HH   . TYR A 1 50 ? 10.115  2.905   -4.099  1.00 23.25 ? 132 TYR A HH   1 
ATOM   787  N N    . ILE A 1 51 ? 2.084   0.410   -2.074  1.00 10.59 ? 133 ILE A N    1 
ATOM   788  C CA   . ILE A 1 51 ? 0.650   0.533   -1.836  1.00 10.72 ? 133 ILE A CA   1 
ATOM   789  C C    . ILE A 1 51 ? 0.283   2.006   -1.714  1.00 10.49 ? 133 ILE A C    1 
ATOM   790  O O    . ILE A 1 51 ? 1.082   2.828   -1.236  1.00 10.80 ? 133 ILE A O    1 
ATOM   791  C CB   . ILE A 1 51 ? 0.188   -0.255  -0.591  1.00 11.14 ? 133 ILE A CB   1 
ATOM   792  C CG1  . ILE A 1 51 ? 0.840   0.265   0.696   1.00 12.00 ? 133 ILE A CG1  1 
ATOM   793  C CG2  . ILE A 1 51 ? 0.438   -1.737  -0.789  1.00 12.09 ? 133 ILE A CG2  1 
ATOM   794  C CD1  . ILE A 1 51 ? 0.333   -0.394  1.961   1.00 14.41 ? 133 ILE A CD1  1 
ATOM   795  H H    . ILE A 1 51 ? 2.548   0.866   -1.512  1.00 12.71 ? 133 ILE A H    1 
ATOM   796  H HA   . ILE A 1 51 ? 0.191   0.163   -2.607  1.00 12.87 ? 133 ILE A HA   1 
ATOM   797  H HB   . ILE A 1 51 ? -0.767  -0.116  -0.487  1.00 13.36 ? 133 ILE A HB   1 
ATOM   798  H HG12 . ILE A 1 51 ? 1.796   0.108   0.645   1.00 14.40 ? 133 ILE A HG12 1 
ATOM   799  H HG13 . ILE A 1 51 ? 0.664   1.217   0.770   1.00 14.40 ? 133 ILE A HG13 1 
ATOM   800  H HG21 . ILE A 1 51 ? 0.087   -2.222  -0.025  1.00 14.50 ? 133 ILE A HG21 1 
ATOM   801  H HG22 . ILE A 1 51 ? -0.012  -2.028  -1.599  1.00 14.50 ? 133 ILE A HG22 1 
ATOM   802  H HG23 . ILE A 1 51 ? 1.392   -1.889  -0.868  1.00 14.50 ? 133 ILE A HG23 1 
ATOM   803  H HD11 . ILE A 1 51 ? 0.651   0.107   2.729   1.00 17.29 ? 133 ILE A HD11 1 
ATOM   804  H HD12 . ILE A 1 51 ? -0.637  -0.399  1.948   1.00 17.29 ? 133 ILE A HD12 1 
ATOM   805  H HD13 . ILE A 1 51 ? 0.668   -1.304  1.999   1.00 17.29 ? 133 ILE A HD13 1 
ATOM   806  N N    . PRO A 1 52 ? -0.927  2.371   -2.139  1.00 10.36 ? 134 PRO A N    1 
ATOM   807  C CA   . PRO A 1 52 ? -1.368  3.760   -2.021  1.00 11.04 ? 134 PRO A CA   1 
ATOM   808  C C    . PRO A 1 52 ? -1.841  4.016   -0.601  1.00 10.86 ? 134 PRO A C    1 
ATOM   809  O O    . PRO A 1 52 ? -2.699  3.300   -0.092  1.00 11.49 ? 134 PRO A O    1 
ATOM   810  C CB   . PRO A 1 52 ? -2.505  3.853   -3.043  1.00 11.80 ? 134 PRO A CB   1 
ATOM   811  C CG   . PRO A 1 52 ? -3.039  2.447   -3.184  1.00 11.51 ? 134 PRO A CG   1 
ATOM   812  C CD   . PRO A 1 52 ? -1.931  1.525   -2.814  1.00 11.19 ? 134 PRO A CD   1 
ATOM   813  H HA   . PRO A 1 52 ? -0.670  4.391   -2.261  1.00 13.24 ? 134 PRO A HA   1 
ATOM   814  H HB2  . PRO A 1 52 ? -3.193  4.453   -2.713  1.00 14.16 ? 134 PRO A HB2  1 
ATOM   815  H HB3  . PRO A 1 52 ? -2.160  4.179   -3.889  1.00 14.16 ? 134 PRO A HB3  1 
ATOM   816  H HG2  . PRO A 1 52 ? -3.794  2.326   -2.588  1.00 13.81 ? 134 PRO A HG2  1 
ATOM   817  H HG3  . PRO A 1 52 ? -3.314  2.296   -4.102  1.00 13.81 ? 134 PRO A HG3  1 
ATOM   818  H HD2  . PRO A 1 52 ? -2.252  0.837   -2.211  1.00 13.43 ? 134 PRO A HD2  1 
ATOM   819  H HD3  . PRO A 1 52 ? -1.549  1.120   -3.609  1.00 13.43 ? 134 PRO A HD3  1 
ATOM   820  N N    . SER A 1 53 ? -1.261  5.021   0.048   1.00 11.35 ? 135 SER A N    1 
ATOM   821  C CA   . SER A 1 53 ? -1.499  5.232   1.469   1.00 11.80 ? 135 SER A CA   1 
ATOM   822  C C    . SER A 1 53 ? -2.946  5.571   1.780   1.00 11.76 ? 135 SER A C    1 
ATOM   823  O O    . SER A 1 53 ? -3.373  5.345   2.910   1.00 12.93 ? 135 SER A O    1 
ATOM   824  C CB   . SER A 1 53 ? -0.545  6.282   2.033   1.00 13.83 ? 135 SER A CB   1 
ATOM   825  O OG   . SER A 1 53 ? -0.694  7.524   1.407   1.00 14.69 ? 135 SER A OG   1 
ATOM   826  H H    . SER A 1 53 ? -0.728  5.593   -0.310  1.00 13.62 ? 135 SER A H    1 
ATOM   827  H HA   . SER A 1 53 ? -1.301  4.405   1.934   1.00 14.16 ? 135 SER A HA   1 
ATOM   828  H HB2  . SER A 1 53 ? -0.726  6.389   2.979   1.00 16.60 ? 135 SER A HB2  1 
ATOM   829  H HB3  . SER A 1 53 ? 0.366   5.975   1.902   1.00 16.60 ? 135 SER A HB3  1 
ATOM   830  H HG   . SER A 1 53 ? -0.572  7.444   0.579   1.00 17.63 ? 135 SER A HG   1 
ATOM   831  N N    . ASN A 1 54 ? -3.697  6.119   0.828   1.00 11.19 ? 136 ASN A N    1 
ATOM   832  C CA   . ASN A 1 54 ? -5.100  6.427   1.059   1.00 11.33 ? 136 ASN A CA   1 
ATOM   833  C C    . ASN A 1 54 ? -6.002  5.187   1.061   1.00 11.59 ? 136 ASN A C    1 
ATOM   834  O O    . ASN A 1 54 ? -7.201  5.331   1.308   1.00 12.81 ? 136 ASN A O    1 
ATOM   835  C CB   . ASN A 1 54 ? -5.612  7.509   0.090   1.00 11.97 ? 136 ASN A CB   1 
ATOM   836  C CG   . ASN A 1 54 ? -5.518  7.102   -1.360  1.00 12.21 ? 136 ASN A CG   1 
ATOM   837  O OD1  . ASN A 1 54 ? -4.680  6.282   -1.754  1.00 11.97 ? 136 ASN A OD1  1 
ATOM   838  N ND2  . ASN A 1 54 ? -6.370  7.697   -2.181  1.00 14.07 ? 136 ASN A ND2  1 
ATOM   839  H H    . ASN A 1 54 ? -3.416  6.321   0.041   1.00 13.42 ? 136 ASN A H    1 
ATOM   840  H HA   . ASN A 1 54 ? -5.177  6.822   1.941   1.00 13.59 ? 136 ASN A HA   1 
ATOM   841  H HB2  . ASN A 1 54 ? -6.544  7.694   0.288   1.00 14.36 ? 136 ASN A HB2  1 
ATOM   842  H HB3  . ASN A 1 54 ? -5.082  8.313   0.208   1.00 14.36 ? 136 ASN A HB3  1 
ATOM   843  H HD21 . ASN A 1 54 ? -6.365  7.506   -3.019  1.00 16.88 ? 136 ASN A HD21 1 
ATOM   844  H HD22 . ASN A 1 54 ? -6.929  8.275   -1.875  1.00 16.88 ? 136 ASN A HD22 1 
ATOM   845  N N    . TYR A 1 55 ? -5.461  3.995   0.788   1.00 10.99 ? 137 TYR A N    1 
ATOM   846  C CA   . TYR A 1 55 ? -6.220  2.757   0.789   1.00 10.91 ? 137 TYR A CA   1 
ATOM   847  C C    . TYR A 1 55 ? -6.033  1.938   2.047   1.00 10.59 ? 137 TYR A C    1 
ATOM   848  O O    . TYR A 1 55 ? -6.623  0.856   2.145   1.00 11.58 ? 137 TYR A O    1 
ATOM   849  C CB   . TYR A 1 55 ? -5.860  1.914   -0.436  1.00 11.07 ? 137 TYR A CB   1 
ATOM   850  C CG   . TYR A 1 55 ? -6.628  2.274   -1.700  1.00 11.15 ? 137 TYR A CG   1 
ATOM   851  C CD1  . TYR A 1 55 ? -6.668  3.562   -2.181  1.00 11.55 ? 137 TYR A CD1  1 
ATOM   852  C CD2  . TYR A 1 55 ? -7.377  1.311   -2.367  1.00 11.57 ? 137 TYR A CD2  1 
ATOM   853  C CE1  . TYR A 1 55 ? -7.435  3.884   -3.302  1.00 11.88 ? 137 TYR A CE1  1 
ATOM   854  C CE2  . TYR A 1 55 ? -8.140  1.626   -3.472  1.00 12.05 ? 137 TYR A CE2  1 
ATOM   855  C CZ   . TYR A 1 55 ? -8.153  2.893   -3.954  1.00 12.05 ? 137 TYR A CZ   1 
ATOM   856  O OH   . TYR A 1 55 ? -8.929  3.180   -5.068  1.00 13.61 ? 137 TYR A OH   1 
ATOM   857  H H    . TYR A 1 55 ? -4.630  3.882   0.594   1.00 13.19 ? 137 TYR A H    1 
ATOM   858  H HA   . TYR A 1 55 ? -7.162  2.981   0.727   1.00 13.09 ? 137 TYR A HA   1 
ATOM   859  H HB2  . TYR A 1 55 ? -4.915  2.030   -0.625  1.00 13.28 ? 137 TYR A HB2  1 
ATOM   860  H HB3  . TYR A 1 55 ? -6.045  0.983   -0.236  1.00 13.28 ? 137 TYR A HB3  1 
ATOM   861  H HD1  . TYR A 1 55 ? -6.177  4.227   -1.754  1.00 13.86 ? 137 TYR A HD1  1 
ATOM   862  H HD2  . TYR A 1 55 ? -7.363  0.433   -2.061  1.00 13.88 ? 137 TYR A HD2  1 
ATOM   863  H HE1  . TYR A 1 55 ? -7.465  4.761   -3.611  1.00 14.26 ? 137 TYR A HE1  1 
ATOM   864  H HE2  . TYR A 1 55 ? -8.646  0.967   -3.888  1.00 14.46 ? 137 TYR A HE2  1 
ATOM   865  H HH   . TYR A 1 55 ? -8.882  4.000   -5.247  1.00 16.33 ? 137 TYR A HH   1 
ATOM   866  N N    . VAL A 1 56 ? -5.254  2.434   3.016   1.00 11.62 ? 138 VAL A N    1 
ATOM   867  C CA   . VAL A 1 56 ? -4.979  1.689   4.233   1.00 11.99 ? 138 VAL A CA   1 
ATOM   868  C C    . VAL A 1 56 ? -5.188  2.561   5.457   1.00 13.44 ? 138 VAL A C    1 
ATOM   869  O O    . VAL A 1 56 ? -5.230  3.786   5.382   1.00 14.50 ? 138 VAL A O    1 
ATOM   870  C CB   . VAL A 1 56 ? -3.569  1.079   4.246   1.00 12.47 ? 138 VAL A CB   1 
ATOM   871  C CG1  . VAL A 1 56 ? -3.424  0.093   3.092   1.00 13.60 ? 138 VAL A CG1  1 
ATOM   872  C CG2  . VAL A 1 56 ? -2.507  2.136   4.188   1.00 13.49 ? 138 VAL A CG2  1 
ATOM   873  H H    . VAL A 1 56 ? -4.875  3.204   2.983   1.00 13.95 ? 138 VAL A H    1 
ATOM   874  H HA   . VAL A 1 56 ? -5.629  0.971   4.289   1.00 14.39 ? 138 VAL A HA   1 
ATOM   875  H HB   . VAL A 1 56 ? -3.444  0.603   5.081   1.00 14.97 ? 138 VAL A HB   1 
ATOM   876  H HG11 . VAL A 1 56 ? -2.575  -0.369  3.175   1.00 16.32 ? 138 VAL A HG11 1 
ATOM   877  H HG12 . VAL A 1 56 ? -4.153  -0.547  3.130   1.00 16.32 ? 138 VAL A HG12 1 
ATOM   878  H HG13 . VAL A 1 56 ? -3.455  0.579   2.254   1.00 16.32 ? 138 VAL A HG13 1 
ATOM   879  H HG21 . VAL A 1 56 ? -1.641  1.709   4.099   1.00 16.19 ? 138 VAL A HG21 1 
ATOM   880  H HG22 . VAL A 1 56 ? -2.673  2.709   3.422   1.00 16.19 ? 138 VAL A HG22 1 
ATOM   881  H HG23 . VAL A 1 56 ? -2.536  2.659   5.005   1.00 16.19 ? 138 VAL A HG23 1 
ATOM   882  N N    . ALA A 1 57 ? -5.287  1.901   6.600   1.00 13.80 ? 139 ALA A N    1 
ATOM   883  C CA   . ALA A 1 57 ? -5.409  2.555   7.885   1.00 14.70 ? 139 ALA A CA   1 
ATOM   884  C C    . ALA A 1 57 ? -4.613  1.786   8.924   1.00 14.55 ? 139 ALA A C    1 
ATOM   885  O O    . ALA A 1 57 ? -4.458  0.565   8.813   1.00 13.22 ? 139 ALA A O    1 
ATOM   886  C CB   . ALA A 1 57 ? -6.872  2.616   8.332   1.00 16.93 ? 139 ALA A CB   1 
ATOM   887  H H    . ALA A 1 57 ? -5.285  1.042   6.655   1.00 16.56 ? 139 ALA A H    1 
ATOM   888  H HA   . ALA A 1 57 ? -5.050  3.454   7.827   1.00 17.64 ? 139 ALA A HA   1 
ATOM   889  H HB1  . ALA A 1 57 ? -6.920  3.040   9.203   1.00 20.32 ? 139 ALA A HB1  1 
ATOM   890  H HB2  . ALA A 1 57 ? -7.378  3.132   7.685   1.00 20.32 ? 139 ALA A HB2  1 
ATOM   891  H HB3  . ALA A 1 57 ? -7.225  1.713   8.383   1.00 20.32 ? 139 ALA A HB3  1 
ATOM   892  N N    . PRO A 1 58 ? -4.109  2.468   9.957   1.00 16.49 ? 140 PRO A N    1 
ATOM   893  C CA   . PRO A 1 58 ? -3.368  1.758   11.004  1.00 17.15 ? 140 PRO A CA   1 
ATOM   894  C C    . PRO A 1 58 ? -4.311  0.879   11.815  1.00 18.82 ? 140 PRO A C    1 
ATOM   895  O O    . PRO A 1 58 ? -5.448  1.259   12.091  1.00 22.57 ? 140 PRO A O    1 
ATOM   896  C CB   . PRO A 1 58 ? -2.791  2.890   11.861  1.00 19.48 ? 140 PRO A CB   1 
ATOM   897  C CG   . PRO A 1 58 ? -3.544  4.122   11.485  1.00 20.81 ? 140 PRO A CG   1 
ATOM   898  C CD   . PRO A 1 58 ? -4.208  3.923   10.189  1.00 19.64 ? 140 PRO A CD   1 
ATOM   899  H HA   . PRO A 1 58 ? -2.646  1.227   10.634  1.00 20.58 ? 140 PRO A HA   1 
ATOM   900  H HB2  . PRO A 1 58 ? -2.918  2.686   12.800  1.00 23.37 ? 140 PRO A HB2  1 
ATOM   901  H HB3  . PRO A 1 58 ? -1.847  2.996   11.668  1.00 23.37 ? 140 PRO A HB3  1 
ATOM   902  H HG2  . PRO A 1 58 ? -4.208  4.301   12.170  1.00 24.97 ? 140 PRO A HG2  1 
ATOM   903  H HG3  . PRO A 1 58 ? -2.920  4.861   11.426  1.00 24.97 ? 140 PRO A HG3  1 
ATOM   904  H HD2  . PRO A 1 58 ? -5.137  4.200   10.233  1.00 23.56 ? 140 PRO A HD2  1 
ATOM   905  H HD3  . PRO A 1 58 ? -3.748  4.414   9.490   1.00 23.56 ? 140 PRO A HD3  1 
ATOM   906  N N    . VAL A 1 59 ? -3.830  -0.295  12.218  1.00 19.83 ? 141 VAL A N    1 
ATOM   907  C CA   . VAL A 1 59 ? -4.587  -1.206  13.083  1.00 23.93 ? 141 VAL A CA   1 
ATOM   908  C C    . VAL A 1 59 ? -4.326  -0.774  14.512  1.00 28.37 ? 141 VAL A C    1 
ATOM   909  O O    . VAL A 1 59 ? -3.236  -0.987  15.034  1.00 34.43 ? 141 VAL A O    1 
ATOM   910  C CB   . VAL A 1 59 ? -4.198  -2.674  12.840  1.00 25.48 ? 141 VAL A CB   1 
ATOM   911  C CG1  . VAL A 1 59 ? -4.986  -3.604  13.772  1.00 28.43 ? 141 VAL A CG1  1 
ATOM   912  C CG2  . VAL A 1 59 ? -4.430  -3.044  11.385  1.00 26.23 ? 141 VAL A CG2  1 
ATOM   913  H H    . VAL A 1 59 ? -3.053  -0.595  12.002  1.00 23.79 ? 141 VAL A H    1 
ATOM   914  H HA   . VAL A 1 59 ? -5.537  -1.158  12.895  1.00 28.71 ? 141 VAL A HA   1 
ATOM   915  H HB   . VAL A 1 59 ? -3.255  -2.787  13.037  1.00 30.58 ? 141 VAL A HB   1 
ATOM   916  H HG11 . VAL A 1 59 ? -4.721  -4.521  13.600  1.00 34.12 ? 141 VAL A HG11 1 
ATOM   917  H HG12 . VAL A 1 59 ? -4.790  -3.369  14.692  1.00 34.12 ? 141 VAL A HG12 1 
ATOM   918  H HG13 . VAL A 1 59 ? -5.934  -3.495  13.598  1.00 34.12 ? 141 VAL A HG13 1 
ATOM   919  H HG21 . VAL A 1 59 ? -4.179  -3.971  11.251  1.00 31.48 ? 141 VAL A HG21 1 
ATOM   920  H HG22 . VAL A 1 59 ? -5.368  -2.921  11.172  1.00 31.48 ? 141 VAL A HG22 1 
ATOM   921  H HG23 . VAL A 1 59 ? -3.886  -2.470  10.822  1.00 31.48 ? 141 VAL A HG23 1 
ATOM   922  N N    . VAL B 2 1  ? 8.203   10.999  -12.083 1.00 27.54 ? 1   VAL B N    1 
ATOM   923  C CA   . VAL B 2 1  ? 8.443   11.057  -10.619 1.00 24.24 ? 1   VAL B CA   1 
ATOM   924  C C    . VAL B 2 1  ? 8.857   9.685   -10.141 1.00 20.91 ? 1   VAL B C    1 
ATOM   925  O O    . VAL B 2 1  ? 8.714   8.726   -10.863 1.00 21.31 ? 1   VAL B O    1 
ATOM   926  C CB   . VAL B 2 1  ? 7.191   11.504  -9.866  1.00 24.77 ? 1   VAL B CB   1 
ATOM   927  C CG1  . VAL B 2 1  ? 6.878   12.959  -10.164 1.00 27.19 ? 1   VAL B CG1  1 
ATOM   928  C CG2  . VAL B 2 1  ? 6.000   10.573  -10.187 1.00 24.83 ? 1   VAL B CG2  1 
ATOM   929  H H1   . VAL B 2 1  ? 7.822   11.759  -12.350 1.00 33.05 ? 1   VAL B H1   1 
ATOM   930  H H2   . VAL B 2 1  ? 8.977   10.890  -12.507 1.00 33.05 ? 1   VAL B H2   1 
ATOM   931  H H3   . VAL B 2 1  ? 7.664   10.316  -12.268 1.00 33.05 ? 1   VAL B H3   1 
ATOM   932  H HA   . VAL B 2 1  ? 9.147   11.698  -10.437 1.00 29.09 ? 1   VAL B HA   1 
ATOM   933  H HB   . VAL B 2 1  ? 7.352   11.440  -8.911  1.00 29.73 ? 1   VAL B HB   1 
ATOM   934  H HG11 . VAL B 2 1  ? 6.114   13.232  -9.633  1.00 32.62 ? 1   VAL B HG11 1 
ATOM   935  H HG12 . VAL B 2 1  ? 7.650   13.501  -9.936  1.00 32.62 ? 1   VAL B HG12 1 
ATOM   936  H HG13 . VAL B 2 1  ? 6.676   13.052  -11.108 1.00 32.62 ? 1   VAL B HG13 1 
ATOM   937  H HG21 . VAL B 2 1  ? 5.198   10.931  -9.774  1.00 29.80 ? 1   VAL B HG21 1 
ATOM   938  H HG22 . VAL B 2 1  ? 5.885   10.527  -11.149 1.00 29.80 ? 1   VAL B HG22 1 
ATOM   939  H HG23 . VAL B 2 1  ? 6.187   9.689   -9.834  1.00 29.80 ? 1   VAL B HG23 1 
ATOM   940  N N    . SER B 2 2  ? 9.382   9.602   -8.928  1.00 19.93 ? 2   SER B N    1 
ATOM   941  C CA   . SER B 2 2  ? 9.698   8.314   -8.336  1.00 19.37 ? 2   SER B CA   1 
ATOM   942  C C    . SER B 2 2  ? 8.409   7.544   -8.039  1.00 18.45 ? 2   SER B C    1 
ATOM   943  O O    . SER B 2 2  ? 7.323   8.120   -7.953  1.00 18.52 ? 2   SER B O    1 
ATOM   944  C CB   . SER B 2 2  ? 10.473  8.522   -7.041  1.00 21.59 ? 2   SER B CB   1 
ATOM   945  O OG   . SER B 2 2  ? 9.594   9.090   -6.086  1.00 24.31 ? 2   SER B OG   1 
ATOM   946  H H    . SER B 2 2  ? 9.566   10.277  -8.427  1.00 23.91 ? 2   SER B H    1 
ATOM   947  H HA   . SER B 2 2  ? 10.239  7.788   -8.947  1.00 23.25 ? 2   SER B HA   1 
ATOM   948  H HB2  . SER B 2 2  ? 10.801  7.669   -6.716  1.00 25.90 ? 2   SER B HB2  1 
ATOM   949  H HB3  . SER B 2 2  ? 11.216  9.125   -7.199  1.00 25.90 ? 2   SER B HB3  1 
ATOM   950  H HG   . SER B 2 2  ? 9.996   9.203   -5.358  1.00 29.18 ? 2   SER B HG   1 
ATOM   951  N N    . LEU B 2 3  ? 8.546   6.226   -7.850  1.00 17.72 ? 3   LEU B N    1 
ATOM   952  C CA   . LEU B 2 3  ? 7.375   5.402   -7.554  1.00 17.85 ? 3   LEU B CA   1 
ATOM   953  C C    . LEU B 2 3  ? 6.631   5.917   -6.327  1.00 16.10 ? 3   LEU B C    1 
ATOM   954  O O    . LEU B 2 3  ? 5.397   5.904   -6.281  1.00 16.39 ? 3   LEU B O    1 
ATOM   955  C CB   . LEU B 2 3  ? 7.781   3.949   -7.309  1.00 19.36 ? 3   LEU B CB   1 
ATOM   956  C CG   . LEU B 2 3  ? 8.180   3.161   -8.550  1.00 20.89 ? 3   LEU B CG   1 
ATOM   957  C CD1  . LEU B 2 3  ? 8.907   1.841   -8.224  1.00 22.17 ? 3   LEU B CD1  1 
ATOM   958  C CD2  . LEU B 2 3  ? 6.948   2.898   -9.430  1.00 22.51 ? 3   LEU B CD2  1 
ATOM   959  H H    . LEU B 2 3  ? 9.289   5.796   -7.887  1.00 21.27 ? 3   LEU B H    1 
ATOM   960  H HA   . LEU B 2 3  ? 6.789   5.438   -8.326  1.00 21.42 ? 3   LEU B HA   1 
ATOM   961  H HB2  . LEU B 2 3  ? 8.539   3.943   -6.705  1.00 23.23 ? 3   LEU B HB2  1 
ATOM   962  H HB3  . LEU B 2 3  ? 7.029   3.488   -6.903  1.00 23.23 ? 3   LEU B HB3  1 
ATOM   963  H HG   . LEU B 2 3  ? 8.818   3.700   -9.045  1.00 25.06 ? 3   LEU B HG   1 
ATOM   964  H HD11 . LEU B 2 3  ? 9.109   1.379   -9.053  1.00 26.61 ? 3   LEU B HD11 1 
ATOM   965  H HD12 . LEU B 2 3  ? 9.728   2.042   -7.748  1.00 26.61 ? 3   LEU B HD12 1 
ATOM   966  H HD13 . LEU B 2 3  ? 8.329   1.290   -7.673  1.00 26.61 ? 3   LEU B HD13 1 
ATOM   967  H HD21 . LEU B 2 3  ? 7.204   2.326   -10.170 1.00 27.01 ? 3   LEU B HD21 1 
ATOM   968  H HD22 . LEU B 2 3  ? 6.265   2.463   -8.896  1.00 27.01 ? 3   LEU B HD22 1 
ATOM   969  H HD23 . LEU B 2 3  ? 6.613   3.744   -9.766  1.00 27.01 ? 3   LEU B HD23 1 
ATOM   970  N N    . ALA B 2 4  ? 7.366   6.359   -5.312  1.00 15.12 ? 4   ALA B N    1 
ATOM   971  C CA   . ALA B 2 4  ? 6.718   6.785   -4.082  1.00 14.35 ? 4   ALA B CA   1 
ATOM   972  C C    . ALA B 2 4  ? 5.877   8.039   -4.253  1.00 14.28 ? 4   ALA B C    1 
ATOM   973  O O    . ALA B 2 4  ? 4.971   8.274   -3.455  1.00 15.05 ? 4   ALA B O    1 
ATOM   974  C CB   . ALA B 2 4  ? 7.748   7.019   -2.987  1.00 14.99 ? 4   ALA B CB   1 
ATOM   975  H H    . ALA B 2 4  ? 8.224   6.421   -5.311  1.00 18.14 ? 4   ALA B H    1 
ATOM   976  H HA   . ALA B 2 4  ? 6.127   6.066   -3.812  1.00 17.22 ? 4   ALA B HA   1 
ATOM   977  H HB1  . ALA B 2 4  ? 7.294   7.325   -2.187  1.00 17.98 ? 4   ALA B HB1  1 
ATOM   978  H HB2  . ALA B 2 4  ? 8.212   6.186   -2.807  1.00 17.98 ? 4   ALA B HB2  1 
ATOM   979  H HB3  . ALA B 2 4  ? 8.381   7.691   -3.285  1.00 17.98 ? 4   ALA B HB3  1 
ATOM   980  N N    . ARG B 2 5  ? 6.181   8.878   -5.245  1.00 14.81 ? 5   ARG B N    1 
ATOM   981  C CA   . ARG B 2 5  ? 5.571   10.194  -5.398  1.00 15.93 ? 5   ARG B CA   1 
ATOM   982  C C    . ARG B 2 5  ? 4.555   10.265  -6.538  1.00 15.78 ? 5   ARG B C    1 
ATOM   983  O O    . ARG B 2 5  ? 4.123   11.359  -6.887  1.00 16.47 ? 5   ARG B O    1 
ATOM   984  C CB   . ARG B 2 5  ? 6.688   11.226  -5.580  1.00 18.14 ? 5   ARG B CB   1 
ATOM   985  C CG   . ARG B 2 5  ? 7.572   11.331  -4.342  1.00 21.39 ? 5   ARG B CG   1 
ATOM   986  C CD   . ARG B 2 5  ? 8.559   12.494  -4.354  1.00 25.66 ? 5   ARG B CD   1 
ATOM   987  N NE   . ARG B 2 5  ? 7.867   13.783  -4.347  1.00 30.25 ? 5   ARG B NE   1 
ATOM   988  C CZ   . ARG B 2 5  ? 7.755   14.599  -5.400  1.00 32.59 ? 5   ARG B CZ   1 
ATOM   989  N NH1  . ARG B 2 5  ? 8.294   14.282  -6.571  1.00 30.17 ? 5   ARG B NH1  1 
ATOM   990  N NH2  . ARG B 2 5  ? 7.094   15.743  -5.282  1.00 36.41 ? 5   ARG B NH2  1 
ATOM   991  H H    . ARG B 2 5  ? 6.757   8.698   -5.858  1.00 17.77 ? 5   ARG B H    1 
ATOM   992  H HA   . ARG B 2 5  ? 5.073   10.416  -4.596  1.00 19.12 ? 5   ARG B HA   1 
ATOM   993  H HB2  . ARG B 2 5  ? 7.245   10.964  -6.330  1.00 21.77 ? 5   ARG B HB2  1 
ATOM   994  H HB3  . ARG B 2 5  ? 6.295   12.096  -5.747  1.00 21.77 ? 5   ARG B HB3  1 
ATOM   995  H HG2  . ARG B 2 5  ? 7.003   11.442  -3.565  1.00 25.67 ? 5   ARG B HG2  1 
ATOM   996  H HG3  . ARG B 2 5  ? 8.089   10.514  -4.261  1.00 25.67 ? 5   ARG B HG3  1 
ATOM   997  H HD2  . ARG B 2 5  ? 9.121   12.445  -3.566  1.00 30.79 ? 5   ARG B HD2  1 
ATOM   998  H HD3  . ARG B 2 5  ? 9.103   12.444  -5.155  1.00 30.79 ? 5   ARG B HD3  1 
ATOM   999  H HE   . ARG B 2 5  ? 7.505   14.036  -3.609  1.00 36.29 ? 5   ARG B HE   1 
ATOM   1000 H HH11 . ARG B 2 5  ? 8.722   13.542  -6.662  1.00 36.20 ? 5   ARG B HH11 1 
ATOM   1001 H HH12 . ARG B 2 5  ? 8.213   14.818  -7.240  1.00 36.20 ? 5   ARG B HH12 1 
ATOM   1002 H HH21 . ARG B 2 5  ? 6.739   15.958  -4.529  1.00 43.69 ? 5   ARG B HH21 1 
ATOM   1003 H HH22 . ARG B 2 5  ? 7.021   16.269  -5.958  1.00 43.69 ? 5   ARG B HH22 1 
ATOM   1004 N N    . ARG B 2 6  ? 4.122   9.148   -7.093  1.00 14.93 ? 6   ARG B N    1 
ATOM   1005 C CA   . ARG B 2 6  ? 3.115   9.186   -8.119  1.00 15.09 ? 6   ARG B CA   1 
ATOM   1006 C C    . ARG B 2 6  ? 1.790   9.674   -7.549  1.00 14.50 ? 6   ARG B C    1 
ATOM   1007 O O    . ARG B 2 6  ? 1.528   9.540   -6.346  1.00 14.47 ? 6   ARG B O    1 
ATOM   1008 C CB   . ARG B 2 6  ? 2.911   7.780   -8.652  1.00 15.96 ? 6   ARG B CB   1 
ATOM   1009 C CG   . ARG B 2 6  ? 4.037   7.280   -9.529  1.00 16.49 ? 6   ARG B CG   1 
ATOM   1010 C CD   . ARG B 2 6  ? 3.903   5.784   -9.795  1.00 17.47 ? 6   ARG B CD   1 
ATOM   1011 N NE   . ARG B 2 6  ? 4.038   5.037   -8.553  1.00 16.90 ? 6   ARG B NE   1 
ATOM   1012 C CZ   . ARG B 2 6  ? 3.530   3.829   -8.325  1.00 17.11 ? 6   ARG B CZ   1 
ATOM   1013 N NH1  . ARG B 2 6  ? 2.879   3.164   -9.263  1.00 18.75 ? 6   ARG B NH1  1 
ATOM   1014 N NH2  . ARG B 2 6  ? 3.720   3.273   -7.146  1.00 16.96 ? 6   ARG B NH2  1 
ATOM   1015 H H    . ARG B 2 6  ? 4.398   8.360   -6.891  1.00 17.92 ? 6   ARG B H    1 
ATOM   1016 H HA   . ARG B 2 6  ? 3.391   9.786   -8.831  1.00 18.10 ? 6   ARG B HA   1 
ATOM   1017 H HB2  . ARG B 2 6  ? 2.831   7.173   -7.901  1.00 19.15 ? 6   ARG B HB2  1 
ATOM   1018 H HB3  . ARG B 2 6  ? 2.097   7.764   -9.181  1.00 19.15 ? 6   ARG B HB3  1 
ATOM   1019 H HG2  . ARG B 2 6  ? 4.014   7.746   -10.379 1.00 19.79 ? 6   ARG B HG2  1 
ATOM   1020 H HG3  . ARG B 2 6  ? 4.884   7.439   -9.086  1.00 19.79 ? 6   ARG B HG3  1 
ATOM   1021 H HD2  . ARG B 2 6  ? 3.031   5.598   -10.177 1.00 20.96 ? 6   ARG B HD2  1 
ATOM   1022 H HD3  . ARG B 2 6  ? 4.601   5.499   -10.405 1.00 20.96 ? 6   ARG B HD3  1 
ATOM   1023 H HE   . ARG B 2 6  ? 4.481   5.406   -7.915  1.00 20.28 ? 6   ARG B HE   1 
ATOM   1024 H HH11 . ARG B 2 6  ? 2.774   3.511   -10.043 1.00 22.51 ? 6   ARG B HH11 1 
ATOM   1025 H HH12 . ARG B 2 6  ? 2.559   2.384   -9.093  1.00 22.51 ? 6   ARG B HH12 1 
ATOM   1026 H HH21 . ARG B 2 6  ? 4.165   3.691   -6.540  1.00 20.36 ? 6   ARG B HH21 1 
ATOM   1027 H HH22 . ARG B 2 6  ? 3.399   2.492   -6.981  1.00 20.36 ? 6   ARG B HH22 1 
ATOM   1028 N N    . PRO B 2 7  ? 0.896   10.168  -8.401  1.00 14.51 ? 7   PRO B N    1 
ATOM   1029 C CA   . PRO B 2 7  ? -0.447  10.499  -7.900  1.00 13.86 ? 7   PRO B CA   1 
ATOM   1030 C C    . PRO B 2 7  ? -1.114  9.275   -7.280  1.00 14.07 ? 7   PRO B C    1 
ATOM   1031 O O    . PRO B 2 7  ? -0.952  8.144   -7.735  1.00 15.01 ? 7   PRO B O    1 
ATOM   1032 C CB   . PRO B 2 7  ? -1.186  10.948  -9.162  1.00 14.84 ? 7   PRO B CB   1 
ATOM   1033 C CG   . PRO B 2 7  ? -0.057  11.371  -10.104 1.00 16.71 ? 7   PRO B CG   1 
ATOM   1034 C CD   . PRO B 2 7  ? 0.997   10.362  -9.841  1.00 16.19 ? 7   PRO B CD   1 
ATOM   1035 H HA   . PRO B 2 7  ? -0.415  11.224  -7.258  1.00 16.63 ? 7   PRO B HA   1 
ATOM   1036 H HB2  . PRO B 2 7  ? -1.698  10.212  -9.534  1.00 17.81 ? 7   PRO B HB2  1 
ATOM   1037 H HB3  . PRO B 2 7  ? -1.774  11.692  -8.961  1.00 17.81 ? 7   PRO B HB3  1 
ATOM   1038 H HG2  . PRO B 2 7  ? -0.355  11.337  -11.027 1.00 20.05 ? 7   PRO B HG2  1 
ATOM   1039 H HG3  . PRO B 2 7  ? 0.248   12.265  -9.887  1.00 20.05 ? 7   PRO B HG3  1 
ATOM   1040 H HD2  . PRO B 2 7  ? 0.815   9.537   -10.318 1.00 19.43 ? 7   PRO B HD2  1 
ATOM   1041 H HD3  . PRO B 2 7  ? 1.873   10.700  -10.086 1.00 19.43 ? 7   PRO B HD3  1 
ATOM   1042 N N    . LEU B 2 8  ? -1.904  9.506   -6.237  1.00 13.87 ? 8   LEU B N    1 
ATOM   1043 C CA   . LEU B 2 8  ? -2.655  8.418   -5.618  1.00 13.93 ? 8   LEU B CA   1 
ATOM   1044 C C    . LEU B 2 8  ? -3.902  8.090   -6.432  1.00 14.35 ? 8   LEU B C    1 
ATOM   1045 O O    . LEU B 2 8  ? -4.476  8.950   -7.096  1.00 16.05 ? 8   LEU B O    1 
ATOM   1046 C CB   . LEU B 2 8  ? -3.088  8.831   -4.229  1.00 14.36 ? 8   LEU B CB   1 
ATOM   1047 C CG   . LEU B 2 8  ? -1.992  8.888   -3.185  1.00 14.01 ? 8   LEU B CG   1 
ATOM   1048 C CD1  . LEU B 2 8  ? -2.536  9.502   -1.911  1.00 14.76 ? 8   LEU B CD1  1 
ATOM   1049 C CD2  . LEU B 2 8  ? -1.434  7.488   -2.918  1.00 14.18 ? 8   LEU B CD2  1 
ATOM   1050 H H    . LEU B 2 8  ? -2.023  10.277  -5.872  1.00 16.64 ? 8   LEU B H    1 
ATOM   1051 H HA   . LEU B 2 8  ? -2.098  7.625   -5.568  1.00 16.71 ? 8   LEU B HA   1 
ATOM   1052 H HB2  . LEU B 2 8  ? -3.479  9.717   -4.285  1.00 17.23 ? 8   LEU B HB2  1 
ATOM   1053 H HB3  . LEU B 2 8  ? -3.751  8.195   -3.916  1.00 17.23 ? 8   LEU B HB3  1 
ATOM   1054 H HG   . LEU B 2 8  ? -1.263  9.440   -3.508  1.00 16.81 ? 8   LEU B HG   1 
ATOM   1055 H HD11 . LEU B 2 8  ? -1.833  9.515   -1.243  1.00 17.71 ? 8   LEU B HD11 1 
ATOM   1056 H HD12 . LEU B 2 8  ? -2.833  10.406  -2.098  1.00 17.71 ? 8   LEU B HD12 1 
ATOM   1057 H HD13 . LEU B 2 8  ? -3.281  8.967   -1.597  1.00 17.71 ? 8   LEU B HD13 1 
ATOM   1058 H HD21 . LEU B 2 8  ? -0.833  7.528   -2.157  1.00 17.01 ? 8   LEU B HD21 1 
ATOM   1059 H HD22 . LEU B 2 8  ? -2.169  6.886   -2.727  1.00 17.01 ? 8   LEU B HD22 1 
ATOM   1060 H HD23 . LEU B 2 8  ? -0.952  7.185   -3.703  1.00 17.01 ? 8   LEU B HD23 1 
ATOM   1061 N N    . PRO B 2 9  ? -4.367  6.846   -6.386  1.00 13.51 ? 9   PRO B N    1 
ATOM   1062 C CA   . PRO B 2 9  ? -5.634  6.532   -7.027  1.00 13.59 ? 9   PRO B CA   1 
ATOM   1063 C C    . PRO B 2 9  ? -6.765  7.247   -6.325  1.00 13.89 ? 9   PRO B C    1 
ATOM   1064 O O    . PRO B 2 9  ? -6.707  7.505   -5.109  1.00 15.09 ? 9   PRO B O    1 
ATOM   1065 C CB   . PRO B 2 9  ? -5.764  5.009   -6.836  1.00 14.25 ? 9   PRO B CB   1 
ATOM   1066 C CG   . PRO B 2 9  ? -4.533  4.554   -6.254  1.00 14.93 ? 9   PRO B CG   1 
ATOM   1067 C CD   . PRO B 2 9  ? -3.855  5.719   -5.597  1.00 13.60 ? 9   PRO B CD   1 
ATOM   1068 H HA   . PRO B 2 9  ? -5.613  6.756   -7.971  1.00 16.31 ? 9   PRO B HA   1 
ATOM   1069 H HB2  . PRO B 2 9  ? -6.510  4.821   -6.245  1.00 17.10 ? 9   PRO B HB2  1 
ATOM   1070 H HB3  . PRO B 2 9  ? -5.910  4.588   -7.697  1.00 17.10 ? 9   PRO B HB3  1 
ATOM   1071 H HG2  . PRO B 2 9  ? -4.729  3.867   -5.597  1.00 17.92 ? 9   PRO B HG2  1 
ATOM   1072 H HG3  . PRO B 2 9  ? -3.968  4.191   -6.954  1.00 17.92 ? 9   PRO B HG3  1 
ATOM   1073 H HD2  . PRO B 2 9  ? -4.115  5.795   -4.666  1.00 16.32 ? 9   PRO B HD2  1 
ATOM   1074 H HD3  . PRO B 2 9  ? -2.890  5.650   -5.669  1.00 16.32 ? 9   PRO B HD3  1 
ATOM   1075 N N    A PRO B 2 10 ? -7.821  7.597   -7.041  0.47 15.12 ? 10  PRO B N    1 
ATOM   1076 N N    B PRO B 2 10 ? -7.850  7.533   -7.021  0.53 13.92 ? 10  PRO B N    1 
ATOM   1077 C CA   A PRO B 2 10 ? -9.049  8.033   -6.367  0.47 16.21 ? 10  PRO B CA   1 
ATOM   1078 C CA   B PRO B 2 10 ? -9.035  8.023   -6.323  0.53 14.89 ? 10  PRO B CA   1 
ATOM   1079 C C    A PRO B 2 10 ? -9.558  6.923   -5.448  0.47 16.23 ? 10  PRO B C    1 
ATOM   1080 C C    B PRO B 2 10 ? -9.553  6.917   -5.424  0.53 14.84 ? 10  PRO B C    1 
ATOM   1081 O O    A PRO B 2 10 ? -9.299  5.746   -5.681  0.47 16.37 ? 10  PRO B O    1 
ATOM   1082 O O    B PRO B 2 10 ? -9.316  5.737   -5.667  0.53 13.96 ? 10  PRO B O    1 
ATOM   1083 C CB   A PRO B 2 10 ? -10.014 8.273   -7.534  0.47 17.09 ? 10  PRO B CB   1 
ATOM   1084 C CB   B PRO B 2 10 ? -10.027 8.285   -7.453  0.53 15.33 ? 10  PRO B CB   1 
ATOM   1085 C CG   A PRO B 2 10 ? -9.109  8.513   -8.756  0.47 17.45 ? 10  PRO B CG   1 
ATOM   1086 C CG   B PRO B 2 10 ? -9.659  7.313   -8.492  0.53 14.99 ? 10  PRO B CG   1 
ATOM   1087 C CD   A PRO B 2 10 ? -7.903  7.687   -8.518  0.47 16.05 ? 10  PRO B CD   1 
ATOM   1088 C CD   B PRO B 2 10 ? -8.154  7.162   -8.416  0.53 14.28 ? 10  PRO B CD   1 
ATOM   1089 H HA   A PRO B 2 10 ? -8.921  8.856   -5.871  0.47 19.45 ? 10  PRO B HA   1 
ATOM   1090 H HA   B PRO B 2 10 ? -8.869  8.846   -5.837  0.53 17.87 ? 10  PRO B HA   1 
ATOM   1091 H HB2  A PRO B 2 10 ? -10.574 7.492   -7.664  0.47 20.51 ? 10  PRO B HB2  1 
ATOM   1092 H HB2  B PRO B 2 10 ? -10.933 8.137   -7.140  0.53 18.40 ? 10  PRO B HB2  1 
ATOM   1093 H HB3  A PRO B 2 10 ? -10.565 9.050   -7.351  0.47 20.51 ? 10  PRO B HB3  1 
ATOM   1094 H HB3  B PRO B 2 10 ? -9.932  9.194   -7.775  0.53 18.40 ? 10  PRO B HB3  1 
ATOM   1095 H HG2  A PRO B 2 10 ? -9.566  8.233   -9.564  0.47 20.94 ? 10  PRO B HG2  1 
ATOM   1096 H HG2  B PRO B 2 10 ? -10.098 6.466   -8.316  0.53 17.99 ? 10  PRO B HG2  1 
ATOM   1097 H HG3  A PRO B 2 10 ? -8.878  9.454   -8.815  0.47 20.94 ? 10  PRO B HG3  1 
ATOM   1098 H HG3  B PRO B 2 10 ? -9.925  7.649   -9.362  0.53 17.99 ? 10  PRO B HG3  1 
ATOM   1099 H HD2  A PRO B 2 10 ? -8.009  6.806   -8.909  0.47 19.26 ? 10  PRO B HD2  1 
ATOM   1100 H HD2  B PRO B 2 10 ? -7.889  6.246   -8.596  0.53 17.13 ? 10  PRO B HD2  1 
ATOM   1101 H HD3  A PRO B 2 10 ? -7.114  8.120   -8.879  0.47 19.26 ? 10  PRO B HD3  1 
ATOM   1102 H HD3  B PRO B 2 10 ? -7.714  7.763   -9.038  0.53 17.13 ? 10  PRO B HD3  1 
ATOM   1103 N N    . LEU B 2 11 ? -10.283 7.300   -4.388  1.00 16.38 ? 11  LEU B N    1 
ATOM   1104 C CA   . LEU B 2 11 ? -11.020 6.300   -3.610  1.00 17.38 ? 11  LEU B CA   1 
ATOM   1105 C C    . LEU B 2 11 ? -12.009 5.580   -4.532  1.00 17.81 ? 11  LEU B C    1 
ATOM   1106 O O    . LEU B 2 11 ? -12.494 6.162   -5.501  1.00 20.08 ? 11  LEU B O    1 
ATOM   1107 C CB   . LEU B 2 11 ? -11.757 6.971   -2.448  1.00 19.48 ? 11  LEU B CB   1 
ATOM   1108 C CG   . LEU B 2 11 ? -10.858 7.673   -1.434  1.00 20.52 ? 11  LEU B CG   1 
ATOM   1109 C CD1  . LEU B 2 11 ? -11.737 8.240   -0.339  1.00 23.02 ? 11  LEU B CD1  1 
ATOM   1110 C CD2  . LEU B 2 11 ? -9.821  6.773   -0.802  1.00 19.96 ? 11  LEU B CD2  1 
ATOM   1111 H H    A LEU B 2 11 ? -10.362 8.109   -4.106  0.47 19.65 ? 11  LEU B H    1 
ATOM   1112 H H    B LEU B 2 11 ? -10.371 8.111   -4.116  0.53 19.65 ? 11  LEU B H    1 
ATOM   1113 H HA   . LEU B 2 11 ? -10.413 5.645   -3.233  1.00 20.85 ? 11  LEU B HA   1 
ATOM   1114 H HB2  . LEU B 2 11 ? -12.361 7.637   -2.812  1.00 23.38 ? 11  LEU B HB2  1 
ATOM   1115 H HB3  . LEU B 2 11 ? -12.260 6.293   -1.972  1.00 23.38 ? 11  LEU B HB3  1 
ATOM   1116 H HG   . LEU B 2 11 ? -10.366 8.363   -1.906  1.00 24.63 ? 11  LEU B HG   1 
ATOM   1117 H HD11 . LEU B 2 11 ? -11.180 8.702   0.306   1.00 27.62 ? 11  LEU B HD11 1 
ATOM   1118 H HD12 . LEU B 2 11 ? -12.372 8.859   -0.731  1.00 27.62 ? 11  LEU B HD12 1 
ATOM   1119 H HD13 . LEU B 2 11 ? -12.210 7.512   0.095   1.00 27.62 ? 11  LEU B HD13 1 
ATOM   1120 H HD21 . LEU B 2 11 ? -9.339  7.273   -0.124  1.00 23.95 ? 11  LEU B HD21 1 
ATOM   1121 H HD22 . LEU B 2 11 ? -10.266 6.013   -0.398  1.00 23.95 ? 11  LEU B HD22 1 
ATOM   1122 H HD23 . LEU B 2 11 ? -9.206  6.470   -1.488  1.00 23.95 ? 11  LEU B HD23 1 
ATOM   1123 N N    . PRO B 2 12 ? -12.319 4.299   -4.283  1.00 18.19 ? 12  PRO B N    1 
ATOM   1124 C CA   . PRO B 2 12 ? -13.287 3.571   -5.125  1.00 19.77 ? 12  PRO B CA   1 
ATOM   1125 C C    . PRO B 2 12 ? -14.651 4.211   -5.169  1.00 20.59 ? 12  PRO B C    1 
ATOM   1126 O O    . PRO B 2 12 ? -15.015 4.804   -4.169  1.00 19.59 ? 12  PRO B O    1 
ATOM   1127 C CB   . PRO B 2 12 ? -13.387 2.178   -4.464  1.00 20.84 ? 12  PRO B CB   1 
ATOM   1128 C CG   . PRO B 2 12 ? -12.341 2.137   -3.462  1.00 20.72 ? 12  PRO B CG   1 
ATOM   1129 C CD   . PRO B 2 12 ? -11.859 3.493   -3.146  1.00 17.72 ? 12  PRO B CD   1 
ATOM   1130 O OXT  . PRO B 2 12 ? -15.384 4.128   -6.153  1.00 25.54 ? 12  PRO B OXT  1 
ATOM   1131 H HA   . PRO B 2 12 ? -12.933 3.491   -6.024  1.00 23.72 ? 12  PRO B HA   1 
ATOM   1132 H HB2  . PRO B 2 12 ? -14.260 2.073   -4.053  1.00 25.00 ? 12  PRO B HB2  1 
ATOM   1133 H HB3  . PRO B 2 12 ? -13.251 1.488   -5.132  1.00 25.00 ? 12  PRO B HB3  1 
ATOM   1134 H HG2  . PRO B 2 12 ? -12.701 1.725   -2.661  1.00 24.87 ? 12  PRO B HG2  1 
ATOM   1135 H HG3  . PRO B 2 12 ? -11.608 1.604   -3.808  1.00 24.87 ? 12  PRO B HG3  1 
ATOM   1136 H HD2  . PRO B 2 12 ? -12.251 3.812   -2.317  1.00 21.26 ? 12  PRO B HD2  1 
ATOM   1137 H HD3  . PRO B 2 12 ? -10.891 3.507   -3.083  1.00 21.26 ? 12  PRO B HD3  1 
HETATM 1138 O O    A HOH C 3 .  ? 3.064   11.605  1.668   0.22 14.94 ? 201 HOH A O    1 
HETATM 1139 O O    . HOH C 3 .  ? 6.664   0.234   -12.740 1.00 23.44 ? 202 HOH A O    1 
HETATM 1140 O O    . HOH C 3 .  ? 14.358  6.931   1.983   1.00 27.54 ? 203 HOH A O    1 
HETATM 1141 O O    . HOH C 3 .  ? -6.617  -0.180  -10.451 1.00 31.01 ? 204 HOH A O    1 
HETATM 1142 O O    . HOH C 3 .  ? -11.506 -0.901  -5.245  1.00 27.01 ? 205 HOH A O    1 
HETATM 1143 O O    . HOH C 3 .  ? 7.565   -10.000 6.837   1.00 29.94 ? 206 HOH A O    1 
HETATM 1144 O O    . HOH C 3 .  ? -0.795  0.508   -9.825  1.00 15.43 ? 207 HOH A O    1 
HETATM 1145 O O    . HOH C 3 .  ? -12.766 -5.567  -6.195  1.00 27.99 ? 208 HOH A O    1 
HETATM 1146 O O    . HOH C 3 .  ? 0.290   -8.057  -6.314  1.00 19.14 ? 209 HOH A O    1 
HETATM 1147 O O    . HOH C 3 .  ? -5.344  -10.444 -2.655  1.00 23.51 ? 210 HOH A O    1 
HETATM 1148 O O    . HOH C 3 .  ? 8.260   -10.247 -0.284  1.00 37.87 ? 211 HOH A O    1 
HETATM 1149 O O    . HOH C 3 .  ? 11.106  10.991  -1.999  1.00 34.26 ? 212 HOH A O    1 
HETATM 1150 O O    . HOH C 3 .  ? -16.370 -0.931  5.816   1.00 28.96 ? 213 HOH A O    1 
HETATM 1151 O O    . HOH C 3 .  ? -11.458 -9.135  1.257   1.00 17.51 ? 214 HOH A O    1 
HETATM 1152 O O    . HOH C 3 .  ? -16.441 -2.658  1.533   1.00 26.03 ? 215 HOH A O    1 
HETATM 1153 O O    . HOH C 3 .  ? -1.862  -8.013  0.006   1.00 21.42 ? 216 HOH A O    1 
HETATM 1154 O O    . HOH C 3 .  ? 4.669   -1.617  9.875   1.00 22.67 ? 217 HOH A O    1 
HETATM 1155 O O    . HOH C 3 .  ? -9.199  6.230   2.913   1.00 13.93 ? 218 HOH A O    1 
HETATM 1156 O O    . HOH C 3 .  ? -9.300  1.557   -7.227  1.00 30.57 ? 219 HOH A O    1 
HETATM 1157 O O    . HOH C 3 .  ? -8.195  -7.578  8.746   1.00 35.56 ? 220 HOH A O    1 
HETATM 1158 O O    . HOH C 3 .  ? -4.326  -7.677  -9.882  1.00 19.60 ? 221 HOH A O    1 
HETATM 1159 O O    . HOH C 3 .  ? 5.818   10.122  2.973   1.00 33.03 ? 222 HOH A O    1 
HETATM 1160 O O    . HOH C 3 .  ? -4.531  3.292   -9.903  1.00 29.66 ? 223 HOH A O    1 
HETATM 1161 O O    . HOH C 3 .  ? 12.722  2.352   4.700   1.00 21.66 ? 224 HOH A O    1 
HETATM 1162 O O    . HOH C 3 .  ? 2.274   -6.968  -8.038  1.00 24.62 ? 225 HOH A O    1 
HETATM 1163 O O    . HOH C 3 .  ? 9.816   4.273   -0.984  1.00 24.25 ? 226 HOH A O    1 
HETATM 1164 O O    . HOH C 3 .  ? -0.306  -8.426  -2.566  1.00 29.63 ? 227 HOH A O    1 
HETATM 1165 O O    . HOH C 3 .  ? -0.642  -0.867  -4.791  1.00 15.16 ? 228 HOH A O    1 
HETATM 1166 O O    . HOH C 3 .  ? 6.289   -6.119  11.683  1.00 28.58 ? 229 HOH A O    1 
HETATM 1167 O O    . HOH C 3 .  ? -12.797 -7.744  -0.765  1.00 19.71 ? 230 HOH A O    1 
HETATM 1168 O O    . HOH C 3 .  ? -3.255  -9.824  -4.319  1.00 23.45 ? 231 HOH A O    1 
HETATM 1169 O O    . HOH C 3 .  ? 3.955   11.751  -2.667  1.00 21.57 ? 232 HOH A O    1 
HETATM 1170 O O    . HOH C 3 .  ? 14.394  9.169   -1.826  1.00 60.87 ? 233 HOH A O    1 
HETATM 1171 O O    . HOH C 3 .  ? 0.388   -1.711  17.061  1.00 35.05 ? 234 HOH A O    1 
HETATM 1172 O O    . HOH C 3 .  ? -10.720 -2.985  6.321   1.00 18.68 ? 235 HOH A O    1 
HETATM 1173 O O    . HOH C 3 .  ? -2.602  9.528   2.014   1.00 33.52 ? 236 HOH A O    1 
HETATM 1174 O O    . HOH C 3 .  ? 10.661  -8.024  1.370   1.00 38.14 ? 237 HOH A O    1 
HETATM 1175 O O    . HOH C 3 .  ? 7.576   5.717   0.249   1.00 28.64 ? 238 HOH A O    1 
HETATM 1176 O O    . HOH C 3 .  ? -5.907  -9.907  7.655   1.00 31.93 ? 239 HOH A O    1 
HETATM 1177 O O    . HOH C 3 .  ? 9.784   4.484   6.588   1.00 30.51 ? 240 HOH A O    1 
HETATM 1178 O O    . HOH C 3 .  ? -13.447 0.266   4.495   1.00 18.77 ? 241 HOH A O    1 
HETATM 1179 O O    B HOH C 3 .  ? -1.763  -2.084  -16.385 0.30 14.94 ? 242 HOH A O    1 
HETATM 1180 O O    . HOH C 3 .  ? 0.413   -11.896 -7.719  1.00 31.81 ? 243 HOH A O    1 
HETATM 1181 O O    . HOH C 3 .  ? -3.081  6.711   5.410   1.00 27.74 ? 244 HOH A O    1 
HETATM 1182 O O    . HOH C 3 .  ? -2.018  13.326  -1.274  1.00 32.60 ? 245 HOH A O    1 
HETATM 1183 O O    . HOH C 3 .  ? -0.126  -15.483 5.225   1.00 31.92 ? 246 HOH A O    1 
HETATM 1184 O O    . HOH C 3 .  ? -7.059  5.969   5.005   1.00 24.20 ? 247 HOH A O    1 
HETATM 1185 O O    . HOH C 3 .  ? -0.766  -2.449  14.827  1.00 32.50 ? 248 HOH A O    1 
HETATM 1186 O O    . HOH C 3 .  ? 11.726  7.809   -3.838  1.00 42.84 ? 249 HOH A O    1 
HETATM 1187 O O    . HOH C 3 .  ? 2.532   9.577   3.313   1.00 24.97 ? 250 HOH A O    1 
HETATM 1188 O O    . HOH C 3 .  ? 3.138   -2.423  18.960  1.00 20.20 ? 251 HOH A O    1 
HETATM 1189 O O    . HOH C 3 .  ? 5.757   0.567   13.212  1.00 27.89 ? 252 HOH A O    1 
HETATM 1190 O O    . HOH C 3 .  ? 1.146   0.189   -15.788 1.00 29.94 ? 253 HOH A O    1 
HETATM 1191 O O    . HOH C 3 .  ? -13.317 -2.848  -1.772  1.00 26.51 ? 254 HOH A O    1 
HETATM 1192 O O    . HOH C 3 .  ? -14.294 -1.408  0.823   1.00 23.79 ? 255 HOH A O    1 
HETATM 1193 O O    . HOH C 3 .  ? -8.322  -0.805  -8.298  1.00 21.20 ? 256 HOH A O    1 
HETATM 1194 O O    . HOH C 3 .  ? -7.616  10.078  -0.798  1.00 26.31 ? 257 HOH A O    1 
HETATM 1195 O O    . HOH C 3 .  ? 9.673   -1.114  15.596  1.00 31.14 ? 258 HOH A O    1 
HETATM 1196 O O    . HOH C 3 .  ? -10.138 -5.177  -7.246  1.00 32.79 ? 259 HOH A O    1 
HETATM 1197 O O    . HOH C 3 .  ? -7.842  -6.481  -6.082  1.00 24.43 ? 260 HOH A O    1 
HETATM 1198 O O    . HOH C 3 .  ? -11.695 -8.591  -6.760  1.00 59.36 ? 261 HOH A O    1 
HETATM 1199 O O    . HOH C 3 .  ? -7.474  -9.706  12.290  1.00 36.52 ? 262 HOH A O    1 
HETATM 1200 O O    . HOH C 3 .  ? 12.510  -1.245  6.604   1.00 37.07 ? 263 HOH A O    1 
HETATM 1201 O O    . HOH C 3 .  ? 9.105   -8.805  -14.518 1.00 37.74 ? 264 HOH A O    1 
HETATM 1202 O O    . HOH C 3 .  ? 5.667   -12.113 -13.125 1.00 44.67 ? 265 HOH A O    1 
HETATM 1203 O O    . HOH C 3 .  ? 7.201   -12.312 -3.076  1.00 47.25 ? 266 HOH A O    1 
HETATM 1204 O O    . HOH C 3 .  ? 13.935  -0.019  4.546   1.00 32.26 ? 267 HOH A O    1 
HETATM 1205 O O    . HOH C 3 .  ? -14.563 -3.264  7.622   1.00 37.86 ? 268 HOH A O    1 
HETATM 1206 O O    . HOH C 3 .  ? 8.898   -6.332  5.753   1.00 29.94 ? 269 HOH A O    1 
HETATM 1207 O O    . HOH C 3 .  ? -11.805 -5.407  6.865   1.00 34.50 ? 270 HOH A O    1 
HETATM 1208 O O    . HOH C 3 .  ? -3.203  6.036   7.829   1.00 38.52 ? 271 HOH A O    1 
HETATM 1209 O O    . HOH C 3 .  ? 2.104   6.938   8.770   1.00 41.29 ? 272 HOH A O    1 
HETATM 1210 O O    . HOH C 3 .  ? -12.836 -1.241  6.709   1.00 20.51 ? 273 HOH A O    1 
HETATM 1211 O O    . HOH C 3 .  ? -3.074  -9.940  -9.470  1.00 29.53 ? 274 HOH A O    1 
HETATM 1212 O O    . HOH C 3 .  ? -6.449  -8.268  -8.055  1.00 36.19 ? 275 HOH A O    1 
HETATM 1213 O O    . HOH C 3 .  ? -0.637  2.527   -11.690 1.00 26.88 ? 276 HOH A O    1 
HETATM 1214 O O    . HOH C 3 .  ? -0.668  -9.603  -8.568  1.00 32.38 ? 277 HOH A O    1 
HETATM 1215 O O    . HOH C 3 .  ? -13.986 -7.458  4.289   1.00 50.46 ? 278 HOH A O    1 
HETATM 1216 O O    . HOH C 3 .  ? -4.929  -10.227 -6.361  1.00 33.94 ? 279 HOH A O    1 
HETATM 1217 O O    . HOH C 3 .  ? -13.531 -9.991  3.030   1.00 28.95 ? 280 HOH A O    1 
HETATM 1218 O O    . HOH C 3 .  ? 5.679   2.739   -13.110 1.00 36.73 ? 281 HOH A O    1 
HETATM 1219 O O    . HOH C 3 .  ? 1.247   2.185   -13.790 1.00 29.94 ? 282 HOH A O    1 
HETATM 1220 O O    . HOH C 3 .  ? -16.161 -5.115  0.350   1.00 38.09 ? 283 HOH A O    1 
HETATM 1221 O O    . HOH D 3 .  ? -16.360 6.954   -3.588  1.00 34.07 ? 101 HOH B O    1 
HETATM 1222 O O    . HOH D 3 .  ? -0.734  6.813   -10.019 1.00 27.91 ? 102 HOH B O    1 
HETATM 1223 O O    . HOH D 3 .  ? 2.901   12.979  -8.791  1.00 19.08 ? 103 HOH B O    1 
HETATM 1224 O O    A HOH D 3 .  ? 1.029   11.816  -4.813  0.27 14.95 ? 104 HOH B O    1 
HETATM 1225 O O    . HOH D 3 .  ? 7.180   6.332   -11.048 1.00 37.17 ? 105 HOH B O    1 
HETATM 1226 O O    . HOH D 3 .  ? -6.731  10.341  -4.756  1.00 25.95 ? 106 HOH B O    1 
HETATM 1227 O O    . HOH D 3 .  ? 10.126  5.594   -5.081  1.00 28.23 ? 107 HOH B O    1 
HETATM 1228 O O    . HOH D 3 .  ? 0.453   4.454   -10.222 1.00 38.56 ? 108 HOH B O    1 
HETATM 1229 O O    . HOH D 3 .  ? 3.187   13.372  -4.983  1.00 31.47 ? 109 HOH B O    1 
HETATM 1230 O O    . HOH D 3 .  ? 10.332  12.110  -7.736  1.00 38.36 ? 110 HOH B O    1 
HETATM 1231 O O    . HOH D 3 .  ? 11.282  5.243   -8.388  1.00 31.11 ? 111 HOH B O    1 
HETATM 1232 O O    . HOH D 3 .  ? 3.109   3.421   -12.297 1.00 34.13 ? 112 HOH B O    1 
HETATM 1233 O O    . HOH D 3 .  ? 10.537  7.109   -12.800 1.00 35.02 ? 113 HOH B O    1 
HETATM 1234 O O    . HOH D 3 .  ? -10.593 10.404  -4.268  1.00 31.84 ? 114 HOH B O    1 
# 
loop_
_atom_site_anisotrop.id 
_atom_site_anisotrop.type_symbol 
_atom_site_anisotrop.pdbx_label_atom_id 
_atom_site_anisotrop.pdbx_label_alt_id 
_atom_site_anisotrop.pdbx_label_comp_id 
_atom_site_anisotrop.pdbx_label_asym_id 
_atom_site_anisotrop.pdbx_label_seq_id 
_atom_site_anisotrop.pdbx_PDB_ins_code 
_atom_site_anisotrop.U[1][1] 
_atom_site_anisotrop.U[2][2] 
_atom_site_anisotrop.U[3][3] 
_atom_site_anisotrop.U[1][2] 
_atom_site_anisotrop.U[1][3] 
_atom_site_anisotrop.U[2][3] 
_atom_site_anisotrop.pdbx_auth_seq_id 
_atom_site_anisotrop.pdbx_auth_comp_id 
_atom_site_anisotrop.pdbx_auth_asym_id 
_atom_site_anisotrop.pdbx_auth_atom_id 
1    N N   . GLY A 1  ? 0.2456 0.3659 0.3428 -0.0720 -0.1400 0.1294  83  GLY A N   
2    C CA  . GLY A 1  ? 0.2107 0.3406 0.3442 -0.0318 -0.1112 0.0942  83  GLY A CA  
3    C C   . GLY A 1  ? 0.1973 0.2827 0.3542 -0.0250 -0.0877 0.0815  83  GLY A C   
4    O O   . GLY A 1  ? 0.2655 0.2862 0.4139 -0.0502 -0.0630 0.0854  83  GLY A O   
7    N N   . VAL A 2  ? 0.2091 0.2774 0.2938 -0.0115 -0.0929 0.0909  84  VAL A N   
8    C CA  . VAL A 2  ? 0.2250 0.2703 0.2642 0.0253  -0.0780 0.0623  84  VAL A CA  
9    C C   . VAL A 2  ? 0.2200 0.2441 0.2720 0.0003  -0.0812 0.0625  84  VAL A C   
10   O O   . VAL A 2  ? 0.2386 0.2638 0.2679 0.0014  -0.0680 0.0421  84  VAL A O   
11   C CB  . VAL A 2  ? 0.2718 0.2782 0.2859 0.0691  -0.0766 0.0401  84  VAL A CB  
12   C CG1 . VAL A 2  ? 0.2664 0.3473 0.3207 0.0618  -0.0596 0.0124  84  VAL A CG1 
13   C CG2 . VAL A 2  ? 0.2953 0.2696 0.2819 0.0733  -0.0552 0.0292  84  VAL A CG2 
23   N N   . THR A 3  ? 0.2264 0.2240 0.2625 0.0039  -0.0939 0.0397  85  THR A N   
24   C CA  . THR A 3  ? 0.2470 0.2373 0.2329 0.0177  -0.1022 -0.0014 85  THR A CA  
25   C C   . THR A 3  ? 0.2173 0.2152 0.1996 0.0157  -0.0771 0.0034  85  THR A C   
26   O O   . THR A 3  ? 0.2479 0.2917 0.2042 -0.0187 -0.0664 -0.0016 85  THR A O   
27   C CB  . THR A 3  ? 0.3257 0.2432 0.2721 0.0148  -0.1251 -0.0305 85  THR A CB  
28   O OG1 . THR A 3  ? 0.3822 0.2571 0.2897 0.0353  -0.1446 -0.0536 85  THR A OG1 
29   C CG2 . THR A 3  ? 0.3424 0.2429 0.2883 0.0370  -0.1163 -0.0230 85  THR A CG2 
37   N N   . LEU A 4  ? 0.1850 0.1943 0.1567 0.0323  -0.0590 -0.0108 86  LEU A N   
38   C CA  . LEU A 4  ? 0.1803 0.1941 0.1680 0.0307  -0.0700 -0.0151 86  LEU A CA  
39   C C   . LEU A 4  ? 0.1667 0.1973 0.1563 0.0382  -0.0614 -0.0189 86  LEU A C   
40   O O   . LEU A 4  ? 0.1719 0.2153 0.1640 0.0526  -0.0647 -0.0228 86  LEU A O   
41   C CB  . LEU A 4  ? 0.2081 0.2019 0.1806 0.0309  -0.0586 -0.0073 86  LEU A CB  
42   C CG  . LEU A 4  ? 0.2292 0.1940 0.2039 0.0364  -0.0463 -0.0041 86  LEU A CG  
43   C CD1 . LEU A 4  ? 0.2565 0.2087 0.2350 0.0247  -0.0341 0.0210  86  LEU A CD1 
44   C CD2 . LEU A 4  ? 0.2252 0.1946 0.2235 0.0429  -0.0483 0.0030  86  LEU A CD2 
56   N N   . PHE A 5  ? 0.1438 0.1853 0.1544 0.0300  -0.0558 -0.0231 87  PHE A N   
57   C CA  . PHE A 5  ? 0.1350 0.1811 0.1507 0.0191  -0.0562 -0.0211 87  PHE A CA  
58   C C   . PHE A 5  ? 0.1278 0.1846 0.1524 0.0193  -0.0444 -0.0318 87  PHE A C   
59   O O   . PHE A 5  ? 0.1328 0.1979 0.1904 0.0194  -0.0494 -0.0428 87  PHE A O   
60   C CB  . PHE A 5  ? 0.1396 0.2045 0.1440 0.0079  -0.0585 -0.0238 87  PHE A CB  
61   C CG  . PHE A 5  ? 0.1676 0.2170 0.1561 -0.0098 -0.0459 -0.0261 87  PHE A CG  
62   C CD1 . PHE A 5  ? 0.1821 0.2316 0.1891 -0.0263 -0.0644 -0.0207 87  PHE A CD1 
63   C CD2 . PHE A 5  ? 0.2037 0.2055 0.1865 -0.0157 -0.0296 -0.0217 87  PHE A CD2 
64   C CE1 . PHE A 5  ? 0.2294 0.2676 0.2024 -0.0614 -0.0698 -0.0306 87  PHE A CE1 
65   C CE2 . PHE A 5  ? 0.2472 0.2328 0.2120 -0.0471 -0.0290 -0.0293 87  PHE A CE2 
66   C CZ  . PHE A 5  ? 0.2625 0.2410 0.2202 -0.0701 -0.0502 -0.0568 87  PHE A CZ  
76   N N   . VAL A 6  ? 0.1279 0.1746 0.1465 0.0166  -0.0573 -0.0244 88  VAL A N   
77   C CA  . VAL A 6  ? 0.1212 0.1767 0.1407 0.0159  -0.0511 -0.0183 88  VAL A CA  
78   C C   . VAL A 6  ? 0.1225 0.1580 0.1331 0.0208  -0.0458 -0.0120 88  VAL A C   
79   O O   . VAL A 6  ? 0.1394 0.1551 0.1388 0.0139  -0.0499 -0.0078 88  VAL A O   
80   C CB  . VAL A 6  ? 0.1527 0.2094 0.1424 0.0203  -0.0416 -0.0016 88  VAL A CB  
81   C CG1 . VAL A 6  ? 0.1659 0.2394 0.1801 0.0205  -0.0276 -0.0064 88  VAL A CG1 
82   C CG2 . VAL A 6  ? 0.1513 0.2055 0.1590 0.0169  -0.0401 0.0020  88  VAL A CG2 
92   N N   . ALA A 7  ? 0.1209 0.1371 0.1459 0.0134  -0.0471 -0.0096 89  ALA A N   
93   C CA  . ALA A 7  ? 0.1133 0.1537 0.1372 0.0123  -0.0400 -0.0074 89  ALA A CA  
94   C C   . ALA A 7  ? 0.1164 0.1494 0.1406 0.0103  -0.0394 -0.0149 89  ALA A C   
95   O O   . ALA A 7  ? 0.1167 0.1536 0.1565 0.0094  -0.0372 0.0008  89  ALA A O   
96   C CB  . ALA A 7  ? 0.1229 0.1558 0.1276 0.0100  -0.0423 -0.0065 89  ALA A CB  
102  N N   . LEU A 8  ? 0.1166 0.1492 0.1529 0.0128  -0.0375 -0.0100 90  LEU A N   
103  C CA  . LEU A 8  ? 0.1132 0.1615 0.1714 0.0143  -0.0356 -0.0111 90  LEU A CA  
104  C C   . LEU A 8  ? 0.1125 0.1492 0.1712 0.0185  -0.0419 -0.0060 90  LEU A C   
105  O O   . LEU A 8  ? 0.1201 0.1884 0.1734 0.0136  -0.0326 -0.0097 90  LEU A O   
106  C CB  . LEU A 8  ? 0.1316 0.1579 0.1714 0.0136  -0.0413 -0.0093 90  LEU A CB  
107  C CG  . LEU A 8  ? 0.1625 0.1723 0.1795 0.0054  -0.0459 -0.0140 90  LEU A CG  
108  C CD1 . LEU A 8  ? 0.1631 0.1711 0.1888 0.0125  -0.0495 -0.0148 90  LEU A CD1 
109  C CD2 . LEU A 8  ? 0.2006 0.1772 0.1778 0.0031  -0.0395 -0.0233 90  LEU A CD2 
121  N N   . TYR A 9  ? 0.1051 0.1639 0.1616 0.0088  -0.0444 -0.0167 91  TYR A N   
122  C CA  . TYR A 9  ? 0.1071 0.1894 0.1656 0.0085  -0.0523 -0.0138 91  TYR A CA  
123  C C   . TYR A 9  ? 0.0989 0.1929 0.1636 -0.0066 -0.0492 -0.0168 91  TYR A C   
124  O O   . TYR A 9  ? 0.1052 0.2139 0.1732 0.0069  -0.0596 -0.0426 91  TYR A O   
125  C CB  . TYR A 9  ? 0.1257 0.1927 0.1590 0.0096  -0.0585 -0.0111 91  TYR A CB  
126  C CG  . TYR A 9  ? 0.1157 0.1764 0.1776 0.0180  -0.0527 -0.0028 91  TYR A CG  
127  C CD1 . TYR A 9  ? 0.1140 0.1865 0.1990 0.0154  -0.0488 -0.0077 91  TYR A CD1 
128  C CD2 . TYR A 9  ? 0.1106 0.1807 0.1842 0.0243  -0.0468 -0.0001 91  TYR A CD2 
129  C CE1 . TYR A 9  ? 0.1139 0.1898 0.1960 0.0230  -0.0375 -0.0005 91  TYR A CE1 
130  C CE2 . TYR A 9  ? 0.1193 0.1771 0.1943 0.0144  -0.0447 -0.0009 91  TYR A CE2 
131  C CZ  . TYR A 9  ? 0.1311 0.1677 0.1992 0.0208  -0.0399 0.0009  91  TYR A CZ  
132  O OH  . TYR A 9  ? 0.1532 0.1769 0.2222 0.0260  -0.0250 -0.0138 91  TYR A OH  
142  N N   . ASP A 10 ? 0.0951 0.1866 0.1722 -0.0040 -0.0517 -0.0180 92  ASP A N   
143  C CA  . ASP A 10 ? 0.1157 0.1759 0.1690 -0.0093 -0.0523 -0.0152 92  ASP A CA  
144  C C   . ASP A 10 ? 0.1283 0.1772 0.1638 -0.0075 -0.0535 -0.0144 92  ASP A C   
145  O O   . ASP A 10 ? 0.1439 0.1913 0.1772 0.0014  -0.0414 -0.0086 92  ASP A O   
146  C CB  . ASP A 10 ? 0.1436 0.1940 0.1713 -0.0181 -0.0598 -0.0221 92  ASP A CB  
147  C CG  . ASP A 10 ? 0.1513 0.2174 0.1712 -0.0349 -0.0595 -0.0320 92  ASP A CG  
148  O OD1 . ASP A 10 ? 0.1564 0.2117 0.1843 -0.0370 -0.0619 -0.0108 92  ASP A OD1 
149  O OD2 . ASP A 10 ? 0.1757 0.2443 0.2092 -0.0488 -0.0866 -0.0228 92  ASP A OD2 
154  N N   . TYR A 11 ? 0.1249 0.1794 0.1608 -0.0017 -0.0513 -0.0069 93  TYR A N   
155  C CA  . TYR A 11 ? 0.1308 0.1836 0.1518 -0.0053 -0.0571 -0.0052 93  TYR A CA  
156  C C   . TYR A 11 ? 0.1366 0.1943 0.1529 -0.0080 -0.0582 -0.0080 93  TYR A C   
157  O O   . TYR A 11 ? 0.1482 0.1921 0.1546 -0.0035 -0.0556 -0.0142 93  TYR A O   
158  C CB  . TYR A 11 ? 0.1296 0.1931 0.1647 -0.0085 -0.0566 -0.0173 93  TYR A CB  
159  C CG  . TYR A 11 ? 0.1302 0.1860 0.1578 0.0042  -0.0487 -0.0159 93  TYR A CG  
160  C CD1 . TYR A 11 ? 0.1440 0.1922 0.1698 0.0043  -0.0467 -0.0061 93  TYR A CD1 
161  C CD2 . TYR A 11 ? 0.1266 0.1943 0.1543 0.0020  -0.0583 -0.0172 93  TYR A CD2 
162  C CE1 . TYR A 11 ? 0.1475 0.1942 0.1873 -0.0114 -0.0620 0.0067  93  TYR A CE1 
163  C CE2 . TYR A 11 ? 0.1235 0.2209 0.1561 -0.0158 -0.0556 -0.0217 93  TYR A CE2 
164  C CZ  . TYR A 11 ? 0.1436 0.2179 0.1680 -0.0240 -0.0568 -0.0128 93  TYR A CZ  
165  O OH  . TYR A 11 ? 0.1474 0.2359 0.1770 -0.0351 -0.0467 -0.0018 93  TYR A OH  
175  N N   . GLU A 12 ? 0.1490 0.2253 0.1606 0.0053  -0.0546 -0.0045 94  GLU A N   
176  C CA  . GLU A 12 ? 0.1875 0.2497 0.1574 0.0008  -0.0455 -0.0223 94  GLU A CA  
177  C C   . GLU A 12 ? 0.2077 0.2362 0.1392 -0.0022 -0.0357 -0.0349 94  GLU A C   
178  O O   . GLU A 12 ? 0.2336 0.2448 0.1674 0.0025  -0.0257 -0.0099 94  GLU A O   
179  C CB  . GLU A 12 ? 0.2309 0.3076 0.1765 -0.0028 -0.0591 -0.0379 94  GLU A CB  
180  C CG  . GLU A 12 ? 0.2254 0.3878 0.2261 -0.0157 -0.0522 -0.0249 94  GLU A CG  
181  C CD  . GLU A 12 ? 0.2569 0.4896 0.2974 -0.0145 -0.0728 -0.0422 94  GLU A CD  
182  O OE1 . GLU A 12 ? 0.3420 0.5336 0.2568 0.0153  -0.1381 -0.0521 94  GLU A OE1 
183  O OE2 . GLU A 12 ? 0.3014 0.5629 0.4405 -0.0876 -0.0556 -0.0629 94  GLU A OE2 
190  N N   . ALA A 13 ? 0.1876 0.2428 0.1418 -0.0177 -0.0321 -0.0438 95  ALA A N   
191  C CA  . ALA A 13 ? 0.1939 0.2594 0.1425 -0.0293 -0.0333 -0.0393 95  ALA A CA  
192  C C   . ALA A 13 ? 0.1811 0.2393 0.1522 -0.0023 -0.0281 -0.0401 95  ALA A C   
193  O O   . ALA A 13 ? 0.2097 0.2514 0.1531 -0.0062 -0.0327 -0.0465 95  ALA A O   
194  C CB  . ALA A 13 ? 0.1898 0.2937 0.1410 -0.0545 -0.0492 -0.0242 95  ALA A CB  
200  N N   . ARG A 14 ? 0.1734 0.2312 0.1469 0.0030  -0.0368 -0.0310 96  ARG A N   
201  C CA  . ARG A 14 ? 0.1780 0.2362 0.1423 0.0060  -0.0349 -0.0235 96  ARG A CA  
202  C C   . ARG A 14 ? 0.1602 0.2212 0.1250 -0.0042 -0.0411 -0.0189 96  ARG A C   
203  O O   . ARG A 14 ? 0.1638 0.2794 0.1295 0.0227  -0.0534 -0.0160 96  ARG A O   
204  C CB  . ARG A 14 ? 0.2386 0.2756 0.1812 0.0389  -0.0209 -0.0038 96  ARG A CB  
205  C CG  . ARG A 14 ? 0.2641 0.3277 0.2603 0.0778  -0.0302 -0.0199 96  ARG A CG  
206  C CD  . ARG A 14 ? 0.2531 0.3826 0.3437 0.0953  -0.0530 -0.0282 96  ARG A CD  
207  N NE  . ARG A 14 ? 0.2580 0.4819 0.3744 0.1298  -0.0760 -0.0974 96  ARG A NE  
208  C CZ  . ARG A 14 ? 0.3411 0.5124 0.4080 0.1657  -0.0710 -0.0960 96  ARG A CZ  
209  N NH1 . ARG A 14 ? 0.4061 0.5143 0.4490 0.1932  -0.0748 -0.1029 96  ARG A NH1 
210  N NH2 . ARG A 14 ? 0.3785 0.5572 0.4155 0.1667  -0.0761 -0.1109 96  ARG A NH2 
224  N N   . THR A 15 ? 0.1641 0.2260 0.1287 -0.0136 -0.0406 -0.0182 97  THR A N   
225  C CA  . THR A 15 ? 0.1702 0.2501 0.1448 -0.0225 -0.0353 -0.0189 97  THR A CA  
226  C C   . THR A 15 ? 0.1469 0.2160 0.1249 -0.0153 -0.0322 -0.0351 97  THR A C   
227  O O   . THR A 15 ? 0.1528 0.2181 0.1276 -0.0133 -0.0336 -0.0269 97  THR A O   
228  C CB  . THR A 15 ? 0.2308 0.2831 0.1979 -0.0609 -0.0325 0.0044  97  THR A CB  
229  O OG1 . THR A 15 ? 0.2243 0.2598 0.2561 -0.0650 -0.0712 -0.0022 97  THR A OG1 
230  C CG2 . THR A 15 ? 0.3168 0.2916 0.1630 -0.1221 -0.0338 -0.0043 97  THR A CG2 
238  N N   . GLU A 16 ? 0.1482 0.2138 0.1282 -0.0205 -0.0268 -0.0300 98  GLU A N   
239  C CA  . GLU A 16 ? 0.1624 0.1944 0.1788 -0.0018 -0.0161 -0.0137 98  GLU A CA  
240  C C   . GLU A 16 ? 0.1669 0.2142 0.1569 0.0255  -0.0290 0.0058  98  GLU A C   
241  O O   . GLU A 16 ? 0.2258 0.2676 0.1696 0.0492  -0.0331 0.0382  98  GLU A O   
242  C CB  . GLU A 16 ? 0.1941 0.2063 0.2557 -0.0036 -0.0001 -0.0334 98  GLU A CB  
243  C CG  . GLU A 16 ? 0.2734 0.2150 0.3251 -0.0145 -0.0033 -0.0459 98  GLU A CG  
244  C CD  . GLU A 16 ? 0.3289 0.2494 0.4215 0.0203  0.0155  -0.0443 98  GLU A CD  
245  O OE1 . GLU A 16 ? 0.3433 0.3073 0.5360 0.0147  0.0400  -0.0695 98  GLU A OE1 
246  O OE2 . GLU A 16 ? 0.3634 0.3031 0.4545 0.0324  0.0128  -0.0814 98  GLU A OE2 
253  N N   . ASP A 17 ? 0.1420 0.2306 0.1271 0.0005  -0.0340 -0.0144 99  ASP A N   
254  C CA  . ASP A 17 ? 0.1441 0.2669 0.1345 -0.0108 -0.0441 -0.0308 99  ASP A CA  
255  C C   . ASP A 17 ? 0.1344 0.2515 0.1240 -0.0130 -0.0544 -0.0271 99  ASP A C   
256  O O   . ASP A 17 ? 0.1333 0.2999 0.1342 0.0053  -0.0521 -0.0408 99  ASP A O   
257  C CB  . ASP A 17 ? 0.1690 0.2938 0.1661 -0.0453 -0.0328 -0.0383 99  ASP A CB  
258  C CG  . ASP A 17 ? 0.1884 0.3488 0.2165 -0.0128 -0.0233 -0.0097 99  ASP A CG  
259  O OD1 . ASP A 17 ? 0.2027 0.4567 0.3231 0.0420  -0.0124 0.0719  99  ASP A OD1 
260  O OD2 . ASP A 17 ? 0.2228 0.3187 0.2084 -0.0408 -0.0126 -0.0341 99  ASP A OD2 
265  N N   . ASP A 18 ? 0.1258 0.2371 0.1081 -0.0103 -0.0446 -0.0205 100 ASP A N   
266  C CA  . ASP A 18 ? 0.1301 0.2005 0.1154 -0.0039 -0.0451 -0.0231 100 ASP A CA  
267  C C   . ASP A 18 ? 0.1253 0.1927 0.1357 0.0028  -0.0340 -0.0266 100 ASP A C   
268  O O   . ASP A 18 ? 0.1902 0.2106 0.1537 -0.0170 -0.0318 -0.0378 100 ASP A O   
269  C CB  . ASP A 18 ? 0.1388 0.2131 0.1230 -0.0042 -0.0518 -0.0182 100 ASP A CB  
270  C CG  . ASP A 18 ? 0.1613 0.2182 0.1309 -0.0052 -0.0621 0.0044  100 ASP A CG  
271  O OD1 . ASP A 18 ? 0.1945 0.2334 0.1773 -0.0333 -0.0936 0.0107  100 ASP A OD1 
272  O OD2 . ASP A 18 ? 0.1661 0.2208 0.1620 -0.0002 -0.0642 0.0153  100 ASP A OD2 
277  N N   . LEU A 19 ? 0.1141 0.1792 0.1382 0.0038  -0.0347 -0.0247 101 LEU A N   
278  C CA  . LEU A 19 ? 0.1200 0.1760 0.1476 0.0084  -0.0335 -0.0180 101 LEU A CA  
279  C C   . LEU A 19 ? 0.1166 0.1734 0.1566 -0.0031 -0.0357 -0.0205 101 LEU A C   
280  O O   . LEU A 19 ? 0.1210 0.1773 0.1645 0.0005  -0.0568 -0.0229 101 LEU A O   
281  C CB  . LEU A 19 ? 0.1225 0.1768 0.1599 -0.0131 -0.0388 -0.0034 101 LEU A CB  
282  C CG  . LEU A 19 ? 0.1372 0.1865 0.1831 0.0033  -0.0546 -0.0056 101 LEU A CG  
283  C CD1 . LEU A 19 ? 0.1572 0.1977 0.1916 -0.0084 -0.0700 0.0105  101 LEU A CD1 
284  C CD2 . LEU A 19 ? 0.1421 0.2042 0.2141 0.0269  -0.0638 -0.0195 101 LEU A CD2 
296  N N   . SER A 20 ? 0.1136 0.1851 0.1710 -0.0071 -0.0331 -0.0385 102 SER A N   
297  C CA  . SER A 20 ? 0.1228 0.1826 0.1638 -0.0096 -0.0395 -0.0279 102 SER A CA  
298  C C   . SER A 20 ? 0.1246 0.1710 0.1646 -0.0016 -0.0398 -0.0231 102 SER A C   
299  O O   . SER A 20 ? 0.1342 0.1900 0.1820 0.0139  -0.0383 -0.0162 102 SER A O   
300  C CB  . SER A 20 ? 0.1485 0.2132 0.1750 -0.0237 -0.0482 -0.0356 102 SER A CB  
301  O OG  . SER A 20 ? 0.1868 0.2336 0.1528 -0.0365 -0.0387 -0.0465 102 SER A OG  
307  N N   . PHE A 21 ? 0.1216 0.1702 0.1532 -0.0062 -0.0459 -0.0299 103 PHE A N   
308  C CA  . PHE A 21 ? 0.1269 0.1607 0.1479 0.0019  -0.0470 -0.0270 103 PHE A CA  
309  C C   . PHE A 21 ? 0.1275 0.1632 0.1600 0.0044  -0.0444 -0.0194 103 PHE A C   
310  O O   . PHE A 21 ? 0.1238 0.1742 0.1628 -0.0097 -0.0469 -0.0198 103 PHE A O   
311  C CB  . PHE A 21 ? 0.1283 0.1633 0.1433 -0.0038 -0.0529 -0.0218 103 PHE A CB  
312  C CG  . PHE A 21 ? 0.1262 0.1625 0.1347 -0.0167 -0.0538 -0.0234 103 PHE A CG  
313  C CD1 . PHE A 21 ? 0.1342 0.1743 0.1356 -0.0182 -0.0398 -0.0254 103 PHE A CD1 
314  C CD2 . PHE A 21 ? 0.1141 0.1701 0.1438 -0.0166 -0.0578 -0.0187 103 PHE A CD2 
315  C CE1 . PHE A 21 ? 0.1182 0.1813 0.1542 -0.0090 -0.0416 -0.0242 103 PHE A CE1 
316  C CE2 . PHE A 21 ? 0.1116 0.1718 0.1523 -0.0215 -0.0491 -0.0168 103 PHE A CE2 
317  C CZ  . PHE A 21 ? 0.1218 0.1686 0.1502 -0.0134 -0.0470 -0.0233 103 PHE A CZ  
327  N N   . HIS A 22 ? 0.1298 0.1914 0.1736 -0.0032 -0.0373 -0.0011 104 HIS A N   
328  C CA  . HIS A 22 ? 0.1302 0.1623 0.1678 -0.0017 -0.0361 -0.0086 104 HIS A CA  
329  C C   . HIS A 22 ? 0.1188 0.1511 0.1658 -0.0072 -0.0415 -0.0094 104 HIS A C   
330  O O   . HIS A 22 ? 0.1233 0.1656 0.1679 -0.0026 -0.0460 -0.0021 104 HIS A O   
331  C CB  . HIS A 22 ? 0.1659 0.1765 0.1871 -0.0248 -0.0270 -0.0175 104 HIS A CB  
332  C CG  . HIS A 22 ? 0.2563 0.1664 0.2173 -0.0438 -0.0191 -0.0263 104 HIS A CG  
333  N ND1 . HIS A 22 ? 0.3128 0.1808 0.2466 -0.0537 0.0139  -0.0432 104 HIS A ND1 
334  C CD2 . HIS A 22 ? 0.3095 0.2146 0.2314 -0.0312 -0.0395 -0.0283 104 HIS A CD2 
335  C CE1 . HIS A 22 ? 0.3422 0.1684 0.2486 -0.0453 0.0132  -0.0562 104 HIS A CE1 
336  N NE2 . HIS A 22 ? 0.3611 0.2192 0.2253 -0.0574 -0.0260 -0.0330 104 HIS A NE2 
344  N N   . LYS A 23 ? 0.1183 0.1755 0.1619 0.0015  -0.0439 -0.0098 105 LYS A N   
345  C CA  . LYS A 23 ? 0.1225 0.1709 0.1757 0.0023  -0.0429 -0.0139 105 LYS A CA  
346  C C   . LYS A 23 ? 0.1165 0.1578 0.1732 -0.0048 -0.0314 -0.0158 105 LYS A C   
347  O O   . LYS A 23 ? 0.1460 0.1707 0.1903 -0.0172 -0.0390 -0.0165 105 LYS A O   
348  C CB  . LYS A 23 ? 0.1369 0.2001 0.1947 0.0204  -0.0392 -0.0175 105 LYS A CB  
349  C CG  . LYS A 23 ? 0.1499 0.2136 0.2186 0.0184  -0.0419 -0.0393 105 LYS A CG  
350  C CD  . LYS A 23 ? 0.1652 0.2775 0.2669 0.0319  -0.0358 -0.0474 105 LYS A CD  
351  C CE  . LYS A 23 ? 0.1761 0.3136 0.3005 0.0277  -0.0234 -0.0611 105 LYS A CE  
352  N NZ  . LYS A 23 ? 0.1921 0.4029 0.3710 0.0449  -0.0418 -0.0659 105 LYS A NZ  
366  N N   . GLY A 24 ? 0.1191 0.1508 0.1698 -0.0091 -0.0334 -0.0109 106 GLY A N   
367  C CA  . GLY A 24 ? 0.1342 0.1539 0.1754 0.0008  -0.0446 -0.0142 106 GLY A CA  
368  C C   . GLY A 24 ? 0.1334 0.1642 0.1765 0.0024  -0.0482 0.0011  106 GLY A C   
369  O O   . GLY A 24 ? 0.1578 0.1876 0.1873 0.0044  -0.0504 0.0219  106 GLY A O   
373  N N   . GLU A 25 ? 0.1312 0.1637 0.1648 0.0124  -0.0519 -0.0141 107 GLU A N   
374  C CA  . GLU A 25 ? 0.1344 0.1539 0.1860 0.0170  -0.0528 -0.0020 107 GLU A CA  
375  C C   . GLU A 25 ? 0.1321 0.1589 0.1678 0.0124  -0.0458 0.0045  107 GLU A C   
376  O O   . GLU A 25 ? 0.1445 0.1697 0.1793 0.0182  -0.0616 -0.0021 107 GLU A O   
377  C CB  . GLU A 25 ? 0.1291 0.1811 0.2023 0.0186  -0.0425 -0.0093 107 GLU A CB  
378  C CG  . GLU A 25 ? 0.1580 0.1891 0.2292 0.0035  -0.0448 -0.0074 107 GLU A CG  
379  C CD  . GLU A 25 ? 0.1606 0.1943 0.2430 -0.0058 -0.0293 -0.0207 107 GLU A CD  
380  O OE1 . GLU A 25 ? 0.1449 0.2248 0.2240 0.0006  -0.0238 0.0012  107 GLU A OE1 
381  O OE2 . GLU A 25 ? 0.1940 0.2319 0.2297 -0.0245 -0.0172 -0.0485 107 GLU A OE2 
388  N N   . LYS A 26 ? 0.1266 0.1566 0.1730 0.0052  -0.0427 0.0018  108 LYS A N   
389  C CA  . LYS A 26 ? 0.1335 0.1658 0.1637 0.0030  -0.0393 0.0042  108 LYS A CA  
390  C C   . LYS A 26 ? 0.1177 0.1698 0.1390 0.0109  -0.0428 -0.0132 108 LYS A C   
391  O O   . LYS A 26 ? 0.1229 0.1703 0.1601 0.0001  -0.0438 -0.0141 108 LYS A O   
392  C CB  . LYS A 26 ? 0.1637 0.2244 0.1871 -0.0100 -0.0345 0.0295  108 LYS A CB  
393  C CG  . LYS A 26 ? 0.1922 0.2928 0.2368 -0.0255 -0.0154 0.0364  108 LYS A CG  
394  C CD  . LYS A 26 ? 0.2876 0.3506 0.2776 -0.0293 -0.0102 0.0527  108 LYS A CD  
395  C CE  . LYS A 26 ? 0.3357 0.4271 0.3095 -0.0081 0.0069  0.0309  108 LYS A CE  
396  N NZ  . LYS A 26 ? 0.3974 0.4579 0.3295 0.0040  -0.0170 0.0433  108 LYS A NZ  
410  N N   . PHE A 27 ? 0.1100 0.1690 0.1330 0.0102  -0.0547 -0.0077 109 PHE A N   
411  C CA  . PHE A 27 ? 0.1107 0.1785 0.1383 0.0150  -0.0568 -0.0007 109 PHE A CA  
412  C C   . PHE A 27 ? 0.1108 0.1885 0.1425 0.0183  -0.0612 -0.0037 109 PHE A C   
413  O O   . PHE A 27 ? 0.1333 0.2064 0.1427 0.0263  -0.0672 -0.0164 109 PHE A O   
414  C CB  . PHE A 27 ? 0.1264 0.1719 0.1402 0.0059  -0.0527 -0.0060 109 PHE A CB  
415  C CG  . PHE A 27 ? 0.1356 0.1654 0.1413 0.0120  -0.0549 0.0011  109 PHE A CG  
416  C CD1 . PHE A 27 ? 0.1504 0.1694 0.1464 0.0044  -0.0523 -0.0065 109 PHE A CD1 
417  C CD2 . PHE A 27 ? 0.1354 0.2256 0.1474 0.0232  -0.0587 -0.0067 109 PHE A CD2 
418  C CE1 . PHE A 27 ? 0.1661 0.1987 0.1519 -0.0043 -0.0631 -0.0160 109 PHE A CE1 
419  C CE2 . PHE A 27 ? 0.1373 0.2615 0.1718 0.0129  -0.0738 -0.0018 109 PHE A CE2 
420  C CZ  . PHE A 27 ? 0.1596 0.2500 0.1630 -0.0009 -0.0867 -0.0024 109 PHE A CZ  
430  N N   . GLN A 28 ? 0.1072 0.1932 0.1459 0.0155  -0.0591 -0.0057 110 GLN A N   
431  C CA  . GLN A 28 ? 0.1364 0.2149 0.1450 0.0087  -0.0734 0.0021  110 GLN A CA  
432  C C   . GLN A 28 ? 0.1455 0.2036 0.1504 0.0026  -0.0578 -0.0077 110 GLN A C   
433  O O   . GLN A 28 ? 0.2037 0.2165 0.1606 -0.0322 -0.0232 -0.0274 110 GLN A O   
434  C CB  . GLN A 28 ? 0.1582 0.2573 0.1916 0.0142  -0.0886 0.0147  110 GLN A CB  
435  C CG  . GLN A 28 ? 0.2224 0.2865 0.2230 0.0318  -0.0753 0.0380  110 GLN A CG  
436  C CD  . GLN A 28 ? 0.2732 0.2823 0.2515 0.0515  -0.0639 0.0451  110 GLN A CD  
437  O OE1 . GLN A 28 ? 0.3751 0.3260 0.2576 0.0748  -0.0686 0.0217  110 GLN A OE1 
438  N NE2 . GLN A 28 ? 0.2872 0.3315 0.3137 0.1052  -0.0994 0.0554  110 GLN A NE2 
447  N N   . ILE A 29 ? 0.1686 0.2169 0.1399 -0.0131 -0.0572 -0.0183 111 ILE A N   
448  C CA  . ILE A 29 ? 0.1990 0.2173 0.1622 -0.0236 -0.0454 -0.0207 111 ILE A CA  
449  C C   . ILE A 29 ? 0.1847 0.2470 0.1462 -0.0480 -0.0669 -0.0152 111 ILE A C   
450  O O   . ILE A 29 ? 0.2105 0.3527 0.1615 -0.0773 -0.0770 0.0096  111 ILE A O   
451  C CB  . ILE A 29 ? 0.2833 0.2200 0.2100 -0.0193 -0.0082 -0.0312 111 ILE A CB  
452  C CG1 . ILE A 29 ? 0.2897 0.2364 0.2471 0.0148  0.0095  -0.0248 111 ILE A CG1 
453  C CG2 . ILE A 29 ? 0.3312 0.2126 0.2602 -0.0323 0.0152  -0.0310 111 ILE A CG2 
454  C CD1 . ILE A 29 ? 0.2738 0.2465 0.2614 0.0212  0.0061  -0.0021 111 ILE A CD1 
466  N N   . VAL A 30 ? 0.1612 0.2458 0.1504 -0.0362 -0.0745 0.0021  112 VAL A N   
467  C CA  . VAL A 30 ? 0.1655 0.2689 0.1808 -0.0231 -0.0817 0.0030  112 VAL A CA  
468  C C   . VAL A 30 ? 0.1634 0.2738 0.1666 -0.0363 -0.0808 -0.0112 112 VAL A C   
469  O O   . VAL A 30 ? 0.1786 0.2858 0.2001 -0.0403 -0.1019 -0.0103 112 VAL A O   
470  C CB  . VAL A 30 ? 0.1724 0.2561 0.2140 -0.0046 -0.0734 -0.0055 112 VAL A CB  
471  C CG1 . VAL A 30 ? 0.1733 0.2641 0.2440 -0.0039 -0.0681 -0.0189 112 VAL A CG1 
472  C CG2 . VAL A 30 ? 0.1886 0.2605 0.2339 0.0007  -0.0761 0.0024  112 VAL A CG2 
482  N N   . ASN A 31 ? 0.1569 0.2534 0.1606 -0.0338 -0.0724 -0.0305 113 ASN A N   
483  C CA  . ASN A 31 ? 0.1585 0.2547 0.1798 -0.0403 -0.0587 -0.0346 113 ASN A CA  
484  C C   . ASN A 31 ? 0.1633 0.2288 0.1871 -0.0478 -0.0773 -0.0392 113 ASN A C   
485  O O   . ASN A 31 ? 0.1729 0.2551 0.1812 -0.0441 -0.0811 -0.0407 113 ASN A O   
486  C CB  . ASN A 31 ? 0.1705 0.2680 0.1938 -0.0526 -0.0471 -0.0355 113 ASN A CB  
487  C CG  . ASN A 31 ? 0.1803 0.2727 0.2412 -0.0550 -0.0322 -0.0358 113 ASN A CG  
488  O OD1 . ASN A 31 ? 0.2180 0.2722 0.2483 -0.0583 -0.0527 -0.0312 113 ASN A OD1 
489  N ND2 . ASN A 31 ? 0.2056 0.3126 0.2826 -0.0665 -0.0507 -0.0603 113 ASN A ND2 
496  N N   . ASN A 32 ? 0.1922 0.2496 0.1812 -0.0205 -0.0929 -0.0341 114 ASN A N   
497  C CA  . ASN A 32 ? 0.2276 0.2504 0.2378 -0.0023 -0.1013 -0.0195 114 ASN A CA  
498  C C   . ASN A 32 ? 0.2668 0.2651 0.2542 -0.0179 -0.1049 -0.0447 114 ASN A C   
499  O O   . ASN A 32 ? 0.2991 0.2714 0.3200 -0.0108 -0.0779 -0.0618 114 ASN A O   
500  C CB  . ASN A 32 ? 0.2226 0.2787 0.2900 0.0086  -0.0887 -0.0197 114 ASN A CB  
501  C CG  . ASN A 32 ? 0.2618 0.3059 0.2775 -0.0130 -0.0775 -0.0657 114 ASN A CG  
502  O OD1 . ASN A 32 ? 0.3250 0.3720 0.3080 -0.0532 -0.0710 -0.0675 114 ASN A OD1 
503  N ND2 . ASN A 32 ? 0.3172 0.4043 0.2769 -0.0501 -0.1199 -0.0499 114 ASN A ND2 
510  N N   . THR A 33 ? 0.2773 0.2498 0.2427 -0.0366 -0.1221 -0.0338 115 THR A N   
511  C CA  . THR A 33 ? 0.2861 0.2571 0.2877 -0.0513 -0.1155 -0.0439 115 THR A CA  
512  C C   . THR A 33 ? 0.2552 0.2293 0.2892 -0.0340 -0.0810 -0.0337 115 THR A C   
513  O O   . THR A 33 ? 0.3667 0.2381 0.3133 -0.0455 -0.0681 -0.0360 115 THR A O   
514  C CB  . THR A 33 ? 0.3154 0.3020 0.3203 -0.0496 -0.1386 -0.0448 115 THR A CB  
515  O OG1 . THR A 33 ? 0.2591 0.3258 0.3910 -0.0270 -0.1598 -0.0599 115 THR A OG1 
516  C CG2 . THR A 33 ? 0.3757 0.3124 0.3049 -0.0370 -0.1357 -0.0378 115 THR A CG2 
524  N N   . GLU A 34 ? 0.1689 0.2086 0.2743 -0.0136 -0.0707 -0.0105 116 GLU A N   
525  C CA  . GLU A 34 ? 0.1298 0.2111 0.2824 -0.0090 -0.0504 -0.0159 116 GLU A CA  
526  C C   . GLU A 34 ? 0.1315 0.2161 0.2880 -0.0083 -0.0426 0.0054  116 GLU A C   
527  O O   . GLU A 34 ? 0.1556 0.2423 0.3535 -0.0060 -0.0308 0.0651  116 GLU A O   
528  C CB  . GLU A 34 ? 0.1456 0.2328 0.2897 0.0042  -0.0458 -0.0257 116 GLU A CB  
529  C CG  . GLU A 34 ? 0.1506 0.2630 0.3282 0.0029  -0.0337 -0.0204 116 GLU A CG  
530  C CD  . GLU A 34 ? 0.1819 0.2931 0.3752 -0.0050 -0.0105 -0.0532 116 GLU A CD  
531  O OE1 . GLU A 34 ? 0.2242 0.3471 0.4340 -0.0008 -0.0100 -0.1262 116 GLU A OE1 
532  O OE2 . GLU A 34 ? 0.1808 0.3839 0.4171 0.0166  -0.0048 -0.0791 116 GLU A OE2 
539  N N   . GLY A 35 ? 0.1324 0.2148 0.2613 -0.0287 -0.0515 0.0056  117 GLY A N   
540  C CA  . GLY A 35 ? 0.1322 0.2083 0.2558 -0.0173 -0.0476 0.0000  117 GLY A CA  
541  C C   . GLY A 35 ? 0.1327 0.1752 0.2470 -0.0161 -0.0504 -0.0059 117 GLY A C   
542  O O   . GLY A 35 ? 0.1543 0.2031 0.2292 -0.0235 -0.0582 -0.0036 117 GLY A O   
546  N N   A ASP A 36 ? 0.1185 0.1975 0.2371 -0.0158 -0.0449 -0.0074 118 ASP A N   
547  N N   B ASP A 36 ? 0.1290 0.1797 0.2528 -0.0064 -0.0460 0.0032  118 ASP A N   
548  C CA  A ASP A 36 ? 0.1151 0.2020 0.2359 -0.0205 -0.0518 -0.0086 118 ASP A CA  
549  C CA  B ASP A 36 ? 0.1270 0.1751 0.2555 -0.0058 -0.0444 0.0047  118 ASP A CA  
550  C C   A ASP A 36 ? 0.1112 0.1907 0.2068 -0.0150 -0.0661 0.0035  118 ASP A C   
551  C C   B ASP A 36 ? 0.1131 0.1781 0.2097 -0.0120 -0.0653 0.0101  118 ASP A C   
552  O O   A ASP A 36 ? 0.1137 0.1789 0.2032 -0.0123 -0.0654 0.0018  118 ASP A O   
553  O O   B ASP A 36 ? 0.1051 0.1918 0.1889 -0.0152 -0.0711 0.0045  118 ASP A O   
554  C CB  A ASP A 36 ? 0.1219 0.2085 0.2545 -0.0115 -0.0357 -0.0047 118 ASP A CB  
555  C CB  B ASP A 36 ? 0.1534 0.1735 0.2931 0.0017  -0.0297 0.0107  118 ASP A CB  
556  C CG  A ASP A 36 ? 0.1764 0.2173 0.2842 -0.0082 -0.0297 -0.0119 118 ASP A CG  
557  C CG  B ASP A 36 ? 0.2167 0.1919 0.3241 -0.0031 -0.0089 0.0013  118 ASP A CG  
558  O OD1 A ASP A 36 ? 0.2121 0.2189 0.3023 -0.0039 -0.0241 -0.0417 118 ASP A OD1 
559  O OD1 B ASP A 36 ? 0.2577 0.2028 0.3315 0.0251  -0.0162 -0.0093 118 ASP A OD1 
560  O OD2 A ASP A 36 ? 0.1984 0.2381 0.2998 -0.0035 -0.0405 -0.0070 118 ASP A OD2 
561  O OD2 B ASP A 36 ? 0.2503 0.2180 0.3522 0.0369  0.0081  -0.0003 118 ASP A OD2 
570  N N   . TRP A 37 ? 0.1169 0.1662 0.1909 -0.0180 -0.0653 0.0155  119 TRP A N   
571  C CA  . TRP A 37 ? 0.1039 0.1639 0.1777 -0.0157 -0.0669 0.0159  119 TRP A CA  
572  C C   . TRP A 37 ? 0.1073 0.1703 0.1705 -0.0080 -0.0687 -0.0016 119 TRP A C   
573  O O   . TRP A 37 ? 0.1086 0.1956 0.1945 -0.0133 -0.0772 0.0179  119 TRP A O   
574  C CB  . TRP A 37 ? 0.1138 0.1686 0.1784 -0.0036 -0.0674 0.0133  119 TRP A CB  
575  C CG  . TRP A 37 ? 0.1129 0.1664 0.1730 0.0000  -0.0625 0.0119  119 TRP A CG  
576  C CD1 . TRP A 37 ? 0.1136 0.1711 0.1906 -0.0043 -0.0654 0.0209  119 TRP A CD1 
577  C CD2 . TRP A 37 ? 0.1104 0.1688 0.1644 0.0063  -0.0565 0.0031  119 TRP A CD2 
578  N NE1 . TRP A 37 ? 0.1215 0.1767 0.1919 0.0093  -0.0709 0.0259  119 TRP A NE1 
579  C CE2 . TRP A 37 ? 0.1135 0.1810 0.1711 0.0018  -0.0626 0.0151  119 TRP A CE2 
580  C CE3 . TRP A 37 ? 0.1175 0.1702 0.1779 0.0024  -0.0570 0.0021  119 TRP A CE3 
581  C CZ2 . TRP A 37 ? 0.1148 0.1975 0.1717 -0.0026 -0.0635 0.0119  119 TRP A CZ2 
582  C CZ3 . TRP A 37 ? 0.1210 0.1716 0.1813 -0.0010 -0.0534 -0.0046 119 TRP A CZ3 
583  C CH2 . TRP A 37 ? 0.1266 0.1985 0.1729 -0.0003 -0.0614 -0.0060 119 TRP A CH2 
595  N N   . TRP A 38 ? 0.1080 0.1752 0.1753 -0.0081 -0.0649 0.0051  120 TRP A N   
596  C CA  . TRP A 38 ? 0.1140 0.1749 0.1570 -0.0017 -0.0648 -0.0075 120 TRP A CA  
597  C C   . TRP A 38 ? 0.1125 0.1698 0.1465 -0.0071 -0.0684 -0.0035 120 TRP A C   
598  O O   . TRP A 38 ? 0.1077 0.1744 0.1529 -0.0018 -0.0700 -0.0136 120 TRP A O   
599  C CB  . TRP A 38 ? 0.1399 0.1854 0.1535 -0.0032 -0.0696 -0.0226 120 TRP A CB  
600  C CG  . TRP A 38 ? 0.1420 0.1796 0.1753 -0.0044 -0.0595 -0.0292 120 TRP A CG  
601  C CD1 . TRP A 38 ? 0.1547 0.1904 0.1877 0.0040  -0.0505 -0.0210 120 TRP A CD1 
602  C CD2 . TRP A 38 ? 0.1488 0.1756 0.1690 -0.0011 -0.0635 -0.0305 120 TRP A CD2 
603  N NE1 . TRP A 38 ? 0.1643 0.1997 0.2037 0.0035  -0.0643 -0.0370 120 TRP A NE1 
604  C CE2 . TRP A 38 ? 0.1502 0.1902 0.2050 0.0154  -0.0678 -0.0376 120 TRP A CE2 
605  C CE3 . TRP A 38 ? 0.1814 0.1888 0.1782 0.0002  -0.0584 -0.0253 120 TRP A CE3 
606  C CZ2 . TRP A 38 ? 0.1651 0.2074 0.2107 0.0078  -0.0633 -0.0504 120 TRP A CZ2 
607  C CZ3 . TRP A 38 ? 0.1941 0.2277 0.1941 -0.0090 -0.0426 -0.0307 120 TRP A CZ3 
608  C CH2 . TRP A 38 ? 0.1984 0.2418 0.2065 0.0052  -0.0442 -0.0469 120 TRP A CH2 
619  N N   . LEU A 39 ? 0.1103 0.1799 0.1550 -0.0084 -0.0727 -0.0084 121 LEU A N   
620  C CA  . LEU A 39 ? 0.1082 0.1873 0.1526 -0.0055 -0.0683 -0.0055 121 LEU A CA  
621  C C   . LEU A 39 ? 0.1046 0.1754 0.1382 0.0021  -0.0648 -0.0103 121 LEU A C   
622  O O   . LEU A 39 ? 0.1344 0.2061 0.1355 -0.0160 -0.0694 -0.0173 121 LEU A O   
623  C CB  . LEU A 39 ? 0.1079 0.2177 0.1751 -0.0017 -0.0635 -0.0256 121 LEU A CB  
624  C CG  . LEU A 39 ? 0.1153 0.2401 0.2330 0.0159  -0.0601 -0.0306 121 LEU A CG  
625  C CD1 . LEU A 39 ? 0.1268 0.2499 0.2324 0.0189  -0.0459 -0.0470 121 LEU A CD1 
626  C CD2 . LEU A 39 ? 0.1192 0.2470 0.2660 0.0235  -0.0582 -0.0380 121 LEU A CD2 
638  N N   . ALA A 40 ? 0.1150 0.1750 0.1273 0.0115  -0.0653 -0.0075 122 ALA A N   
639  C CA  . ALA A 40 ? 0.1216 0.1703 0.1380 0.0079  -0.0624 -0.0008 122 ALA A CA  
640  C C   . ALA A 40 ? 0.1280 0.1650 0.1450 0.0140  -0.0599 0.0082  122 ALA A C   
641  O O   . ALA A 40 ? 0.1621 0.1716 0.1482 0.0257  -0.0595 -0.0054 122 ALA A O   
642  C CB  . ALA A 40 ? 0.1294 0.1716 0.1671 0.0086  -0.0465 0.0170  122 ALA A CB  
648  N N   . HIS A 41 ? 0.1281 0.1677 0.1547 0.0105  -0.0318 0.0128  123 HIS A N   
649  C CA  . HIS A 41 ? 0.1185 0.1780 0.1726 0.0225  -0.0259 0.0202  123 HIS A CA  
650  C C   . HIS A 41 ? 0.1252 0.1606 0.1649 0.0165  -0.0386 0.0089  123 HIS A C   
651  O O   . HIS A 41 ? 0.1367 0.1771 0.1631 0.0049  -0.0402 -0.0050 123 HIS A O   
652  C CB  . HIS A 41 ? 0.1323 0.2080 0.2326 0.0337  -0.0288 0.0395  123 HIS A CB  
653  C CG  . HIS A 41 ? 0.1695 0.2213 0.3079 0.0534  -0.0216 0.0479  123 HIS A CG  
654  N ND1 . HIS A 41 ? 0.2160 0.2319 0.3469 0.0676  -0.0193 0.0427  123 HIS A ND1 
655  C CD2 . HIS A 41 ? 0.2072 0.2304 0.3591 0.0598  0.0032  0.0625  123 HIS A CD2 
656  C CE1 . HIS A 41 ? 0.2606 0.2258 0.3990 0.0658  -0.0061 0.0369  123 HIS A CE1 
657  N NE2 . HIS A 41 ? 0.2493 0.2037 0.4209 0.0597  0.0004  0.0733  123 HIS A NE2 
665  N N   . SER A 42 ? 0.1415 0.1694 0.1647 -0.0026 -0.0334 -0.0033 124 SER A N   
666  C CA  . SER A 42 ? 0.1455 0.1575 0.1666 0.0060  -0.0376 -0.0049 124 SER A CA  
667  C C   . SER A 42 ? 0.1323 0.1689 0.1856 0.0164  -0.0331 0.0010  124 SER A C   
668  O O   . SER A 42 ? 0.1638 0.1780 0.2224 0.0306  -0.0099 0.0086  124 SER A O   
669  C CB  . SER A 42 ? 0.1744 0.1630 0.1740 -0.0048 -0.0499 -0.0071 124 SER A CB  
670  O OG  . SER A 42 ? 0.1754 0.1771 0.1906 -0.0132 -0.0473 -0.0036 124 SER A OG  
676  N N   . LEU A 43 ? 0.1326 0.1591 0.1679 0.0149  -0.0495 0.0024  125 LEU A N   
677  C CA  . LEU A 43 ? 0.1546 0.1668 0.1702 0.0076  -0.0575 0.0109  125 LEU A CA  
678  C C   . LEU A 43 ? 0.1676 0.1770 0.1852 -0.0108 -0.0644 0.0218  125 LEU A C   
679  O O   . LEU A 43 ? 0.2005 0.1816 0.2397 -0.0092 -0.0825 0.0142  125 LEU A O   
680  C CB  . LEU A 43 ? 0.1771 0.1928 0.1746 0.0071  -0.0527 0.0149  125 LEU A CB  
681  C CG  . LEU A 43 ? 0.2202 0.2347 0.1752 0.0123  -0.0667 -0.0010 125 LEU A CG  
682  C CD1 . LEU A 43 ? 0.2415 0.2762 0.1933 0.0377  -0.0656 -0.0010 125 LEU A CD1 
683  C CD2 . LEU A 43 ? 0.2156 0.2564 0.1881 0.0145  -0.0685 -0.0050 125 LEU A CD2 
695  N N   . THR A 44 ? 0.1550 0.1833 0.2052 -0.0158 -0.0610 0.0161  126 THR A N   
696  C CA  . THR A 44 ? 0.1737 0.1859 0.2192 -0.0167 -0.0590 0.0099  126 THR A CA  
697  C C   . THR A 44 ? 0.2328 0.1930 0.2410 -0.0239 -0.0360 -0.0016 126 THR A C   
698  O O   . THR A 44 ? 0.3052 0.2022 0.2759 -0.0524 -0.0126 -0.0170 126 THR A O   
699  C CB  . THR A 44 ? 0.1738 0.1959 0.2087 -0.0041 -0.0820 -0.0136 126 THR A CB  
700  O OG1 . THR A 44 ? 0.1636 0.2096 0.2188 -0.0034 -0.0536 -0.0221 126 THR A OG1 
701  C CG2 . THR A 44 ? 0.1870 0.2119 0.2234 -0.0042 -0.1098 -0.0173 126 THR A CG2 
709  N N   . THR A 45 ? 0.2315 0.2043 0.2368 -0.0175 -0.0283 -0.0237 127 THR A N   
710  C CA  . THR A 45 ? 0.2501 0.2053 0.2422 0.0079  -0.0277 -0.0359 127 THR A CA  
711  C C   . THR A 45 ? 0.2490 0.1832 0.2407 0.0032  -0.0265 -0.0364 127 THR A C   
712  O O   . THR A 45 ? 0.2416 0.2359 0.2646 0.0144  -0.0320 -0.0532 127 THR A O   
713  C CB  . THR A 45 ? 0.2730 0.2164 0.2301 0.0121  -0.0401 -0.0568 127 THR A CB  
714  O OG1 . THR A 45 ? 0.2746 0.2259 0.2105 0.0118  -0.0506 -0.0555 127 THR A OG1 
715  C CG2 . THR A 45 ? 0.2766 0.2353 0.2532 0.0017  -0.0311 -0.0613 127 THR A CG2 
723  N N   . GLY A 46 ? 0.2328 0.2012 0.2107 0.0204  -0.0167 -0.0194 128 GLY A N   
724  C CA  . GLY A 46 ? 0.2309 0.1906 0.2355 0.0447  -0.0148 -0.0027 128 GLY A CA  
725  C C   . GLY A 46 ? 0.2469 0.2192 0.2511 0.0627  0.0095  0.0061  128 GLY A C   
726  O O   . GLY A 46 ? 0.2537 0.2662 0.3199 0.0731  0.0223  0.0659  128 GLY A O   
730  N N   . GLU A 47 ? 0.2589 0.1855 0.2274 0.0425  0.0056  -0.0060 129 GLU A N   
731  C CA  . GLU A 47 ? 0.2663 0.1934 0.2149 0.0323  -0.0038 -0.0020 129 GLU A CA  
732  C C   . GLU A 47 ? 0.2310 0.1861 0.2047 0.0359  0.0039  0.0115  129 GLU A C   
733  O O   . GLU A 47 ? 0.2123 0.2057 0.2123 0.0227  0.0064  -0.0180 129 GLU A O   
734  C CB  . GLU A 47 ? 0.3024 0.2166 0.2080 0.0310  -0.0139 -0.0205 129 GLU A CB  
735  C CG  . GLU A 47 ? 0.3276 0.2382 0.2408 0.0120  -0.0254 -0.0244 129 GLU A CG  
736  C CD  . GLU A 47 ? 0.3536 0.3406 0.2981 0.0390  -0.0470 -0.0523 129 GLU A CD  
737  O OE1 . GLU A 47 ? 0.3791 0.3668 0.3288 0.0657  -0.0697 -0.0495 129 GLU A OE1 
738  O OE2 . GLU A 47 ? 0.3842 0.3776 0.3398 0.0458  -0.0575 -0.0881 129 GLU A OE2 
745  N N   . THR A 48 ? 0.2107 0.1950 0.1960 0.0587  0.0072  0.0116  130 THR A N   
746  C CA  . THR A 48 ? 0.1775 0.2119 0.1958 0.0578  -0.0058 0.0180  130 THR A CA  
747  C C   . THR A 48 ? 0.1593 0.1979 0.1749 0.0448  -0.0093 0.0087  130 THR A C   
748  O O   . THR A 48 ? 0.1856 0.2141 0.1859 0.0538  0.0065  -0.0014 130 THR A O   
749  C CB  . THR A 48 ? 0.1720 0.2558 0.2382 0.0675  -0.0227 0.0313  130 THR A CB  
750  O OG1 . THR A 48 ? 0.2077 0.3154 0.2785 0.0679  -0.0508 0.0694  130 THR A OG1 
751  C CG2 . THR A 48 ? 0.1497 0.2841 0.2855 0.0569  -0.0390 0.0207  130 THR A CG2 
759  N N   . GLY A 49 ? 0.1297 0.2003 0.1583 0.0395  -0.0262 -0.0017 131 GLY A N   
760  C CA  . GLY A 49 ? 0.1130 0.1822 0.1585 0.0253  -0.0320 -0.0124 131 GLY A CA  
761  C C   . GLY A 49 ? 0.0965 0.1835 0.1347 0.0189  -0.0376 -0.0104 131 GLY A C   
762  O O   . GLY A 49 ? 0.1188 0.1797 0.1312 0.0181  -0.0438 -0.0138 131 GLY A O   
766  N N   . TYR A 50 ? 0.1063 0.1829 0.1277 0.0083  -0.0510 -0.0066 132 TYR A N   
767  C CA  . TYR A 50 ? 0.1063 0.1756 0.1355 0.0042  -0.0582 -0.0073 132 TYR A CA  
768  C C   . TYR A 50 ? 0.1022 0.1610 0.1359 0.0055  -0.0584 -0.0075 132 TYR A C   
769  O O   . TYR A 50 ? 0.0948 0.1762 0.1491 0.0093  -0.0606 -0.0222 132 TYR A O   
770  C CB  . TYR A 50 ? 0.1259 0.1852 0.1440 -0.0054 -0.0522 -0.0029 132 TYR A CB  
771  C CG  . TYR A 50 ? 0.1401 0.2150 0.1647 -0.0173 -0.0554 0.0125  132 TYR A CG  
772  C CD1 . TYR A 50 ? 0.1386 0.2196 0.1710 -0.0154 -0.0715 0.0109  132 TYR A CD1 
773  C CD2 . TYR A 50 ? 0.1559 0.2689 0.1913 -0.0229 -0.0333 -0.0050 132 TYR A CD2 
774  C CE1 . TYR A 50 ? 0.1492 0.2464 0.2178 -0.0407 -0.0673 0.0110  132 TYR A CE1 
775  C CE2 . TYR A 50 ? 0.1654 0.2948 0.2306 -0.0427 -0.0275 -0.0126 132 TYR A CE2 
776  C CZ  . TYR A 50 ? 0.1485 0.2727 0.2401 -0.0407 -0.0508 0.0032  132 TYR A CZ  
777  O OH  . TYR A 50 ? 0.1495 0.2913 0.2954 -0.0554 -0.0465 0.0025  132 TYR A OH  
787  N N   . ILE A 51 ? 0.1024 0.1622 0.1378 0.0078  -0.0591 -0.0093 133 ILE A N   
788  C CA  . ILE A 51 ? 0.1030 0.1528 0.1516 0.0156  -0.0597 0.0047  133 ILE A CA  
789  C C   . ILE A 51 ? 0.0992 0.1513 0.1482 0.0058  -0.0610 0.0028  133 ILE A C   
790  O O   . ILE A 51 ? 0.1073 0.1497 0.1534 0.0028  -0.0584 -0.0052 133 ILE A O   
791  C CB  . ILE A 51 ? 0.1097 0.1473 0.1661 0.0119  -0.0493 0.0062  133 ILE A CB  
792  C CG1 . ILE A 51 ? 0.1226 0.1662 0.1672 0.0176  -0.0492 0.0127  133 ILE A CG1 
793  C CG2 . ILE A 51 ? 0.1275 0.1495 0.1823 0.0036  -0.0473 0.0040  133 ILE A CG2 
794  C CD1 . ILE A 51 ? 0.1301 0.2287 0.1887 0.0317  -0.0371 0.0216  133 ILE A CD1 
806  N N   . PRO A 52 ? 0.0911 0.1487 0.1540 0.0041  -0.0543 0.0112  134 PRO A N   
807  C CA  . PRO A 52 ? 0.1072 0.1500 0.1621 0.0042  -0.0522 0.0171  134 PRO A CA  
808  C C   . PRO A 52 ? 0.1020 0.1427 0.1680 0.0112  -0.0520 0.0045  134 PRO A C   
809  O O   . PRO A 52 ? 0.1141 0.1529 0.1695 0.0020  -0.0430 0.0052  134 PRO A O   
810  C CB  . PRO A 52 ? 0.1117 0.1733 0.1632 0.0085  -0.0562 0.0170  134 PRO A CB  
811  C CG  . PRO A 52 ? 0.0975 0.1780 0.1618 0.0117  -0.0626 0.0060  134 PRO A CG  
812  C CD  . PRO A 52 ? 0.0977 0.1587 0.1687 0.0035  -0.0644 0.0057  134 PRO A CD  
820  N N   . SER A 53 ? 0.1074 0.1526 0.1712 0.0032  -0.0515 0.0020  135 SER A N   
821  C CA  . SER A 53 ? 0.1153 0.1659 0.1670 0.0065  -0.0494 -0.0003 135 SER A CA  
822  C C   . SER A 53 ? 0.1147 0.1634 0.1690 0.0108  -0.0505 -0.0073 135 SER A C   
823  O O   . SER A 53 ? 0.1345 0.1908 0.1659 0.0121  -0.0471 -0.0085 135 SER A O   
824  C CB  . SER A 53 ? 0.1358 0.2052 0.1846 -0.0086 -0.0452 -0.0186 135 SER A CB  
825  O OG  . SER A 53 ? 0.1512 0.1927 0.2142 -0.0208 -0.0356 -0.0265 135 SER A OG  
831  N N   . ASN A 54 ? 0.1099 0.1444 0.1707 0.0112  -0.0505 -0.0033 136 ASN A N   
832  C CA  . ASN A 54 ? 0.1148 0.1470 0.1686 0.0244  -0.0475 -0.0169 136 ASN A CA  
833  C C   . ASN A 54 ? 0.1063 0.1572 0.1768 0.0244  -0.0487 -0.0093 136 ASN A C   
834  O O   . ASN A 54 ? 0.1103 0.1718 0.2045 0.0212  -0.0434 -0.0176 136 ASN A O   
835  C CB  . ASN A 54 ? 0.1219 0.1456 0.1873 0.0215  -0.0473 -0.0030 136 ASN A CB  
836  C CG  . ASN A 54 ? 0.1172 0.1544 0.1921 0.0107  -0.0496 0.0057  136 ASN A CG  
837  O OD1 . ASN A 54 ? 0.1157 0.1622 0.1768 0.0095  -0.0497 0.0109  136 ASN A OD1 
838  N ND2 . ASN A 54 ? 0.1303 0.1911 0.2132 0.0347  -0.0530 0.0095  136 ASN A ND2 
845  N N   . TYR A 55 ? 0.0910 0.1573 0.1694 0.0210  -0.0504 0.0017  137 TYR A N   
846  C CA  . TYR A 55 ? 0.1005 0.1608 0.1531 0.0099  -0.0501 -0.0061 137 TYR A CA  
847  C C   . TYR A 55 ? 0.1140 0.1434 0.1450 0.0103  -0.0452 -0.0081 137 TYR A C   
848  O O   . TYR A 55 ? 0.1288 0.1600 0.1512 -0.0039 -0.0408 -0.0051 137 TYR A O   
849  C CB  . TYR A 55 ? 0.1037 0.1640 0.1528 0.0122  -0.0497 -0.0011 137 TYR A CB  
850  C CG  . TYR A 55 ? 0.1029 0.1629 0.1577 0.0108  -0.0463 0.0029  137 TYR A CG  
851  C CD1 . TYR A 55 ? 0.1124 0.1733 0.1531 0.0023  -0.0473 0.0074  137 TYR A CD1 
852  C CD2 . TYR A 55 ? 0.1061 0.1714 0.1621 0.0156  -0.0556 0.0005  137 TYR A CD2 
853  C CE1 . TYR A 55 ? 0.1173 0.1664 0.1678 0.0070  -0.0536 0.0065  137 TYR A CE1 
854  C CE2 . TYR A 55 ? 0.1195 0.1851 0.1531 0.0102  -0.0550 -0.0009 137 TYR A CE2 
855  C CZ  . TYR A 55 ? 0.1210 0.1833 0.1536 0.0040  -0.0548 0.0035  137 TYR A CZ  
856  O OH  . TYR A 55 ? 0.1338 0.2106 0.1726 0.0149  -0.0714 0.0062  137 TYR A OH  
866  N N   . VAL A 56 ? 0.1258 0.1543 0.1615 0.0068  -0.0605 -0.0001 138 VAL A N   
867  C CA  . VAL A 56 ? 0.1365 0.1606 0.1586 0.0129  -0.0630 -0.0034 138 VAL A CA  
868  C C   . VAL A 56 ? 0.1682 0.1774 0.1650 0.0120  -0.0678 -0.0107 138 VAL A C   
869  O O   . VAL A 56 ? 0.1921 0.1792 0.1795 0.0125  -0.0748 -0.0113 138 VAL A O   
870  C CB  . VAL A 56 ? 0.1280 0.1732 0.1727 0.0119  -0.0566 -0.0023 138 VAL A CB  
871  C CG1 . VAL A 56 ? 0.1268 0.2062 0.1837 0.0142  -0.0463 -0.0170 138 VAL A CG1 
872  C CG2 . VAL A 56 ? 0.1292 0.1943 0.1891 0.0111  -0.0571 -0.0021 138 VAL A CG2 
882  N N   . ALA A 57 ? 0.1743 0.1903 0.1598 0.0274  -0.0604 -0.0209 139 ALA A N   
883  C CA  . ALA A 57 ? 0.1915 0.2032 0.1638 0.0526  -0.0627 -0.0315 139 ALA A CA  
884  C C   . ALA A 57 ? 0.1870 0.2118 0.1541 0.0481  -0.0622 -0.0281 139 ALA A C   
885  O O   . ALA A 57 ? 0.1594 0.2040 0.1390 0.0412  -0.0481 -0.0199 139 ALA A O   
886  C CB  . ALA A 57 ? 0.1976 0.2626 0.1830 0.0724  -0.0561 -0.0457 139 ALA A CB  
892  N N   . PRO A 58 ? 0.2302 0.2248 0.1717 0.0663  -0.0772 -0.0455 140 PRO A N   
893  C CA  . PRO A 58 ? 0.2309 0.2531 0.1676 0.0777  -0.0811 -0.0595 140 PRO A CA  
894  C C   . PRO A 58 ? 0.2248 0.3135 0.1766 0.0879  -0.0444 -0.0361 140 PRO A C   
895  O O   . PRO A 58 ? 0.2401 0.3704 0.2473 0.1248  -0.0169 -0.0344 140 PRO A O   
896  C CB  . PRO A 58 ? 0.2613 0.2839 0.1948 0.0508  -0.1065 -0.0653 140 PRO A CB  
897  C CG  . PRO A 58 ? 0.3001 0.2700 0.2203 0.0481  -0.1008 -0.0661 140 PRO A CG  
898  C CD  . PRO A 58 ? 0.2818 0.2395 0.2248 0.0491  -0.0952 -0.0651 140 PRO A CD  
906  N N   . VAL A 59 ? 0.2372 0.3400 0.1761 0.0701  -0.0433 0.0058  141 VAL A N   
907  C CA  . VAL A 59 ? 0.3015 0.3956 0.2120 0.0484  -0.0412 0.0375  141 VAL A CA  
908  C C   . VAL A 59 ? 0.3702 0.4964 0.2115 0.0350  -0.0456 0.0243  141 VAL A C   
909  O O   . VAL A 59 ? 0.4570 0.6219 0.2291 0.0617  -0.1112 -0.0544 141 VAL A O   
910  C CB  . VAL A 59 ? 0.3435 0.3745 0.2503 -0.0143 -0.0332 0.0345  141 VAL A CB  
911  C CG1 . VAL A 59 ? 0.3812 0.3904 0.3086 -0.0361 -0.0330 0.0502  141 VAL A CG1 
912  C CG2 . VAL A 59 ? 0.3488 0.3771 0.2708 -0.0464 -0.0345 0.0078  141 VAL A CG2 
922  N N   . VAL B 1  ? 0.2833 0.3854 0.3778 0.0519  0.0057  0.0944  1   VAL B N   
923  C CA  . VAL B 1  ? 0.2052 0.3328 0.3831 0.0380  -0.0442 0.0849  1   VAL B CA  
924  C C   . VAL B 1  ? 0.1794 0.3010 0.3140 0.0203  -0.0263 0.0638  1   VAL B C   
925  O O   . VAL B 1  ? 0.2143 0.3096 0.2859 0.0193  -0.0453 0.0505  1   VAL B O   
926  C CB  . VAL B 1  ? 0.2095 0.3415 0.3904 0.0354  -0.0463 0.0836  1   VAL B CB  
927  C CG1 . VAL B 1  ? 0.2566 0.3506 0.4259 0.0371  -0.0583 0.0773  1   VAL B CG1 
928  C CG2 . VAL B 1  ? 0.1810 0.3390 0.4235 0.0389  -0.0357 0.1038  1   VAL B CG2 
940  N N   . SER B 2  ? 0.1867 0.2633 0.3072 0.0190  -0.0315 0.0558  2   SER B N   
941  C CA  . SER B 2  ? 0.1878 0.2754 0.2729 0.0129  -0.0247 0.0539  2   SER B CA  
942  C C   . SER B 2  ? 0.2004 0.2522 0.2483 0.0064  -0.0199 0.0325  2   SER B C   
943  O O   . SER B 2  ? 0.2082 0.2503 0.2450 0.0133  -0.0267 0.0337  2   SER B O   
944  C CB  . SER B 2  ? 0.1897 0.3267 0.3038 -0.0064 -0.0287 0.0548  2   SER B CB  
945  O OG  . SER B 2  ? 0.2704 0.3342 0.3191 -0.0027 -0.0221 0.0130  2   SER B OG  
951  N N   . LEU B 3  ? 0.2005 0.2408 0.2321 0.0101  -0.0057 0.0151  3   LEU B N   
952  C CA  . LEU B 3  ? 0.2101 0.2370 0.2311 -0.0007 -0.0186 0.0091  3   LEU B CA  
953  C C   . LEU B 3  ? 0.1778 0.2175 0.2166 -0.0090 -0.0376 0.0030  3   LEU B C   
954  O O   . LEU B 3  ? 0.1674 0.2532 0.2024 -0.0008 -0.0445 -0.0029 3   LEU B O   
955  C CB  . LEU B 3  ? 0.2551 0.2377 0.2427 0.0033  -0.0077 0.0075  3   LEU B CB  
956  C CG  . LEU B 3  ? 0.2717 0.2675 0.2544 0.0203  0.0083  -0.0044 3   LEU B CG  
957  C CD1 . LEU B 3  ? 0.3008 0.2734 0.2682 0.0352  0.0161  -0.0037 3   LEU B CD1 
958  C CD2 . LEU B 3  ? 0.2858 0.3067 0.2628 0.0246  -0.0016 -0.0222 3   LEU B CD2 
970  N N   . ALA B 4  ? 0.1590 0.2051 0.2105 -0.0024 -0.0352 0.0064  4   ALA B N   
971  C CA  . ALA B 4  ? 0.1451 0.1963 0.2038 -0.0073 -0.0399 0.0137  4   ALA B CA  
972  C C   . ALA B 4  ? 0.1394 0.1897 0.2133 -0.0099 -0.0409 0.0216  4   ALA B C   
973  O O   . ALA B 4  ? 0.1349 0.1947 0.2424 -0.0059 -0.0322 0.0228  4   ALA B O   
974  C CB  . ALA B 4  ? 0.1345 0.2191 0.2158 -0.0077 -0.0383 0.0052  4   ALA B CB  
980  N N   . ARG B 5  ? 0.1381 0.2063 0.2183 -0.0019 -0.0395 0.0288  5   ARG B N   
981  C CA  . ARG B 5  ? 0.1475 0.1984 0.2595 -0.0099 -0.0515 0.0382  5   ARG B CA  
982  C C   . ARG B 5  ? 0.1482 0.2001 0.2512 -0.0081 -0.0523 0.0475  5   ARG B C   
983  O O   . ARG B 5  ? 0.1590 0.2020 0.2649 -0.0029 -0.0556 0.0539  5   ARG B O   
984  C CB  . ARG B 5  ? 0.1583 0.2128 0.3182 -0.0239 -0.0618 0.0304  5   ARG B CB  
985  C CG  . ARG B 5  ? 0.1793 0.2674 0.3661 -0.0360 -0.0772 0.0095  5   ARG B CG  
986  C CD  . ARG B 5  ? 0.2369 0.3034 0.4344 -0.0600 -0.0829 0.0261  5   ARG B CD  
987  N NE  . ARG B 5  ? 0.3247 0.3255 0.4990 -0.0312 -0.0782 0.0290  5   ARG B NE  
988  C CZ  . ARG B 5  ? 0.3498 0.3769 0.5115 0.0030  -0.0615 0.0442  5   ARG B CZ  
989  N NH1 . ARG B 5  ? 0.2909 0.3598 0.4955 0.0183  -0.0589 0.0510  5   ARG B NH1 
990  N NH2 . ARG B 5  ? 0.4094 0.4011 0.5730 0.0323  -0.0524 0.0500  5   ARG B NH2 
1004 N N   . ARG B 6  ? 0.1140 0.2057 0.2477 0.0135  -0.0436 0.0440  6   ARG B N   
1005 C CA  . ARG B 6  ? 0.1274 0.2078 0.2380 0.0065  -0.0482 0.0385  6   ARG B CA  
1006 C C   . ARG B 6  ? 0.1194 0.2073 0.2243 0.0043  -0.0491 0.0401  6   ARG B C   
1007 O O   . ARG B 6  ? 0.1241 0.2067 0.2191 -0.0021 -0.0554 0.0372  6   ARG B O   
1008 C CB  . ARG B 6  ? 0.1575 0.2125 0.2364 -0.0005 -0.0487 0.0381  6   ARG B CB  
1009 C CG  . ARG B 6  ? 0.1866 0.2221 0.2180 -0.0058 -0.0341 0.0343  6   ARG B CG  
1010 C CD  . ARG B 6  ? 0.2068 0.2309 0.2259 -0.0185 -0.0365 0.0327  6   ARG B CD  
1011 N NE  . ARG B 6  ? 0.2111 0.2175 0.2136 -0.0106 -0.0386 0.0230  6   ARG B NE  
1012 C CZ  . ARG B 6  ? 0.2454 0.2087 0.1960 -0.0199 -0.0488 0.0056  6   ARG B CZ  
1013 N NH1 . ARG B 6  ? 0.2650 0.2250 0.2226 -0.0277 -0.0860 0.0208  6   ARG B NH1 
1014 N NH2 . ARG B 6  ? 0.2289 0.2249 0.1908 -0.0286 -0.0290 0.0117  6   ARG B NH2 
1028 N N   . PRO B 7  ? 0.1248 0.2076 0.2188 0.0095  -0.0413 0.0560  7   PRO B N   
1029 C CA  . PRO B 7  ? 0.1235 0.1960 0.2072 0.0061  -0.0483 0.0464  7   PRO B CA  
1030 C C   . PRO B 7  ? 0.1291 0.1878 0.2176 0.0034  -0.0665 0.0544  7   PRO B C   
1031 O O   . PRO B 7  ? 0.1441 0.1963 0.2300 0.0009  -0.0685 0.0500  7   PRO B O   
1032 C CB  . PRO B 7  ? 0.1349 0.2078 0.2212 0.0084  -0.0506 0.0637  7   PRO B CB  
1033 C CG  . PRO B 7  ? 0.1553 0.2573 0.2222 0.0268  -0.0373 0.0528  7   PRO B CG  
1034 C CD  . PRO B 7  ? 0.1401 0.2532 0.2219 0.0132  -0.0310 0.0555  7   PRO B CD  
1042 N N   . LEU B 8  ? 0.1279 0.1827 0.2163 -0.0062 -0.0655 0.0574  8   LEU B N   
1043 C CA  . LEU B 8  ? 0.1265 0.1832 0.2194 -0.0083 -0.0724 0.0641  8   LEU B CA  
1044 C C   . LEU B 8  ? 0.1219 0.1963 0.2270 0.0001  -0.0744 0.0637  8   LEU B C   
1045 O O   . LEU B 8  ? 0.1400 0.2138 0.2562 -0.0134 -0.0857 0.0824  8   LEU B O   
1046 C CB  . LEU B 8  ? 0.1245 0.1941 0.2269 -0.0147 -0.0711 0.0640  8   LEU B CB  
1047 C CG  . LEU B 8  ? 0.1206 0.1880 0.2238 -0.0140 -0.0643 0.0477  8   LEU B CG  
1048 C CD1 . LEU B 8  ? 0.1424 0.1868 0.2316 -0.0130 -0.0680 0.0304  8   LEU B CD1 
1049 C CD2 . LEU B 8  ? 0.1247 0.1913 0.2226 -0.0019 -0.0775 0.0446  8   LEU B CD2 
1061 N N   . PRO B 9  ? 0.1208 0.1946 0.1979 -0.0023 -0.0660 0.0620  9   PRO B N   
1062 C CA  . PRO B 9  ? 0.1195 0.2106 0.1864 0.0010  -0.0607 0.0459  9   PRO B CA  
1063 C C   . PRO B 9  ? 0.1349 0.2003 0.1925 0.0055  -0.0592 0.0473  9   PRO B C   
1064 O O   . PRO B 9  ? 0.1437 0.2400 0.1895 0.0018  -0.0600 0.0425  9   PRO B O   
1065 C CB  . PRO B 9  ? 0.1337 0.2108 0.1969 -0.0030 -0.0647 0.0399  9   PRO B CB  
1066 C CG  . PRO B 9  ? 0.1396 0.1951 0.2326 0.0000  -0.0745 0.0396  9   PRO B CG  
1067 C CD  . PRO B 9  ? 0.1190 0.1800 0.2177 0.0001  -0.0653 0.0545  9   PRO B CD  
1075 N N   A PRO B 10 ? 0.1469 0.2180 0.2095 0.0359  -0.0470 0.0523  10  PRO B N   
1076 N N   B PRO B 10 ? 0.1359 0.2216 0.1713 -0.0024 -0.0633 0.0370  10  PRO B N   
1077 C CA  A PRO B 10 ? 0.1548 0.2291 0.2320 0.0581  -0.0432 0.0543  10  PRO B CA  
1078 C CA  B PRO B 10 ? 0.1390 0.2262 0.2005 0.0207  -0.0669 0.0437  10  PRO B CA  
1079 C C   A PRO B 10 ? 0.1494 0.2417 0.2257 0.0542  -0.0385 0.0512  10  PRO B C   
1080 C C   B PRO B 10 ? 0.1312 0.2281 0.2045 0.0254  -0.0583 0.0395  10  PRO B C   
1081 O O   A PRO B 10 ? 0.1641 0.2424 0.2153 0.0563  -0.0283 0.0505  10  PRO B O   
1082 O O   B PRO B 10 ? 0.1142 0.2171 0.1993 0.0012  -0.0656 0.0296  10  PRO B O   
1083 C CB  A PRO B 10 ? 0.1626 0.2466 0.2402 0.0663  -0.0386 0.0598  10  PRO B CB  
1084 C CB  B PRO B 10 ? 0.1381 0.2424 0.2021 0.0202  -0.0682 0.0496  10  PRO B CB  
1085 C CG  A PRO B 10 ? 0.1782 0.2475 0.2374 0.0599  -0.0358 0.0529  10  PRO B CG  
1086 C CG  B PRO B 10 ? 0.1342 0.2461 0.1894 -0.0019 -0.0775 0.0413  10  PRO B CG  
1087 C CD  A PRO B 10 ? 0.1671 0.2311 0.2116 0.0472  -0.0324 0.0488  10  PRO B CD  
1088 C CD  B PRO B 10 ? 0.1306 0.2372 0.1747 -0.0100 -0.0749 0.0263  10  PRO B CD  
1103 N N   . LEU B 11 ? 0.1575 0.2407 0.2241 0.0593  -0.0469 0.0414  11  LEU B N   
1104 C CA  . LEU B 11 ? 0.1613 0.2911 0.2078 0.0726  -0.0338 0.0566  11  LEU B CA  
1105 C C   . LEU B 11 ? 0.1451 0.3095 0.2221 0.0621  -0.0450 0.0630  11  LEU B C   
1106 O O   . LEU B 11 ? 0.1616 0.3441 0.2571 0.0378  -0.0636 0.0978  11  LEU B O   
1107 C CB  . LEU B 11 ? 0.1767 0.3367 0.2267 0.0968  -0.0245 0.0443  11  LEU B CB  
1108 C CG  . LEU B 11 ? 0.2086 0.3297 0.2414 0.0975  -0.0128 0.0290  11  LEU B CG  
1109 C CD1 . LEU B 11 ? 0.2361 0.3843 0.2541 0.0949  -0.0112 0.0030  11  LEU B CD1 
1110 C CD2 . LEU B 11 ? 0.2044 0.3194 0.2346 0.0775  -0.0119 0.0539  11  LEU B CD2 
1123 N N   . PRO B 12 ? 0.1400 0.3259 0.2251 0.0510  -0.0424 0.0509  12  PRO B N   
1124 C CA  . PRO B 12 ? 0.1748 0.3303 0.2459 0.0359  -0.0631 0.0418  12  PRO B CA  
1125 C C   . PRO B 12 ? 0.1701 0.3463 0.2658 0.0177  -0.0666 0.0309  12  PRO B C   
1126 O O   . PRO B 12 ? 0.1579 0.3298 0.2568 0.0301  -0.0470 0.0448  12  PRO B O   
1127 C CB  . PRO B 12 ? 0.1966 0.3276 0.2675 0.0261  -0.0561 0.0295  12  PRO B CB  
1128 C CG  . PRO B 12 ? 0.2200 0.3261 0.2414 0.0255  -0.0552 0.0326  12  PRO B CG  
1129 C CD  . PRO B 12 ? 0.1690 0.2888 0.2155 0.0605  -0.0323 0.0401  12  PRO B CD  
1130 O OXT . PRO B 12 ? 0.2607 0.3740 0.3357 -0.0096 -0.1434 0.0385  12  PRO B OXT 
# 
